data_1RXO
#
_entry.id   1RXO
#
_cell.length_a   157.600
_cell.length_b   158.500
_cell.length_c   202.600
_cell.angle_alpha   90.00
_cell.angle_beta   90.00
_cell.angle_gamma   90.00
#
_symmetry.space_group_name_H-M   'C 2 2 21'
#
loop_
_entity.id
_entity.type
_entity.pdbx_description
1 polymer 'RIBULOSE BISPHOSPHATE CARBOXYLASE/OXYGENASE'
2 polymer 'RIBULOSE BISPHOSPHATE CARBOXYLASE/OXYGENASE'
3 non-polymer RIBULOSE-1,5-DIPHOSPHATE
4 non-polymer 'CALCIUM ION'
5 water water
#
loop_
_entity_poly.entity_id
_entity_poly.type
_entity_poly.pdbx_seq_one_letter_code
_entity_poly.pdbx_strand_id
1 'polypeptide(L)'
;MSPQTETKASVGFKAGVKDYKLTYYTPEYETLDTDILAAFRVSPQPGVPPEEAGAAVAAESSTGTWTTVWTDGLTNLDRY
KGRCYHIEPVAGEENQYICYVAYPLDLFEEGSVTNMFTSIVGNVFGFKALRALRLEDLRIPVAYVKTFQGPPHGIQVERD
KLNKYGRPLLGCTIKPKLGLSAKNYGRAVYECLRGGLDFT(KCX)DDENVNSQPFMRWRDRFLFCAEALYKAQAETGEIK
GHYLNATAGTCEDMMKRAVFARELGVPIVMHDYLTGGFTANTTLSHYCRDNGLLLHIHRAMHAVIDRQKNHGMHFRVLAK
ALRLSGGDHIHSGTVVGKLEGERDITLGFVDLLRDDYTEKDRSRGIYFTQSWVSTPGVLPVASGGIHVWHMPALTEIFGD
DSVLQFGGGTLGHPWGNAPGAVANRVALEACVQARNEGRDLAREGNTIIREATKWSPELAAACEVWKEIKFEFPAMDTV
;
L,B,E,H
2 'polypeptide(L)'
;MQVWPILNLKKYETLSYLPPLTTDQLARQVDYLLNNKWVPCLEFETDHGFVYREHHNSPGYYDGRYWTMWKLPMFGCTDP
AQVLNELEECKKEYPNAFIRIIGFDSNREVQCISFIAYKPAGY
;
S,C,F,I
#
loop_
_chem_comp.id
_chem_comp.type
_chem_comp.name
_chem_comp.formula
CA non-polymer 'CALCIUM ION' 'Ca 2'
RUB saccharide RIBULOSE-1,5-DIPHOSPHATE 'C5 H12 O11 P2'
#
# COMPACT_ATOMS: atom_id res chain seq x y z
N ALA A 9 -34.07 -30.84 39.05
CA ALA A 9 -33.94 -29.55 39.82
C ALA A 9 -34.29 -29.86 41.26
N SER A 10 -34.18 -28.84 42.12
CA SER A 10 -34.49 -28.92 43.56
C SER A 10 -34.16 -30.24 44.26
N VAL A 11 -34.35 -30.26 45.57
CA VAL A 11 -34.09 -31.50 46.29
C VAL A 11 -34.81 -31.77 47.66
N GLY A 12 -34.19 -32.69 48.37
CA GLY A 12 -34.53 -33.21 49.69
C GLY A 12 -33.60 -34.39 49.40
N PHE A 13 -32.37 -34.00 49.04
CA PHE A 13 -31.33 -34.89 48.58
C PHE A 13 -31.45 -36.41 48.60
N LYS A 14 -30.73 -37.08 49.51
CA LYS A 14 -30.73 -38.55 49.52
C LYS A 14 -30.12 -39.04 48.19
N ALA A 15 -28.83 -39.36 48.26
CA ALA A 15 -28.06 -39.82 47.11
C ALA A 15 -28.59 -41.14 46.52
N GLY A 16 -28.20 -41.43 45.28
CA GLY A 16 -28.63 -42.66 44.63
C GLY A 16 -29.00 -42.51 43.16
N VAL A 17 -28.90 -43.62 42.43
CA VAL A 17 -29.18 -43.67 40.99
C VAL A 17 -30.46 -42.98 40.40
N LYS A 18 -31.64 -43.60 40.58
CA LYS A 18 -32.93 -43.08 40.06
C LYS A 18 -33.16 -43.44 38.57
N ASP A 19 -34.31 -43.06 38.00
CA ASP A 19 -34.70 -43.39 36.59
C ASP A 19 -35.12 -42.18 35.71
N TYR A 20 -34.71 -42.15 34.44
CA TYR A 20 -35.06 -41.06 33.51
C TYR A 20 -36.55 -41.08 33.19
N LYS A 21 -36.89 -41.75 32.08
CA LYS A 21 -38.25 -41.89 31.57
C LYS A 21 -39.16 -40.72 31.93
N LEU A 22 -39.80 -40.80 33.08
CA LEU A 22 -40.66 -39.73 33.51
C LEU A 22 -39.68 -38.63 33.89
N THR A 23 -39.64 -37.58 33.08
CA THR A 23 -38.80 -36.38 33.22
C THR A 23 -38.39 -35.92 31.82
N TYR A 24 -37.99 -36.87 30.98
CA TYR A 24 -37.53 -36.54 29.63
C TYR A 24 -38.44 -36.89 28.47
N TYR A 25 -39.46 -37.72 28.71
CA TYR A 25 -40.41 -38.02 27.64
C TYR A 25 -41.65 -37.17 28.00
N THR A 26 -41.86 -36.12 27.23
CA THR A 26 -42.90 -35.12 27.46
C THR A 26 -43.77 -34.99 26.22
N PRO A 27 -44.52 -36.04 25.90
CA PRO A 27 -45.38 -36.05 24.72
C PRO A 27 -46.43 -34.93 24.68
N GLU A 28 -46.62 -34.25 25.78
CA GLU A 28 -47.61 -33.19 25.83
C GLU A 28 -47.00 -31.80 25.56
N TYR A 29 -45.66 -31.76 25.52
CA TYR A 29 -44.91 -30.52 25.31
C TYR A 29 -45.25 -29.80 24.01
N GLU A 30 -45.44 -28.50 24.14
CA GLU A 30 -45.72 -27.62 23.00
C GLU A 30 -44.40 -26.89 22.81
N THR A 31 -43.77 -27.05 21.65
CA THR A 31 -42.49 -26.39 21.42
C THR A 31 -42.58 -24.85 21.35
N LEU A 32 -41.52 -24.19 21.82
CA LEU A 32 -41.43 -22.72 21.77
C LEU A 32 -40.72 -22.36 20.48
N ASP A 33 -41.02 -21.17 19.98
CA ASP A 33 -40.39 -20.68 18.76
C ASP A 33 -38.91 -20.42 18.94
N THR A 34 -38.46 -20.39 20.20
CA THR A 34 -37.07 -20.17 20.52
C THR A 34 -36.28 -21.49 20.73
N ASP A 35 -36.98 -22.62 20.78
CA ASP A 35 -36.34 -23.92 20.97
C ASP A 35 -35.58 -24.41 19.74
N ILE A 36 -34.51 -25.16 19.97
CA ILE A 36 -33.81 -25.79 18.86
C ILE A 36 -34.42 -27.20 18.92
N LEU A 37 -34.95 -27.66 17.78
CA LEU A 37 -35.59 -28.96 17.71
C LEU A 37 -34.69 -29.93 16.91
N ALA A 38 -34.61 -31.18 17.35
CA ALA A 38 -33.80 -32.18 16.65
C ALA A 38 -34.64 -33.41 16.32
N ALA A 39 -34.46 -33.95 15.12
CA ALA A 39 -35.14 -35.19 14.73
C ALA A 39 -34.03 -36.25 14.66
N PHE A 40 -34.05 -37.18 15.62
CA PHE A 40 -33.09 -38.28 15.69
C PHE A 40 -33.72 -39.58 15.21
N ARG A 41 -32.99 -40.36 14.40
CA ARG A 41 -33.46 -41.67 13.94
C ARG A 41 -32.84 -42.63 14.98
N VAL A 42 -33.67 -43.15 15.88
CA VAL A 42 -33.19 -43.99 16.97
C VAL A 42 -33.44 -45.47 16.74
N SER A 43 -32.39 -46.28 16.90
CA SER A 43 -32.42 -47.74 16.77
C SER A 43 -32.05 -48.24 18.16
N PRO A 44 -33.06 -48.51 19.01
CA PRO A 44 -32.80 -48.99 20.37
C PRO A 44 -32.28 -50.43 20.43
N GLN A 45 -31.61 -50.77 21.53
CA GLN A 45 -31.15 -52.13 21.73
C GLN A 45 -32.43 -52.92 21.94
N PRO A 46 -32.37 -54.25 21.73
CA PRO A 46 -33.54 -55.12 21.92
C PRO A 46 -33.99 -55.06 23.37
N GLY A 47 -35.28 -54.85 23.57
CA GLY A 47 -35.80 -54.79 24.93
C GLY A 47 -36.03 -53.39 25.44
N VAL A 48 -35.46 -52.39 24.78
CA VAL A 48 -35.65 -51.00 25.21
C VAL A 48 -36.88 -50.44 24.45
N PRO A 49 -37.96 -50.10 25.18
CA PRO A 49 -39.12 -49.57 24.44
C PRO A 49 -38.83 -48.17 23.92
N PRO A 50 -39.54 -47.75 22.86
CA PRO A 50 -39.36 -46.43 22.23
C PRO A 50 -39.38 -45.22 23.16
N GLU A 51 -40.35 -45.17 24.09
CA GLU A 51 -40.45 -44.04 25.01
C GLU A 51 -39.21 -43.96 25.88
N GLU A 52 -38.69 -45.13 26.22
CA GLU A 52 -37.50 -45.23 27.05
C GLU A 52 -36.27 -44.71 26.27
N ALA A 53 -36.17 -45.11 25.00
CA ALA A 53 -35.07 -44.69 24.12
C ALA A 53 -35.09 -43.17 23.88
N GLY A 54 -36.26 -42.64 23.54
CA GLY A 54 -36.43 -41.22 23.30
C GLY A 54 -36.06 -40.42 24.53
N ALA A 55 -36.49 -40.89 25.70
CA ALA A 55 -36.18 -40.22 26.94
C ALA A 55 -34.67 -40.24 27.19
N ALA A 56 -34.01 -41.33 26.81
CA ALA A 56 -32.56 -41.49 26.97
C ALA A 56 -31.80 -40.50 26.07
N VAL A 57 -32.28 -40.36 24.83
CA VAL A 57 -31.66 -39.44 23.90
C VAL A 57 -31.70 -38.00 24.43
N ALA A 58 -32.86 -37.62 24.98
CA ALA A 58 -33.06 -36.28 25.55
C ALA A 58 -32.20 -36.03 26.80
N ALA A 59 -32.22 -36.99 27.72
CA ALA A 59 -31.46 -36.92 28.97
C ALA A 59 -29.98 -36.89 28.68
N GLU A 60 -29.55 -37.81 27.82
CA GLU A 60 -28.15 -37.94 27.45
C GLU A 60 -27.55 -36.79 26.60
N SER A 61 -28.40 -35.90 26.09
CA SER A 61 -27.91 -34.77 25.32
C SER A 61 -28.23 -33.47 26.04
N SER A 62 -28.49 -33.55 27.34
CA SER A 62 -28.80 -32.40 28.17
C SER A 62 -28.43 -32.65 29.63
N THR A 63 -29.41 -32.65 30.53
CA THR A 63 -29.18 -32.79 31.98
C THR A 63 -29.16 -34.17 32.66
N GLY A 64 -29.36 -35.26 31.94
CA GLY A 64 -29.39 -36.56 32.58
C GLY A 64 -28.09 -36.97 33.24
N THR A 65 -28.14 -37.33 34.51
CA THR A 65 -26.95 -37.73 35.24
C THR A 65 -27.20 -39.20 35.63
N TRP A 66 -26.14 -39.99 35.80
CA TRP A 66 -26.29 -41.41 36.19
C TRP A 66 -26.67 -41.65 37.68
N THR A 67 -26.46 -40.64 38.52
CA THR A 67 -26.78 -40.73 39.94
C THR A 67 -27.13 -39.31 40.34
N THR A 68 -28.10 -39.17 41.24
CA THR A 68 -28.57 -37.88 41.77
C THR A 68 -27.41 -37.08 42.41
N VAL A 69 -27.35 -35.79 42.10
CA VAL A 69 -26.32 -34.91 42.63
C VAL A 69 -27.06 -33.78 43.35
N TRP A 70 -26.56 -33.36 44.50
CA TRP A 70 -27.24 -32.32 45.29
C TRP A 70 -27.35 -30.91 44.67
N THR A 71 -26.44 -30.57 43.78
CA THR A 71 -26.42 -29.25 43.15
C THR A 71 -27.62 -28.94 42.27
N ASP A 72 -28.35 -29.97 41.84
CA ASP A 72 -29.54 -29.77 41.01
C ASP A 72 -30.56 -28.90 41.74
N GLY A 73 -30.50 -28.93 43.06
CA GLY A 73 -31.40 -28.11 43.85
C GLY A 73 -31.08 -26.62 43.89
N LEU A 74 -29.94 -26.22 43.31
CA LEU A 74 -29.54 -24.81 43.27
C LEU A 74 -30.07 -24.10 42.02
N THR A 75 -30.73 -24.87 41.15
CA THR A 75 -31.31 -24.36 39.92
C THR A 75 -32.68 -24.97 39.71
N ASN A 76 -33.21 -24.65 38.54
CA ASN A 76 -34.47 -25.17 38.08
C ASN A 76 -34.06 -25.88 36.79
N LEU A 77 -33.74 -27.16 36.92
CA LEU A 77 -33.31 -27.96 35.80
C LEU A 77 -34.33 -28.16 34.69
N ASP A 78 -35.60 -27.93 34.99
CA ASP A 78 -36.64 -28.08 33.99
C ASP A 78 -36.47 -27.07 32.86
N ARG A 79 -35.94 -25.93 33.24
CA ARG A 79 -35.71 -24.81 32.34
C ARG A 79 -34.54 -25.11 31.38
N TYR A 80 -33.76 -26.12 31.71
CA TYR A 80 -32.54 -26.49 30.98
C TYR A 80 -32.53 -27.87 30.32
N LYS A 81 -33.50 -28.71 30.64
CA LYS A 81 -33.53 -30.06 30.08
C LYS A 81 -33.98 -30.17 28.63
N GLY A 82 -33.49 -31.20 27.97
CA GLY A 82 -33.90 -31.50 26.59
C GLY A 82 -35.16 -32.33 26.80
N ARG A 83 -36.13 -32.23 25.92
CA ARG A 83 -37.37 -33.00 26.09
C ARG A 83 -37.78 -33.74 24.85
N CYS A 84 -37.99 -35.05 24.99
CA CYS A 84 -38.47 -35.85 23.85
C CYS A 84 -39.99 -35.62 23.88
N TYR A 85 -40.51 -34.89 22.91
CA TYR A 85 -41.91 -34.54 22.89
C TYR A 85 -42.73 -35.31 21.85
N HIS A 86 -42.07 -36.13 21.04
CA HIS A 86 -42.78 -36.90 20.03
C HIS A 86 -41.92 -38.03 19.49
N ILE A 87 -42.57 -39.15 19.18
CA ILE A 87 -41.91 -40.34 18.67
C ILE A 87 -42.81 -40.91 17.59
N GLU A 88 -42.23 -41.39 16.50
CA GLU A 88 -43.03 -41.99 15.46
C GLU A 88 -42.25 -43.12 14.82
N PRO A 89 -42.88 -44.27 14.56
CA PRO A 89 -42.19 -45.40 13.95
C PRO A 89 -41.68 -45.13 12.55
N VAL A 90 -40.60 -45.81 12.17
CA VAL A 90 -40.03 -45.67 10.84
C VAL A 90 -40.60 -46.85 10.06
N ALA A 91 -41.17 -46.55 8.91
CA ALA A 91 -41.76 -47.60 8.09
C ALA A 91 -40.68 -48.44 7.41
N GLY A 92 -40.94 -49.73 7.38
CA GLY A 92 -40.02 -50.66 6.74
C GLY A 92 -38.74 -50.88 7.49
N GLU A 93 -38.81 -50.74 8.81
CA GLU A 93 -37.65 -50.93 9.65
C GLU A 93 -38.20 -51.43 10.93
N GLU A 94 -37.66 -52.51 11.47
CA GLU A 94 -38.20 -52.94 12.75
C GLU A 94 -37.37 -52.24 13.81
N ASN A 95 -38.01 -51.99 14.95
CA ASN A 95 -37.37 -51.32 16.06
C ASN A 95 -36.54 -50.07 15.70
N GLN A 96 -37.10 -49.18 14.88
CA GLN A 96 -36.45 -47.93 14.52
C GLN A 96 -37.49 -46.82 14.55
N TYR A 97 -37.20 -45.74 15.26
CA TYR A 97 -38.14 -44.63 15.42
C TYR A 97 -37.52 -43.25 15.19
N ILE A 98 -38.36 -42.26 14.88
CA ILE A 98 -37.90 -40.89 14.78
C ILE A 98 -38.37 -40.26 16.10
N CYS A 99 -37.43 -39.80 16.92
CA CYS A 99 -37.73 -39.12 18.20
C CYS A 99 -37.41 -37.62 18.03
N TYR A 100 -38.35 -36.76 18.42
CA TYR A 100 -38.16 -35.32 18.31
C TYR A 100 -37.76 -34.81 19.66
N VAL A 101 -36.72 -34.00 19.71
CA VAL A 101 -36.22 -33.46 20.97
C VAL A 101 -36.13 -31.92 20.90
N ALA A 102 -36.57 -31.26 21.96
CA ALA A 102 -36.52 -29.80 22.03
C ALA A 102 -35.47 -29.38 23.05
N TYR A 103 -34.64 -28.42 22.66
CA TYR A 103 -33.57 -27.86 23.50
C TYR A 103 -33.84 -26.37 23.67
N PRO A 104 -33.82 -25.88 24.89
CA PRO A 104 -34.05 -24.46 25.19
C PRO A 104 -32.93 -23.55 24.61
N LEU A 105 -33.34 -22.37 24.14
CA LEU A 105 -32.40 -21.42 23.56
C LEU A 105 -31.18 -21.17 24.42
N ASP A 106 -31.39 -21.14 25.74
CA ASP A 106 -30.33 -20.85 26.72
C ASP A 106 -29.16 -21.82 26.84
N LEU A 107 -29.27 -23.00 26.25
CA LEU A 107 -28.18 -23.98 26.32
C LEU A 107 -27.02 -23.65 25.39
N PHE A 108 -27.24 -22.76 24.42
CA PHE A 108 -26.27 -22.49 23.39
C PHE A 108 -25.50 -21.20 23.38
N GLU A 109 -24.24 -21.26 22.98
CA GLU A 109 -23.44 -20.04 22.86
C GLU A 109 -23.82 -19.38 21.53
N GLU A 110 -24.05 -18.08 21.59
CA GLU A 110 -24.44 -17.31 20.43
C GLU A 110 -23.36 -17.34 19.38
N GLY A 111 -23.75 -17.57 18.13
CA GLY A 111 -22.77 -17.55 17.04
C GLY A 111 -21.80 -18.69 16.98
N SER A 112 -21.98 -19.71 17.82
CA SER A 112 -21.06 -20.83 17.83
C SER A 112 -21.64 -22.17 17.37
N VAL A 113 -21.39 -22.53 16.12
CA VAL A 113 -21.81 -23.82 15.57
C VAL A 113 -21.05 -24.88 16.37
N THR A 114 -19.81 -24.57 16.77
CA THR A 114 -19.02 -25.50 17.57
C THR A 114 -19.80 -25.88 18.82
N ASN A 115 -20.38 -24.89 19.52
CA ASN A 115 -21.13 -25.21 20.72
C ASN A 115 -22.47 -25.88 20.43
N MET A 116 -23.08 -25.55 19.30
CA MET A 116 -24.36 -26.16 18.94
C MET A 116 -24.22 -27.69 18.76
N PHE A 117 -23.18 -28.09 18.02
CA PHE A 117 -22.89 -29.50 17.79
C PHE A 117 -22.41 -30.19 19.05
N THR A 118 -21.57 -29.55 19.85
CA THR A 118 -21.11 -30.17 21.08
C THR A 118 -22.30 -30.51 22.00
N SER A 119 -23.26 -29.59 22.10
CA SER A 119 -24.42 -29.78 22.97
C SER A 119 -25.38 -30.87 22.50
N ILE A 120 -25.68 -30.91 21.21
CA ILE A 120 -26.65 -31.87 20.74
C ILE A 120 -26.11 -33.25 20.40
N VAL A 121 -24.94 -33.24 19.80
CA VAL A 121 -24.33 -34.43 19.27
C VAL A 121 -23.04 -34.85 19.98
N GLY A 122 -22.68 -34.16 21.03
CA GLY A 122 -21.42 -34.48 21.66
C GLY A 122 -21.34 -35.71 22.52
N ASN A 123 -22.49 -36.18 23.00
CA ASN A 123 -22.50 -37.28 23.93
C ASN A 123 -23.42 -38.49 23.64
N VAL A 124 -24.63 -38.21 23.18
CA VAL A 124 -25.59 -39.28 22.94
C VAL A 124 -25.27 -40.48 22.04
N PHE A 125 -24.47 -40.28 21.01
CA PHE A 125 -24.19 -41.36 20.07
C PHE A 125 -23.51 -42.61 20.67
N GLY A 126 -22.92 -42.47 21.85
CA GLY A 126 -22.29 -43.61 22.49
C GLY A 126 -23.11 -44.32 23.58
N PHE A 127 -24.35 -43.88 23.79
CA PHE A 127 -25.23 -44.46 24.83
C PHE A 127 -25.53 -45.92 24.55
N LYS A 128 -25.16 -46.78 25.51
CA LYS A 128 -25.35 -48.22 25.37
C LYS A 128 -26.74 -48.75 25.09
N ALA A 129 -27.77 -48.05 25.54
CA ALA A 129 -29.17 -48.47 25.30
C ALA A 129 -29.56 -48.35 23.84
N LEU A 130 -28.70 -47.73 23.06
CA LEU A 130 -28.96 -47.54 21.64
C LEU A 130 -28.02 -48.41 20.83
N ARG A 131 -28.54 -48.94 19.75
CA ARG A 131 -27.76 -49.77 18.87
C ARG A 131 -27.11 -48.78 17.90
N ALA A 132 -27.87 -47.80 17.44
CA ALA A 132 -27.37 -46.82 16.48
C ALA A 132 -28.16 -45.52 16.63
N LEU A 133 -27.63 -44.41 16.14
CA LEU A 133 -28.33 -43.13 16.26
C LEU A 133 -27.90 -42.24 15.10
N ARG A 134 -28.85 -41.54 14.50
CA ARG A 134 -28.52 -40.65 13.41
C ARG A 134 -29.30 -39.35 13.58
N LEU A 135 -28.64 -38.20 13.48
CA LEU A 135 -29.34 -36.93 13.56
C LEU A 135 -29.79 -36.64 12.14
N GLU A 136 -31.09 -36.53 11.91
CA GLU A 136 -31.60 -36.26 10.55
C GLU A 136 -31.82 -34.79 10.23
N ASP A 137 -32.31 -34.02 11.21
CA ASP A 137 -32.61 -32.60 10.99
C ASP A 137 -32.63 -31.79 12.27
N LEU A 138 -32.42 -30.48 12.14
CA LEU A 138 -32.45 -29.54 13.26
C LEU A 138 -33.30 -28.34 12.86
N ARG A 139 -34.19 -27.89 13.73
CA ARG A 139 -34.95 -26.69 13.46
C ARG A 139 -34.20 -25.58 14.22
N ILE A 140 -33.52 -24.70 13.52
CA ILE A 140 -32.79 -23.61 14.17
C ILE A 140 -33.75 -22.43 14.25
N PRO A 141 -34.11 -22.02 15.48
CA PRO A 141 -35.02 -20.90 15.66
C PRO A 141 -34.41 -19.59 15.16
N VAL A 142 -35.26 -18.68 14.67
CA VAL A 142 -34.74 -17.42 14.16
C VAL A 142 -33.97 -16.57 15.17
N ALA A 143 -34.28 -16.69 16.46
CA ALA A 143 -33.52 -15.90 17.44
C ALA A 143 -32.06 -16.38 17.55
N TYR A 144 -31.82 -17.65 17.25
CA TYR A 144 -30.46 -18.18 17.27
C TYR A 144 -29.81 -17.87 15.92
N VAL A 145 -30.59 -17.97 14.85
CA VAL A 145 -30.09 -17.67 13.49
C VAL A 145 -29.52 -16.25 13.48
N LYS A 146 -30.18 -15.31 14.17
CA LYS A 146 -29.72 -13.93 14.20
C LYS A 146 -28.40 -13.70 14.91
N THR A 147 -27.89 -14.70 15.64
CA THR A 147 -26.63 -14.51 16.32
C THR A 147 -25.42 -14.85 15.40
N PHE A 148 -25.68 -15.35 14.19
CA PHE A 148 -24.62 -15.74 13.24
C PHE A 148 -24.51 -14.76 12.10
N GLN A 149 -23.33 -14.68 11.50
CA GLN A 149 -23.13 -13.80 10.34
C GLN A 149 -23.74 -14.43 9.10
N GLY A 150 -23.58 -15.74 8.97
CA GLY A 150 -24.09 -16.43 7.80
C GLY A 150 -23.06 -16.24 6.70
N PRO A 151 -23.41 -16.51 5.45
CA PRO A 151 -22.48 -16.37 4.33
C PRO A 151 -21.79 -15.00 4.25
N PRO A 152 -20.51 -14.95 3.89
CA PRO A 152 -19.86 -13.64 3.80
C PRO A 152 -20.58 -12.76 2.78
N HIS A 153 -21.07 -13.37 1.69
CA HIS A 153 -21.77 -12.65 0.63
C HIS A 153 -23.11 -13.25 0.22
N GLY A 154 -23.12 -14.52 -0.17
CA GLY A 154 -24.38 -15.14 -0.56
C GLY A 154 -24.69 -14.96 -2.03
N ILE A 155 -25.66 -15.75 -2.47
CA ILE A 155 -26.07 -15.80 -3.88
C ILE A 155 -26.25 -14.47 -4.61
N GLN A 156 -27.16 -13.64 -4.13
CA GLN A 156 -27.43 -12.36 -4.78
C GLN A 156 -26.17 -11.46 -4.92
N VAL A 157 -25.42 -11.29 -3.84
CA VAL A 157 -24.24 -10.43 -3.89
C VAL A 157 -23.16 -11.02 -4.78
N GLU A 158 -22.98 -12.33 -4.73
CA GLU A 158 -21.96 -12.97 -5.56
C GLU A 158 -22.20 -12.69 -7.04
N ARG A 159 -23.43 -12.91 -7.52
CA ARG A 159 -23.75 -12.64 -8.92
C ARG A 159 -23.51 -11.18 -9.29
N ASP A 160 -23.81 -10.28 -8.36
CA ASP A 160 -23.61 -8.86 -8.60
C ASP A 160 -22.14 -8.49 -8.66
N LYS A 161 -21.32 -9.10 -7.82
CA LYS A 161 -19.89 -8.82 -7.85
C LYS A 161 -19.28 -9.34 -9.14
N LEU A 162 -19.71 -10.53 -9.54
CA LEU A 162 -19.16 -11.18 -10.71
C LEU A 162 -19.82 -10.73 -12.00
N ASN A 163 -21.01 -10.13 -11.90
CA ASN A 163 -21.75 -9.67 -13.08
C ASN A 163 -22.16 -10.87 -13.96
N LYS A 164 -22.59 -11.95 -13.33
CA LYS A 164 -22.98 -13.17 -14.06
C LYS A 164 -24.43 -13.45 -13.75
N TYR A 165 -25.27 -13.48 -14.79
CA TYR A 165 -26.70 -13.70 -14.59
C TYR A 165 -27.32 -14.67 -15.56
N GLY A 166 -28.39 -15.31 -15.07
CA GLY A 166 -29.19 -16.23 -15.86
C GLY A 166 -28.67 -17.57 -16.30
N ARG A 167 -27.77 -18.17 -15.54
CA ARG A 167 -27.25 -19.47 -15.91
C ARG A 167 -26.39 -19.97 -14.79
N PRO A 168 -26.21 -21.28 -14.70
CA PRO A 168 -25.36 -21.83 -13.65
C PRO A 168 -23.90 -21.36 -13.92
N LEU A 169 -23.10 -21.25 -12.86
CA LEU A 169 -21.70 -20.87 -13.02
C LEU A 169 -20.95 -22.18 -13.31
N LEU A 170 -19.76 -22.08 -13.88
CA LEU A 170 -19.02 -23.27 -14.28
C LEU A 170 -17.60 -23.25 -13.75
N GLY A 171 -17.18 -24.40 -13.22
CA GLY A 171 -15.85 -24.52 -12.67
C GLY A 171 -15.17 -25.80 -13.13
N CYS A 172 -13.91 -25.94 -12.75
CA CYS A 172 -13.11 -27.11 -13.15
C CYS A 172 -12.00 -27.33 -12.12
N THR A 173 -11.91 -28.54 -11.57
CA THR A 173 -10.87 -28.86 -10.59
C THR A 173 -9.63 -29.27 -11.38
N ILE A 174 -8.50 -28.66 -11.03
CA ILE A 174 -7.25 -28.97 -11.69
C ILE A 174 -6.77 -30.34 -11.23
N LYS A 175 -6.40 -31.17 -12.19
CA LYS A 175 -5.90 -32.52 -11.93
C LYS A 175 -4.62 -32.71 -12.77
N PRO A 176 -3.69 -33.57 -12.32
CA PRO A 176 -3.77 -34.34 -11.08
C PRO A 176 -3.65 -33.38 -9.88
N LYS A 177 -4.29 -33.73 -8.77
CA LYS A 177 -4.24 -32.87 -7.58
C LYS A 177 -2.80 -32.64 -7.12
N LEU A 178 -2.02 -33.71 -7.02
CA LEU A 178 -0.64 -33.59 -6.61
C LEU A 178 0.27 -34.03 -7.73
N GLY A 179 1.44 -33.39 -7.84
CA GLY A 179 2.38 -33.78 -8.87
C GLY A 179 2.81 -32.67 -9.79
N LEU A 180 1.88 -31.78 -10.12
CA LEU A 180 2.22 -30.67 -10.99
C LEU A 180 3.01 -29.61 -10.19
N SER A 181 3.84 -28.85 -10.90
CA SER A 181 4.59 -27.81 -10.25
C SER A 181 3.64 -26.61 -10.28
N ALA A 182 3.87 -25.63 -9.41
CA ALA A 182 3.01 -24.45 -9.36
C ALA A 182 2.82 -23.82 -10.73
N LYS A 183 3.91 -23.67 -11.50
CA LYS A 183 3.78 -23.08 -12.84
C LYS A 183 2.95 -23.91 -13.83
N ASN A 184 3.17 -25.22 -13.90
CA ASN A 184 2.39 -26.05 -14.81
C ASN A 184 0.94 -26.06 -14.35
N TYR A 185 0.74 -25.98 -13.04
CA TYR A 185 -0.57 -25.92 -12.47
C TYR A 185 -1.27 -24.63 -12.99
N GLY A 186 -0.56 -23.51 -12.94
CA GLY A 186 -1.13 -22.26 -13.42
C GLY A 186 -1.40 -22.28 -14.92
N ARG A 187 -0.57 -22.97 -15.68
CA ARG A 187 -0.78 -23.08 -17.12
C ARG A 187 -2.14 -23.77 -17.37
N ALA A 188 -2.41 -24.84 -16.65
CA ALA A 188 -3.68 -25.57 -16.77
C ALA A 188 -4.85 -24.62 -16.43
N VAL A 189 -4.67 -23.81 -15.39
CA VAL A 189 -5.67 -22.85 -14.96
C VAL A 189 -5.99 -21.84 -16.08
N TYR A 190 -4.98 -21.21 -16.66
CA TYR A 190 -5.20 -20.27 -17.73
C TYR A 190 -5.91 -20.91 -18.95
N GLU A 191 -5.51 -22.11 -19.36
CA GLU A 191 -6.15 -22.77 -20.51
C GLU A 191 -7.60 -23.09 -20.22
N CYS A 192 -7.91 -23.47 -18.99
CA CYS A 192 -9.31 -23.73 -18.63
C CYS A 192 -10.19 -22.46 -18.62
N LEU A 193 -9.73 -21.43 -17.95
CA LEU A 193 -10.50 -20.19 -17.86
C LEU A 193 -10.73 -19.49 -19.19
N ARG A 194 -9.70 -19.46 -20.04
CA ARG A 194 -9.83 -18.75 -21.31
C ARG A 194 -10.88 -19.38 -22.20
N GLY A 195 -11.21 -20.65 -21.96
CA GLY A 195 -12.21 -21.33 -22.75
C GLY A 195 -13.67 -21.03 -22.36
N GLY A 196 -13.90 -20.30 -21.27
CA GLY A 196 -15.28 -20.00 -20.94
C GLY A 196 -15.78 -20.42 -19.56
N LEU A 197 -14.95 -21.13 -18.80
CA LEU A 197 -15.33 -21.51 -17.44
C LEU A 197 -15.15 -20.26 -16.59
N ASP A 198 -15.94 -20.13 -15.52
CA ASP A 198 -15.84 -18.96 -14.65
C ASP A 198 -14.78 -19.15 -13.57
N PHE A 199 -14.65 -20.38 -13.09
CA PHE A 199 -13.70 -20.67 -12.03
C PHE A 199 -12.88 -21.92 -12.26
N THR A 200 -11.73 -21.97 -11.63
CA THR A 200 -10.90 -23.17 -11.64
C THR A 200 -10.76 -23.43 -10.15
N KCX A 201 -10.27 -24.60 -9.77
CA KCX A 201 -10.23 -24.91 -8.38
CB KCX A 201 -11.57 -25.60 -8.08
CG KCX A 201 -11.64 -26.41 -6.83
CD KCX A 201 -13.01 -26.99 -6.65
CE KCX A 201 -13.03 -27.69 -5.32
NZ KCX A 201 -12.05 -28.76 -5.27
C KCX A 201 -9.08 -25.80 -7.89
O KCX A 201 -8.60 -26.66 -8.65
CX KCX A 201 -12.31 -30.02 -5.61
OQ1 KCX A 201 -13.43 -30.36 -6.04
OQ2 KCX A 201 -11.42 -30.90 -5.51
N ASP A 202 -8.64 -25.56 -6.66
CA ASP A 202 -7.62 -26.37 -5.99
C ASP A 202 -8.38 -27.60 -5.46
N ASP A 203 -7.75 -28.77 -5.53
CA ASP A 203 -8.34 -29.95 -5.00
C ASP A 203 -8.37 -29.74 -3.48
N GLU A 204 -9.25 -30.46 -2.79
CA GLU A 204 -9.34 -30.34 -1.34
C GLU A 204 -8.02 -30.68 -0.64
N ASN A 205 -7.25 -31.55 -1.28
CA ASN A 205 -5.93 -32.00 -0.76
C ASN A 205 -4.78 -31.02 -0.93
N VAL A 206 -4.92 -30.11 -1.88
CA VAL A 206 -3.89 -29.13 -2.21
C VAL A 206 -3.89 -27.97 -1.20
N ASN A 207 -2.93 -28.01 -0.31
CA ASN A 207 -2.78 -26.97 0.72
C ASN A 207 -1.36 -26.47 0.46
N SER A 208 -0.36 -27.02 1.15
CA SER A 208 1.05 -26.67 0.89
C SER A 208 1.85 -27.96 1.06
N GLN A 209 2.55 -28.39 0.01
CA GLN A 209 3.27 -29.65 0.03
C GLN A 209 4.62 -29.53 -0.61
N PRO A 210 5.49 -30.54 -0.40
CA PRO A 210 6.84 -30.47 -0.99
C PRO A 210 6.99 -30.04 -2.45
N PHE A 211 6.20 -30.58 -3.37
CA PHE A 211 6.42 -30.16 -4.74
C PHE A 211 5.70 -28.87 -5.15
N MET A 212 4.80 -28.40 -4.31
CA MET A 212 4.10 -27.18 -4.65
C MET A 212 3.71 -26.43 -3.39
N ARG A 213 4.54 -25.46 -3.00
CA ARG A 213 4.24 -24.70 -1.81
C ARG A 213 3.09 -23.73 -2.13
N TRP A 214 2.29 -23.40 -1.12
CA TRP A 214 1.10 -22.57 -1.35
C TRP A 214 1.33 -21.20 -2.00
N ARG A 215 2.33 -20.45 -1.53
CA ARG A 215 2.54 -19.11 -2.04
C ARG A 215 2.86 -19.10 -3.52
N ASP A 216 3.69 -20.05 -3.96
CA ASP A 216 4.05 -20.18 -5.38
C ASP A 216 2.78 -20.50 -6.18
N ARG A 217 1.93 -21.38 -5.67
CA ARG A 217 0.70 -21.72 -6.38
C ARG A 217 -0.23 -20.50 -6.51
N PHE A 218 -0.46 -19.79 -5.41
CA PHE A 218 -1.31 -18.60 -5.38
C PHE A 218 -0.83 -17.59 -6.43
N LEU A 219 0.48 -17.35 -6.44
CA LEU A 219 1.13 -16.41 -7.36
C LEU A 219 0.98 -16.76 -8.86
N PHE A 220 1.21 -18.01 -9.23
CA PHE A 220 1.07 -18.42 -10.62
C PHE A 220 -0.40 -18.49 -11.02
N CYS A 221 -1.25 -18.90 -10.09
CA CYS A 221 -2.66 -18.94 -10.37
C CYS A 221 -3.20 -17.54 -10.62
N ALA A 222 -2.66 -16.55 -9.90
CA ALA A 222 -3.05 -15.14 -10.10
C ALA A 222 -2.66 -14.69 -11.50
N GLU A 223 -1.43 -14.99 -11.91
CA GLU A 223 -0.99 -14.60 -13.25
C GLU A 223 -1.89 -15.19 -14.32
N ALA A 224 -2.19 -16.49 -14.18
CA ALA A 224 -3.05 -17.25 -15.12
C ALA A 224 -4.48 -16.70 -15.21
N LEU A 225 -5.10 -16.45 -14.04
CA LEU A 225 -6.47 -15.92 -14.02
C LEU A 225 -6.60 -14.51 -14.58
N TYR A 226 -5.63 -13.63 -14.31
CA TYR A 226 -5.64 -12.28 -14.85
C TYR A 226 -5.45 -12.30 -16.37
N LYS A 227 -4.61 -13.20 -16.85
CA LYS A 227 -4.39 -13.33 -18.28
C LYS A 227 -5.68 -13.84 -18.97
N ALA A 228 -6.36 -14.81 -18.37
CA ALA A 228 -7.60 -15.34 -18.95
C ALA A 228 -8.72 -14.28 -18.93
N GLN A 229 -8.77 -13.47 -17.87
CA GLN A 229 -9.77 -12.41 -17.73
C GLN A 229 -9.55 -11.31 -18.79
N ALA A 230 -8.29 -10.95 -18.99
CA ALA A 230 -7.94 -9.92 -19.97
C ALA A 230 -8.28 -10.43 -21.37
N GLU A 231 -8.04 -11.71 -21.63
CA GLU A 231 -8.31 -12.26 -22.94
C GLU A 231 -9.80 -12.35 -23.29
N THR A 232 -10.60 -12.86 -22.35
CA THR A 232 -12.03 -13.04 -22.58
C THR A 232 -12.94 -11.85 -22.24
N GLY A 233 -12.52 -10.99 -21.33
CA GLY A 233 -13.36 -9.89 -20.95
C GLY A 233 -14.37 -10.27 -19.86
N GLU A 234 -14.40 -11.54 -19.46
CA GLU A 234 -15.31 -12.01 -18.40
C GLU A 234 -14.53 -12.20 -17.11
N ILE A 235 -15.15 -11.90 -15.98
CA ILE A 235 -14.51 -12.03 -14.69
C ILE A 235 -14.27 -13.49 -14.35
N LYS A 236 -13.06 -13.77 -13.86
CA LYS A 236 -12.64 -15.13 -13.54
C LYS A 236 -12.19 -15.27 -12.11
N GLY A 237 -12.19 -16.49 -11.61
CA GLY A 237 -11.74 -16.76 -10.27
C GLY A 237 -11.12 -18.14 -10.17
N HIS A 238 -10.28 -18.32 -9.15
CA HIS A 238 -9.65 -19.62 -8.88
C HIS A 238 -9.78 -19.84 -7.39
N TYR A 239 -10.42 -20.95 -6.98
CA TYR A 239 -10.59 -21.19 -5.54
C TYR A 239 -9.23 -21.54 -4.94
N LEU A 240 -8.60 -20.56 -4.30
CA LEU A 240 -7.30 -20.75 -3.65
C LEU A 240 -7.54 -21.39 -2.29
N ASN A 241 -7.09 -22.63 -2.12
CA ASN A 241 -7.29 -23.36 -0.88
C ASN A 241 -6.48 -22.80 0.29
N ALA A 242 -7.18 -22.30 1.32
CA ALA A 242 -6.52 -21.73 2.48
C ALA A 242 -6.49 -22.66 3.66
N THR A 243 -6.99 -23.89 3.49
CA THR A 243 -7.01 -24.87 4.57
C THR A 243 -5.59 -25.11 5.04
N ALA A 244 -5.36 -25.10 6.35
CA ALA A 244 -4.02 -25.25 6.92
C ALA A 244 -4.05 -25.93 8.28
N GLY A 245 -2.86 -26.13 8.85
CA GLY A 245 -2.75 -26.81 10.12
C GLY A 245 -3.15 -26.02 11.35
N THR A 246 -2.99 -24.70 11.29
CA THR A 246 -3.31 -23.81 12.41
C THR A 246 -4.09 -22.62 11.90
N CYS A 247 -4.71 -21.88 12.81
CA CYS A 247 -5.46 -20.68 12.43
C CYS A 247 -4.54 -19.65 11.80
N GLU A 248 -3.34 -19.55 12.36
CA GLU A 248 -2.33 -18.60 11.88
C GLU A 248 -1.93 -18.90 10.44
N ASP A 249 -1.68 -20.15 10.10
CA ASP A 249 -1.33 -20.45 8.70
C ASP A 249 -2.46 -20.18 7.73
N MET A 250 -3.69 -20.51 8.14
CA MET A 250 -4.89 -20.29 7.32
C MET A 250 -5.03 -18.78 7.02
N MET A 251 -4.87 -17.95 8.05
CA MET A 251 -4.97 -16.50 7.90
C MET A 251 -3.90 -15.92 6.98
N LYS A 252 -2.67 -16.43 7.09
CA LYS A 252 -1.57 -16.00 6.22
C LYS A 252 -1.96 -16.22 4.78
N ARG A 253 -2.62 -17.34 4.50
CA ARG A 253 -3.03 -17.66 3.13
C ARG A 253 -4.14 -16.77 2.61
N ALA A 254 -5.13 -16.52 3.46
CA ALA A 254 -6.24 -15.64 3.09
C ALA A 254 -5.71 -14.22 2.82
N VAL A 255 -4.78 -13.76 3.67
CA VAL A 255 -4.20 -12.43 3.54
C VAL A 255 -3.46 -12.20 2.22
N PHE A 256 -2.73 -13.22 1.75
CA PHE A 256 -2.03 -13.08 0.48
C PHE A 256 -3.05 -13.01 -0.67
N ALA A 257 -4.13 -13.78 -0.58
CA ALA A 257 -5.17 -13.76 -1.62
C ALA A 257 -5.73 -12.33 -1.68
N ARG A 258 -5.94 -11.73 -0.52
CA ARG A 258 -6.42 -10.34 -0.43
C ARG A 258 -5.42 -9.38 -1.14
N GLU A 259 -4.14 -9.55 -0.83
CA GLU A 259 -3.07 -8.75 -1.42
C GLU A 259 -3.09 -8.87 -2.95
N LEU A 260 -3.32 -10.07 -3.46
CA LEU A 260 -3.38 -10.26 -4.90
C LEU A 260 -4.64 -9.66 -5.55
N GLY A 261 -5.63 -9.27 -4.77
CA GLY A 261 -6.85 -8.69 -5.31
C GLY A 261 -7.76 -9.71 -5.98
N VAL A 262 -7.52 -10.99 -5.71
CA VAL A 262 -8.34 -12.03 -6.32
C VAL A 262 -9.70 -12.13 -5.62
N PRO A 263 -10.69 -12.73 -6.29
CA PRO A 263 -12.03 -12.81 -5.72
C PRO A 263 -12.50 -13.93 -4.80
N ILE A 264 -11.81 -15.05 -4.75
CA ILE A 264 -12.33 -16.17 -3.98
C ILE A 264 -11.26 -17.11 -3.41
N VAL A 265 -11.50 -17.55 -2.19
CA VAL A 265 -10.65 -18.50 -1.47
C VAL A 265 -11.50 -19.74 -1.14
N MET A 266 -10.87 -20.79 -0.61
CA MET A 266 -11.54 -22.04 -0.33
C MET A 266 -11.11 -22.59 1.01
N HIS A 267 -11.97 -23.40 1.64
CA HIS A 267 -11.66 -23.98 2.93
C HIS A 267 -12.38 -25.32 3.05
N ASP A 268 -11.70 -26.33 3.61
CA ASP A 268 -12.32 -27.66 3.83
C ASP A 268 -12.86 -27.53 5.26
N TYR A 269 -14.13 -27.15 5.38
CA TYR A 269 -14.72 -26.88 6.69
C TYR A 269 -14.77 -27.98 7.73
N LEU A 270 -14.86 -29.24 7.31
CA LEU A 270 -14.92 -30.35 8.26
C LEU A 270 -13.57 -30.79 8.74
N THR A 271 -12.58 -30.83 7.85
CA THR A 271 -11.24 -31.22 8.26
C THR A 271 -10.55 -30.02 8.93
N GLY A 272 -10.86 -28.80 8.47
CA GLY A 272 -10.30 -27.62 9.12
C GLY A 272 -11.03 -27.46 10.45
N GLY A 273 -12.36 -27.53 10.43
CA GLY A 273 -13.13 -27.42 11.66
C GLY A 273 -13.94 -26.16 11.71
N PHE A 274 -15.06 -26.17 12.44
CA PHE A 274 -15.95 -25.02 12.55
C PHE A 274 -15.37 -23.77 13.20
N THR A 275 -14.50 -23.93 14.19
CA THR A 275 -13.90 -22.77 14.84
C THR A 275 -13.05 -21.97 13.84
N ALA A 276 -12.26 -22.68 13.03
CA ALA A 276 -11.41 -22.06 12.03
C ALA A 276 -12.26 -21.55 10.88
N ASN A 277 -13.30 -22.31 10.51
CA ASN A 277 -14.17 -21.88 9.43
C ASN A 277 -14.87 -20.56 9.72
N THR A 278 -15.35 -20.37 10.94
CA THR A 278 -16.06 -19.15 11.34
C THR A 278 -15.08 -17.95 11.30
N THR A 279 -13.84 -18.18 11.75
CA THR A 279 -12.81 -17.15 11.67
C THR A 279 -12.61 -16.73 10.19
N LEU A 280 -12.42 -17.70 9.30
CA LEU A 280 -12.19 -17.39 7.89
C LEU A 280 -13.42 -16.70 7.26
N SER A 281 -14.62 -17.13 7.65
CA SER A 281 -15.86 -16.54 7.16
C SER A 281 -15.97 -15.07 7.53
N HIS A 282 -15.59 -14.74 8.78
CA HIS A 282 -15.64 -13.36 9.23
C HIS A 282 -14.62 -12.50 8.50
N TYR A 283 -13.45 -13.07 8.27
CA TYR A 283 -12.38 -12.39 7.54
C TYR A 283 -12.83 -12.11 6.10
N CYS A 284 -13.44 -13.10 5.44
CA CYS A 284 -13.90 -12.92 4.06
C CYS A 284 -14.93 -11.81 3.93
N ARG A 285 -15.86 -11.71 4.88
CA ARG A 285 -16.88 -10.65 4.90
C ARG A 285 -16.18 -9.27 5.04
N ASP A 286 -15.23 -9.19 5.96
CA ASP A 286 -14.51 -7.93 6.19
C ASP A 286 -13.59 -7.51 5.07
N ASN A 287 -13.25 -8.44 4.20
CA ASN A 287 -12.32 -8.19 3.12
C ASN A 287 -12.84 -8.40 1.71
N GLY A 288 -14.13 -8.67 1.60
CA GLY A 288 -14.75 -8.83 0.30
C GLY A 288 -14.37 -10.05 -0.49
N LEU A 289 -14.00 -11.12 0.19
CA LEU A 289 -13.63 -12.36 -0.48
C LEU A 289 -14.76 -13.36 -0.47
N LEU A 290 -14.99 -13.99 -1.61
CA LEU A 290 -15.99 -15.02 -1.69
C LEU A 290 -15.33 -16.26 -1.06
N LEU A 291 -16.14 -17.15 -0.49
CA LEU A 291 -15.62 -18.33 0.16
C LEU A 291 -16.26 -19.60 -0.34
N HIS A 292 -15.48 -20.44 -1.01
CA HIS A 292 -15.94 -21.72 -1.53
C HIS A 292 -15.62 -22.80 -0.49
N ILE A 293 -16.64 -23.56 -0.12
CA ILE A 293 -16.49 -24.58 0.90
C ILE A 293 -16.50 -25.99 0.34
N HIS A 294 -15.47 -26.75 0.66
CA HIS A 294 -15.39 -28.12 0.21
C HIS A 294 -15.78 -29.03 1.41
N ARG A 295 -16.58 -30.06 1.15
CA ARG A 295 -17.09 -30.95 2.22
C ARG A 295 -16.31 -32.24 2.48
N ALA A 296 -15.00 -32.21 2.21
CA ALA A 296 -14.13 -33.37 2.46
C ALA A 296 -14.42 -33.98 3.83
N MET A 297 -14.51 -35.32 3.86
CA MET A 297 -14.77 -36.11 5.06
C MET A 297 -16.26 -36.28 5.41
N HIS A 298 -17.16 -35.62 4.67
CA HIS A 298 -18.59 -35.73 4.99
C HIS A 298 -19.13 -37.16 5.01
N ALA A 299 -18.74 -37.98 4.04
CA ALA A 299 -19.23 -39.36 3.95
C ALA A 299 -18.82 -40.27 5.12
N VAL A 300 -17.87 -39.80 5.93
CA VAL A 300 -17.42 -40.56 7.08
C VAL A 300 -18.53 -40.51 8.09
N ILE A 301 -19.29 -39.41 8.04
CA ILE A 301 -20.38 -39.11 8.97
C ILE A 301 -21.81 -39.29 8.45
N ASP A 302 -22.04 -38.84 7.22
CA ASP A 302 -23.37 -38.84 6.62
C ASP A 302 -23.81 -39.96 5.69
N ARG A 303 -22.94 -40.94 5.44
CA ARG A 303 -23.32 -41.98 4.49
C ARG A 303 -24.30 -43.04 4.95
N GLN A 304 -24.07 -43.64 6.11
CA GLN A 304 -24.93 -44.70 6.60
C GLN A 304 -26.25 -44.16 7.14
N LYS A 305 -27.35 -44.80 6.76
CA LYS A 305 -28.67 -44.37 7.19
C LYS A 305 -29.00 -44.57 8.66
N ASN A 306 -28.35 -45.52 9.31
CA ASN A 306 -28.64 -45.79 10.70
C ASN A 306 -27.78 -45.05 11.73
N HIS A 307 -26.64 -44.50 11.32
CA HIS A 307 -25.77 -43.83 12.28
C HIS A 307 -24.96 -42.68 11.69
N GLY A 308 -24.85 -41.58 12.43
CA GLY A 308 -24.08 -40.44 11.94
C GLY A 308 -24.96 -39.21 11.94
N MET A 309 -24.75 -38.33 10.97
CA MET A 309 -25.53 -37.13 10.84
C MET A 309 -25.82 -36.98 9.36
N HIS A 310 -27.07 -36.69 8.99
CA HIS A 310 -27.37 -36.52 7.57
C HIS A 310 -26.72 -35.22 7.08
N PHE A 311 -26.31 -35.20 5.82
CA PHE A 311 -25.70 -34.00 5.27
C PHE A 311 -26.53 -32.70 5.42
N ARG A 312 -27.86 -32.79 5.42
CA ARG A 312 -28.68 -31.57 5.55
C ARG A 312 -28.36 -30.81 6.85
N VAL A 313 -27.95 -31.55 7.87
CA VAL A 313 -27.57 -30.92 9.13
C VAL A 313 -26.21 -30.21 8.97
N LEU A 314 -25.27 -30.85 8.29
CA LEU A 314 -23.96 -30.27 8.06
C LEU A 314 -24.07 -29.04 7.12
N ALA A 315 -25.09 -29.03 6.25
CA ALA A 315 -25.32 -27.92 5.33
C ALA A 315 -25.92 -26.70 6.09
N LYS A 316 -26.85 -26.93 7.01
CA LYS A 316 -27.42 -25.84 7.80
C LYS A 316 -26.31 -25.19 8.63
N ALA A 317 -25.47 -26.01 9.26
CA ALA A 317 -24.37 -25.53 10.08
C ALA A 317 -23.42 -24.63 9.26
N LEU A 318 -23.13 -25.04 8.04
CA LEU A 318 -22.27 -24.25 7.17
C LEU A 318 -22.95 -22.93 6.82
N ARG A 319 -24.25 -22.93 6.54
CA ARG A 319 -24.93 -21.68 6.21
C ARG A 319 -24.84 -20.71 7.40
N LEU A 320 -24.86 -21.22 8.62
CA LEU A 320 -24.74 -20.37 9.81
C LEU A 320 -23.29 -19.85 9.99
N SER A 321 -22.33 -20.78 10.04
CA SER A 321 -20.91 -20.45 10.19
C SER A 321 -20.48 -19.54 9.04
N GLY A 322 -20.85 -19.90 7.82
CA GLY A 322 -20.54 -19.09 6.67
C GLY A 322 -19.77 -19.71 5.54
N GLY A 323 -20.32 -19.55 4.33
CA GLY A 323 -19.71 -20.02 3.10
C GLY A 323 -20.59 -19.49 1.98
N ASP A 324 -20.01 -19.21 0.82
CA ASP A 324 -20.76 -18.67 -0.32
C ASP A 324 -21.15 -19.79 -1.30
N HIS A 325 -20.36 -20.87 -1.32
CA HIS A 325 -20.62 -22.06 -2.13
C HIS A 325 -20.44 -23.26 -1.21
N ILE A 326 -21.12 -24.36 -1.51
CA ILE A 326 -20.90 -25.61 -0.78
C ILE A 326 -21.25 -26.74 -1.70
N HIS A 327 -20.38 -27.75 -1.71
CA HIS A 327 -20.57 -28.96 -2.51
C HIS A 327 -21.82 -29.74 -2.04
N SER A 328 -22.68 -30.07 -2.96
CA SER A 328 -23.90 -30.80 -2.62
C SER A 328 -24.07 -32.12 -3.37
N GLY A 329 -23.01 -32.57 -4.05
CA GLY A 329 -23.06 -33.80 -4.82
C GLY A 329 -23.83 -33.65 -6.12
N THR A 330 -23.86 -34.69 -6.93
CA THR A 330 -24.59 -34.65 -8.17
C THR A 330 -25.87 -35.42 -7.94
N VAL A 331 -26.92 -35.09 -8.67
CA VAL A 331 -28.17 -35.83 -8.48
C VAL A 331 -28.15 -36.99 -9.48
N VAL A 332 -27.19 -36.90 -10.38
CA VAL A 332 -26.97 -37.91 -11.40
C VAL A 332 -26.59 -39.26 -10.74
N GLY A 333 -26.85 -40.35 -11.48
CA GLY A 333 -26.53 -41.69 -11.01
C GLY A 333 -27.29 -42.21 -9.80
N LYS A 334 -28.44 -41.60 -9.48
CA LYS A 334 -29.20 -42.05 -8.33
C LYS A 334 -30.67 -41.98 -8.64
N LEU A 335 -31.45 -42.81 -7.94
CA LEU A 335 -32.91 -42.89 -8.15
C LEU A 335 -33.64 -41.70 -7.52
N GLU A 336 -34.93 -41.55 -7.82
CA GLU A 336 -35.73 -40.46 -7.24
C GLU A 336 -35.66 -40.72 -5.72
N GLY A 337 -36.17 -39.81 -4.89
CA GLY A 337 -36.08 -40.05 -3.47
C GLY A 337 -34.73 -39.51 -3.07
N GLU A 338 -33.64 -40.11 -3.56
CA GLU A 338 -32.30 -39.57 -3.26
C GLU A 338 -32.21 -38.25 -4.03
N ARG A 339 -32.88 -38.21 -5.17
CA ARG A 339 -32.95 -37.01 -5.97
C ARG A 339 -33.79 -35.99 -5.16
N ASP A 340 -34.87 -36.48 -4.57
CA ASP A 340 -35.76 -35.62 -3.79
C ASP A 340 -35.10 -35.10 -2.52
N ILE A 341 -34.28 -35.93 -1.89
CA ILE A 341 -33.58 -35.56 -0.68
C ILE A 341 -32.57 -34.44 -0.96
N THR A 342 -31.85 -34.55 -2.08
CA THR A 342 -30.88 -33.54 -2.49
C THR A 342 -31.58 -32.21 -2.77
N LEU A 343 -32.64 -32.24 -3.55
CA LEU A 343 -33.41 -31.05 -3.88
C LEU A 343 -33.93 -30.40 -2.57
N GLY A 344 -34.20 -31.25 -1.59
CA GLY A 344 -34.67 -30.77 -0.30
C GLY A 344 -33.63 -29.96 0.47
N PHE A 345 -32.39 -30.45 0.55
CA PHE A 345 -31.39 -29.68 1.27
C PHE A 345 -30.86 -28.53 0.42
N VAL A 346 -31.09 -28.59 -0.88
CA VAL A 346 -30.70 -27.51 -1.77
C VAL A 346 -31.59 -26.31 -1.44
N ASP A 347 -32.89 -26.56 -1.21
CA ASP A 347 -33.81 -25.49 -0.83
C ASP A 347 -33.40 -24.93 0.52
N LEU A 348 -32.97 -25.80 1.41
CA LEU A 348 -32.54 -25.39 2.74
C LEU A 348 -31.29 -24.49 2.72
N LEU A 349 -30.48 -24.62 1.66
CA LEU A 349 -29.27 -23.84 1.50
C LEU A 349 -29.51 -22.49 0.82
N ARG A 350 -30.45 -22.48 -0.13
CA ARG A 350 -30.72 -21.28 -0.90
C ARG A 350 -31.86 -20.37 -0.47
N ASP A 351 -32.96 -20.94 -0.02
CA ASP A 351 -34.14 -20.16 0.30
C ASP A 351 -34.22 -19.52 1.66
N ASP A 352 -35.19 -18.62 1.81
CA ASP A 352 -35.36 -17.93 3.07
C ASP A 352 -36.33 -18.67 3.97
N TYR A 353 -37.14 -19.53 3.36
CA TYR A 353 -38.14 -20.26 4.12
C TYR A 353 -38.42 -21.58 3.43
N THR A 354 -38.39 -22.66 4.20
CA THR A 354 -38.69 -23.98 3.65
C THR A 354 -39.64 -24.70 4.59
N GLU A 355 -40.80 -25.03 4.07
CA GLU A 355 -41.84 -25.71 4.79
C GLU A 355 -41.50 -27.19 4.98
N LYS A 356 -41.93 -27.76 6.11
CA LYS A 356 -41.74 -29.16 6.43
C LYS A 356 -42.22 -30.02 5.24
N ASP A 357 -41.46 -31.04 4.87
CA ASP A 357 -41.81 -31.91 3.75
C ASP A 357 -41.05 -33.24 3.88
N ARG A 358 -41.68 -34.20 4.56
CA ARG A 358 -41.07 -35.51 4.76
C ARG A 358 -40.73 -36.26 3.47
N SER A 359 -41.40 -35.95 2.36
CA SER A 359 -41.09 -36.62 1.11
C SER A 359 -39.69 -36.22 0.62
N ARG A 360 -39.18 -35.10 1.12
CA ARG A 360 -37.86 -34.62 0.75
C ARG A 360 -36.88 -34.63 1.90
N GLY A 361 -37.24 -35.29 3.00
CA GLY A 361 -36.37 -35.36 4.16
C GLY A 361 -36.30 -34.11 5.03
N ILE A 362 -37.26 -33.21 4.85
CA ILE A 362 -37.32 -31.97 5.63
C ILE A 362 -38.29 -32.20 6.82
N TYR A 363 -37.71 -32.43 7.99
CA TYR A 363 -38.48 -32.69 9.17
C TYR A 363 -39.05 -31.47 9.88
N PHE A 364 -38.48 -30.30 9.62
CA PHE A 364 -38.97 -29.09 10.28
C PHE A 364 -39.08 -27.97 9.30
N THR A 365 -40.01 -27.06 9.55
CA THR A 365 -40.13 -25.86 8.71
C THR A 365 -38.95 -25.01 9.19
N GLN A 366 -38.22 -24.40 8.26
CA GLN A 366 -37.06 -23.62 8.61
C GLN A 366 -37.12 -22.22 8.01
N SER A 367 -36.93 -21.20 8.83
CA SER A 367 -36.90 -19.81 8.38
C SER A 367 -35.49 -19.30 8.58
N TRP A 368 -35.06 -18.39 7.72
CA TRP A 368 -33.73 -17.88 7.85
C TRP A 368 -33.63 -16.39 8.12
N VAL A 369 -34.78 -15.71 8.27
CA VAL A 369 -34.83 -14.28 8.51
C VAL A 369 -33.75 -13.46 7.77
N SER A 370 -33.76 -13.64 6.44
CA SER A 370 -32.87 -12.97 5.51
C SER A 370 -31.39 -13.28 5.52
N THR A 371 -31.00 -14.39 6.16
CA THR A 371 -29.60 -14.83 6.13
C THR A 371 -29.45 -15.24 4.67
N PRO A 372 -28.39 -14.75 4.00
CA PRO A 372 -28.13 -15.07 2.59
C PRO A 372 -28.09 -16.56 2.29
N GLY A 373 -28.47 -16.90 1.05
CA GLY A 373 -28.45 -18.28 0.63
C GLY A 373 -27.05 -18.63 0.15
N VAL A 374 -26.80 -19.94 0.10
CA VAL A 374 -25.51 -20.53 -0.32
C VAL A 374 -25.73 -21.20 -1.68
N LEU A 375 -24.78 -21.00 -2.59
CA LEU A 375 -24.79 -21.59 -3.93
C LEU A 375 -24.37 -23.09 -3.84
N PRO A 376 -25.23 -24.03 -4.28
CA PRO A 376 -24.81 -25.44 -4.22
C PRO A 376 -23.89 -25.74 -5.40
N VAL A 377 -22.90 -26.60 -5.19
CA VAL A 377 -21.92 -26.95 -6.23
C VAL A 377 -22.09 -28.44 -6.60
N ALA A 378 -22.45 -28.71 -7.85
CA ALA A 378 -22.62 -30.08 -8.34
C ALA A 378 -21.27 -30.52 -8.90
N SER A 379 -20.73 -31.63 -8.41
CA SER A 379 -19.43 -32.10 -8.84
C SER A 379 -19.31 -33.62 -8.74
N GLY A 380 -18.54 -34.25 -9.62
CA GLY A 380 -18.37 -35.69 -9.51
C GLY A 380 -18.78 -36.51 -10.71
N GLY A 381 -17.81 -36.79 -11.58
CA GLY A 381 -18.04 -37.60 -12.75
C GLY A 381 -18.99 -37.09 -13.81
N ILE A 382 -19.22 -35.78 -13.83
CA ILE A 382 -20.12 -35.22 -14.81
C ILE A 382 -19.41 -34.72 -16.07
N HIS A 383 -20.13 -34.75 -17.20
CA HIS A 383 -19.60 -34.27 -18.49
C HIS A 383 -20.75 -33.67 -19.28
N VAL A 384 -20.45 -33.18 -20.47
CA VAL A 384 -21.44 -32.52 -21.33
C VAL A 384 -22.84 -33.11 -21.43
N TRP A 385 -22.96 -34.43 -21.38
CA TRP A 385 -24.26 -35.07 -21.53
C TRP A 385 -25.17 -34.91 -20.34
N HIS A 386 -24.63 -34.58 -19.18
CA HIS A 386 -25.48 -34.40 -18.01
C HIS A 386 -25.98 -32.98 -17.94
N MET A 387 -25.52 -32.13 -18.85
CA MET A 387 -25.90 -30.72 -18.79
C MET A 387 -27.38 -30.40 -18.72
N PRO A 388 -28.21 -31.01 -19.61
CA PRO A 388 -29.66 -30.70 -19.54
C PRO A 388 -30.24 -31.08 -18.19
N ALA A 389 -29.83 -32.24 -17.69
CA ALA A 389 -30.29 -32.76 -16.41
C ALA A 389 -29.92 -31.84 -15.25
N LEU A 390 -28.66 -31.45 -15.18
CA LEU A 390 -28.14 -30.57 -14.12
C LEU A 390 -28.85 -29.22 -14.11
N THR A 391 -29.04 -28.65 -15.29
CA THR A 391 -29.72 -27.36 -15.44
C THR A 391 -31.18 -27.49 -14.97
N GLU A 392 -31.80 -28.60 -15.32
CA GLU A 392 -33.18 -28.86 -14.93
C GLU A 392 -33.28 -29.04 -13.41
N ILE A 393 -32.45 -29.91 -12.85
CA ILE A 393 -32.47 -30.18 -11.42
C ILE A 393 -32.07 -29.00 -10.54
N PHE A 394 -30.94 -28.35 -10.82
CA PHE A 394 -30.47 -27.25 -9.97
C PHE A 394 -30.95 -25.86 -10.33
N GLY A 395 -31.30 -25.63 -11.58
CA GLY A 395 -31.73 -24.30 -11.94
C GLY A 395 -30.49 -23.43 -12.10
N ASP A 396 -30.71 -22.14 -12.23
CA ASP A 396 -29.61 -21.20 -12.41
C ASP A 396 -28.68 -21.03 -11.27
N ASP A 397 -29.20 -21.03 -10.05
CA ASP A 397 -28.34 -20.81 -8.88
C ASP A 397 -27.60 -22.05 -8.41
N SER A 398 -26.55 -22.39 -9.15
CA SER A 398 -25.71 -23.53 -8.84
C SER A 398 -24.36 -23.34 -9.54
N VAL A 399 -23.35 -24.10 -9.12
CA VAL A 399 -22.06 -24.07 -9.78
C VAL A 399 -21.84 -25.50 -10.27
N LEU A 400 -21.61 -25.68 -11.55
CA LEU A 400 -21.39 -27.02 -12.09
C LEU A 400 -19.88 -27.15 -12.31
N GLN A 401 -19.27 -28.16 -11.69
CA GLN A 401 -17.84 -28.36 -11.77
C GLN A 401 -17.43 -29.58 -12.54
N PHE A 402 -16.52 -29.39 -13.49
CA PHE A 402 -16.05 -30.46 -14.35
C PHE A 402 -14.55 -30.61 -14.30
N GLY A 403 -14.05 -31.60 -13.58
CA GLY A 403 -12.60 -31.83 -13.50
C GLY A 403 -12.19 -32.66 -14.70
N GLY A 404 -12.46 -33.96 -14.64
CA GLY A 404 -12.14 -34.85 -15.76
C GLY A 404 -12.98 -34.45 -16.97
N GLY A 405 -14.16 -33.92 -16.73
CA GLY A 405 -15.02 -33.49 -17.81
C GLY A 405 -14.42 -32.33 -18.60
N THR A 406 -13.36 -31.70 -18.11
CA THR A 406 -12.75 -30.60 -18.86
C THR A 406 -11.33 -30.97 -19.32
N LEU A 407 -10.50 -31.42 -18.38
CA LEU A 407 -9.11 -31.78 -18.65
C LEU A 407 -9.00 -33.11 -19.43
N GLY A 408 -10.15 -33.75 -19.62
CA GLY A 408 -10.19 -35.00 -20.35
C GLY A 408 -10.60 -34.81 -21.80
N HIS A 409 -10.89 -33.58 -22.20
CA HIS A 409 -11.28 -33.33 -23.59
C HIS A 409 -10.06 -33.61 -24.48
N PRO A 410 -10.30 -34.25 -25.65
CA PRO A 410 -9.23 -34.60 -26.60
C PRO A 410 -8.38 -33.45 -27.16
N TRP A 411 -8.94 -32.25 -27.26
CA TRP A 411 -8.16 -31.13 -27.79
C TRP A 411 -7.49 -30.26 -26.70
N GLY A 412 -7.74 -30.58 -25.44
CA GLY A 412 -7.15 -29.82 -24.34
C GLY A 412 -8.17 -29.07 -23.48
N ASN A 413 -7.64 -28.31 -22.52
CA ASN A 413 -8.42 -27.52 -21.55
C ASN A 413 -9.34 -26.46 -22.16
N ALA A 414 -8.77 -25.59 -23.00
CA ALA A 414 -9.57 -24.53 -23.59
C ALA A 414 -10.78 -25.08 -24.38
N PRO A 415 -10.56 -26.03 -25.31
CA PRO A 415 -11.70 -26.57 -26.05
C PRO A 415 -12.61 -27.33 -25.09
N GLY A 416 -12.02 -27.94 -24.07
CA GLY A 416 -12.81 -28.66 -23.07
C GLY A 416 -13.76 -27.67 -22.37
N ALA A 417 -13.25 -26.47 -22.11
CA ALA A 417 -14.03 -25.43 -21.46
C ALA A 417 -15.13 -24.92 -22.37
N VAL A 418 -14.79 -24.69 -23.65
CA VAL A 418 -15.73 -24.20 -24.66
C VAL A 418 -16.89 -25.18 -24.81
N ALA A 419 -16.56 -26.46 -24.85
CA ALA A 419 -17.57 -27.49 -24.98
C ALA A 419 -18.57 -27.39 -23.83
N ASN A 420 -18.07 -27.26 -22.61
CA ASN A 420 -18.96 -27.14 -21.44
C ASN A 420 -19.79 -25.85 -21.43
N ARG A 421 -19.16 -24.73 -21.79
CA ARG A 421 -19.85 -23.44 -21.82
C ARG A 421 -20.92 -23.38 -22.92
N VAL A 422 -20.62 -23.94 -24.09
CA VAL A 422 -21.58 -23.99 -25.19
C VAL A 422 -22.74 -24.92 -24.80
N ALA A 423 -22.43 -26.13 -24.31
CA ALA A 423 -23.44 -27.09 -23.89
C ALA A 423 -24.39 -26.43 -22.87
N LEU A 424 -23.84 -25.75 -21.85
CA LEU A 424 -24.67 -25.08 -20.85
C LEU A 424 -25.55 -23.96 -21.45
N GLU A 425 -24.96 -23.11 -22.30
CA GLU A 425 -25.72 -22.01 -22.92
C GLU A 425 -26.79 -22.51 -23.87
N ALA A 426 -26.55 -23.64 -24.53
CA ALA A 426 -27.52 -24.22 -25.44
C ALA A 426 -28.75 -24.64 -24.60
N CYS A 427 -28.50 -25.24 -23.45
CA CYS A 427 -29.58 -25.69 -22.56
C CYS A 427 -30.34 -24.53 -21.98
N VAL A 428 -29.65 -23.49 -21.58
CA VAL A 428 -30.28 -22.32 -21.00
C VAL A 428 -31.19 -21.66 -22.05
N GLN A 429 -30.66 -21.48 -23.26
CA GLN A 429 -31.45 -20.86 -24.33
C GLN A 429 -32.71 -21.67 -24.62
N ALA A 430 -32.55 -23.00 -24.69
CA ALA A 430 -33.66 -23.93 -24.97
C ALA A 430 -34.75 -23.89 -23.92
N ARG A 431 -34.32 -23.91 -22.65
CA ARG A 431 -35.22 -23.85 -21.52
C ARG A 431 -35.98 -22.52 -21.57
N ASN A 432 -35.25 -21.45 -21.86
CA ASN A 432 -35.86 -20.13 -21.92
C ASN A 432 -36.86 -20.04 -23.06
N GLU A 433 -36.64 -20.80 -24.12
CA GLU A 433 -37.56 -20.79 -25.26
C GLU A 433 -38.74 -21.70 -24.97
N GLY A 434 -38.73 -22.36 -23.82
CA GLY A 434 -39.85 -23.21 -23.49
C GLY A 434 -39.65 -24.69 -23.79
N ARG A 435 -38.45 -25.07 -24.22
CA ARG A 435 -38.19 -26.46 -24.50
C ARG A 435 -38.07 -27.28 -23.21
N ASP A 436 -38.46 -28.54 -23.27
CA ASP A 436 -38.41 -29.41 -22.11
C ASP A 436 -37.06 -30.08 -22.02
N LEU A 437 -36.23 -29.63 -21.08
CA LEU A 437 -34.89 -30.20 -20.88
C LEU A 437 -34.93 -31.67 -20.54
N ALA A 438 -35.94 -32.06 -19.77
CA ALA A 438 -36.09 -33.45 -19.36
C ALA A 438 -36.35 -34.38 -20.54
N ARG A 439 -37.14 -33.91 -21.50
CA ARG A 439 -37.48 -34.73 -22.65
C ARG A 439 -36.57 -34.51 -23.85
N GLU A 440 -36.19 -33.26 -24.08
CA GLU A 440 -35.38 -32.90 -25.24
C GLU A 440 -33.89 -32.64 -25.03
N GLY A 441 -33.36 -32.96 -23.85
CA GLY A 441 -31.96 -32.73 -23.55
C GLY A 441 -30.95 -33.19 -24.59
N ASN A 442 -31.01 -34.47 -24.94
CA ASN A 442 -30.07 -35.02 -25.93
C ASN A 442 -30.18 -34.39 -27.30
N THR A 443 -31.39 -33.96 -27.66
CA THR A 443 -31.61 -33.31 -28.94
C THR A 443 -31.04 -31.91 -28.92
N ILE A 444 -31.17 -31.23 -27.78
CA ILE A 444 -30.62 -29.88 -27.62
C ILE A 444 -29.10 -29.95 -27.75
N ILE A 445 -28.47 -30.91 -27.08
CA ILE A 445 -27.01 -31.08 -27.17
C ILE A 445 -26.59 -31.40 -28.63
N ARG A 446 -27.23 -32.39 -29.26
CA ARG A 446 -26.88 -32.75 -30.63
C ARG A 446 -26.98 -31.60 -31.62
N GLU A 447 -28.02 -30.78 -31.50
CA GLU A 447 -28.14 -29.64 -32.41
C GLU A 447 -26.95 -28.70 -32.27
N ALA A 448 -26.47 -28.52 -31.04
CA ALA A 448 -25.33 -27.62 -30.79
C ALA A 448 -24.03 -28.17 -31.39
N THR A 449 -23.89 -29.48 -31.47
CA THR A 449 -22.69 -30.07 -32.03
C THR A 449 -22.58 -29.70 -33.51
N LYS A 450 -23.71 -29.46 -34.16
CA LYS A 450 -23.71 -29.08 -35.57
C LYS A 450 -22.91 -27.82 -35.82
N TRP A 451 -22.86 -26.92 -34.84
CA TRP A 451 -22.12 -25.70 -35.07
C TRP A 451 -20.93 -25.52 -34.13
N SER A 452 -20.73 -26.48 -33.23
CA SER A 452 -19.62 -26.41 -32.29
C SER A 452 -18.74 -27.63 -32.38
N PRO A 453 -17.60 -27.54 -33.08
CA PRO A 453 -16.63 -28.64 -33.25
C PRO A 453 -16.12 -29.10 -31.89
N GLU A 454 -15.94 -28.14 -30.99
CA GLU A 454 -15.46 -28.42 -29.64
C GLU A 454 -16.45 -29.31 -28.91
N LEU A 455 -17.72 -28.96 -28.99
CA LEU A 455 -18.78 -29.72 -28.34
C LEU A 455 -18.91 -31.10 -29.00
N ALA A 456 -18.88 -31.11 -30.33
CA ALA A 456 -18.98 -32.36 -31.10
C ALA A 456 -17.86 -33.33 -30.71
N ALA A 457 -16.65 -32.79 -30.53
CA ALA A 457 -15.49 -33.61 -30.14
C ALA A 457 -15.72 -34.24 -28.77
N ALA A 458 -16.26 -33.45 -27.83
CA ALA A 458 -16.54 -33.94 -26.49
C ALA A 458 -17.62 -35.02 -26.49
N CYS A 459 -18.70 -34.76 -27.22
CA CYS A 459 -19.81 -35.69 -27.32
C CYS A 459 -19.37 -37.05 -27.83
N GLU A 460 -18.36 -37.06 -28.69
CA GLU A 460 -17.82 -38.31 -29.22
C GLU A 460 -17.11 -39.14 -28.16
N VAL A 461 -16.39 -38.47 -27.26
CA VAL A 461 -15.64 -39.14 -26.20
C VAL A 461 -16.51 -39.75 -25.10
N TRP A 462 -17.50 -39.00 -24.64
CA TRP A 462 -18.35 -39.46 -23.55
C TRP A 462 -19.72 -39.92 -23.93
N LYS A 463 -20.16 -40.94 -23.18
CA LYS A 463 -21.49 -41.55 -23.24
C LYS A 463 -22.17 -41.46 -24.60
N MET B 1 -8.02 -31.43 -34.53
CA MET B 1 -7.73 -30.66 -33.29
C MET B 1 -7.66 -29.19 -33.63
N GLN B 2 -8.60 -28.42 -33.11
CA GLN B 2 -8.62 -26.99 -33.36
C GLN B 2 -8.12 -26.25 -32.12
N VAL B 3 -7.45 -25.12 -32.33
CA VAL B 3 -6.92 -24.30 -31.24
C VAL B 3 -7.85 -23.10 -31.05
N TRP B 4 -8.39 -22.96 -29.83
CA TRP B 4 -9.32 -21.87 -29.54
C TRP B 4 -8.64 -20.53 -29.81
N PRO B 5 -9.25 -19.69 -30.64
CA PRO B 5 -8.65 -18.39 -30.95
C PRO B 5 -8.32 -17.49 -29.74
N ILE B 6 -7.36 -16.61 -29.98
CA ILE B 6 -6.82 -15.68 -28.99
C ILE B 6 -7.19 -14.21 -29.25
N LEU B 7 -7.23 -13.81 -30.52
CA LEU B 7 -7.52 -12.43 -30.87
C LEU B 7 -8.99 -12.14 -31.14
N ASN B 8 -9.45 -10.99 -30.66
CA ASN B 8 -10.82 -10.54 -30.85
C ASN B 8 -11.84 -11.61 -30.47
N LEU B 9 -11.64 -12.25 -29.32
CA LEU B 9 -12.54 -13.29 -28.84
C LEU B 9 -13.14 -12.93 -27.48
N LYS B 10 -13.39 -11.64 -27.29
CA LYS B 10 -13.98 -11.13 -26.06
C LYS B 10 -15.43 -11.60 -26.01
N LYS B 11 -15.90 -11.93 -24.82
CA LYS B 11 -17.25 -12.43 -24.64
C LYS B 11 -18.08 -11.52 -23.75
N TYR B 12 -19.39 -11.75 -23.71
CA TYR B 12 -20.27 -10.88 -22.95
C TYR B 12 -21.24 -11.63 -22.05
N GLU B 13 -20.69 -12.60 -21.32
CA GLU B 13 -21.47 -13.43 -20.42
C GLU B 13 -22.59 -14.23 -21.08
N THR B 14 -23.66 -14.49 -20.33
CA THR B 14 -24.74 -15.33 -20.79
C THR B 14 -25.22 -15.19 -22.22
N LEU B 15 -25.19 -16.33 -22.91
CA LEU B 15 -25.57 -16.50 -24.32
C LEU B 15 -24.55 -16.00 -25.31
N SER B 16 -23.44 -15.45 -24.84
CA SER B 16 -22.44 -14.95 -25.78
C SER B 16 -21.60 -16.02 -26.48
N TYR B 17 -21.71 -17.28 -26.07
CA TYR B 17 -20.96 -18.37 -26.74
C TYR B 17 -21.79 -19.08 -27.82
N LEU B 18 -23.01 -18.60 -28.00
CA LEU B 18 -23.92 -19.14 -29.00
C LEU B 18 -23.86 -18.25 -30.24
N PRO B 19 -24.35 -18.74 -31.38
CA PRO B 19 -24.31 -17.85 -32.55
C PRO B 19 -25.25 -16.70 -32.22
N PRO B 20 -24.98 -15.50 -32.73
CA PRO B 20 -25.85 -14.36 -32.44
C PRO B 20 -27.35 -14.66 -32.64
N LEU B 21 -28.15 -14.15 -31.71
CA LEU B 21 -29.60 -14.37 -31.73
C LEU B 21 -30.28 -13.68 -32.89
N THR B 22 -31.24 -14.39 -33.48
CA THR B 22 -32.02 -13.84 -34.57
C THR B 22 -33.11 -13.03 -33.85
N THR B 23 -33.84 -12.22 -34.60
CA THR B 23 -34.90 -11.41 -34.03
C THR B 23 -35.93 -12.30 -33.34
N ASP B 24 -36.18 -13.48 -33.90
CA ASP B 24 -37.14 -14.43 -33.32
C ASP B 24 -36.62 -14.99 -32.01
N GLN B 25 -35.33 -15.36 -32.00
CA GLN B 25 -34.69 -15.90 -30.79
C GLN B 25 -34.66 -14.84 -29.70
N LEU B 26 -34.32 -13.63 -30.13
CA LEU B 26 -34.25 -12.45 -29.29
C LEU B 26 -35.62 -12.21 -28.65
N ALA B 27 -36.67 -12.27 -29.46
CA ALA B 27 -38.03 -12.09 -28.99
C ALA B 27 -38.42 -13.21 -28.00
N ARG B 28 -37.94 -14.42 -28.25
CA ARG B 28 -38.23 -15.55 -27.37
C ARG B 28 -37.57 -15.39 -25.99
N GLN B 29 -36.38 -14.81 -25.96
CA GLN B 29 -35.70 -14.57 -24.70
C GLN B 29 -36.45 -13.47 -23.93
N VAL B 30 -36.96 -12.47 -24.66
CA VAL B 30 -37.71 -11.41 -24.02
C VAL B 30 -39.03 -11.97 -23.46
N ASP B 31 -39.64 -12.91 -24.17
CA ASP B 31 -40.88 -13.48 -23.66
C ASP B 31 -40.64 -14.27 -22.37
N TYR B 32 -39.46 -14.85 -22.25
CA TYR B 32 -39.08 -15.60 -21.04
C TYR B 32 -39.16 -14.66 -19.85
N LEU B 33 -38.60 -13.45 -20.01
CA LEU B 33 -38.63 -12.43 -18.95
C LEU B 33 -40.06 -12.08 -18.56
N LEU B 34 -40.86 -11.71 -19.57
CA LEU B 34 -42.24 -11.31 -19.36
C LEU B 34 -43.06 -12.40 -18.70
N ASN B 35 -42.92 -13.63 -19.18
CA ASN B 35 -43.66 -14.72 -18.61
C ASN B 35 -43.29 -14.97 -17.15
N ASN B 36 -42.10 -14.53 -16.75
CA ASN B 36 -41.67 -14.71 -15.36
C ASN B 36 -41.94 -13.48 -14.52
N LYS B 37 -42.56 -12.47 -15.12
CA LYS B 37 -42.87 -11.22 -14.43
C LYS B 37 -41.63 -10.41 -14.09
N TRP B 38 -40.59 -10.53 -14.93
CA TRP B 38 -39.36 -9.78 -14.72
C TRP B 38 -39.42 -8.53 -15.57
N VAL B 39 -38.87 -7.44 -15.07
CA VAL B 39 -38.88 -6.18 -15.79
C VAL B 39 -37.71 -6.00 -16.73
N PRO B 40 -37.99 -5.87 -18.03
CA PRO B 40 -36.88 -5.69 -18.98
C PRO B 40 -36.32 -4.28 -18.99
N CYS B 41 -35.04 -4.15 -19.33
CA CYS B 41 -34.41 -2.85 -19.42
C CYS B 41 -33.20 -2.97 -20.34
N LEU B 42 -32.85 -1.90 -21.02
CA LEU B 42 -31.69 -1.92 -21.90
C LEU B 42 -30.56 -1.09 -21.33
N GLU B 43 -29.33 -1.50 -21.63
CA GLU B 43 -28.11 -0.81 -21.21
C GLU B 43 -27.18 -0.76 -22.39
N PHE B 44 -26.40 0.31 -22.49
CA PHE B 44 -25.47 0.43 -23.61
C PHE B 44 -24.14 0.95 -23.10
N GLU B 45 -23.09 0.65 -23.84
CA GLU B 45 -21.74 1.08 -23.50
C GLU B 45 -21.01 1.35 -24.81
N THR B 46 -20.39 2.52 -24.91
CA THR B 46 -19.66 2.88 -26.12
C THR B 46 -18.16 2.73 -25.93
N ASP B 47 -17.67 2.92 -24.70
CA ASP B 47 -16.24 2.81 -24.44
C ASP B 47 -15.67 1.41 -24.27
N HIS B 48 -15.69 0.86 -23.06
CA HIS B 48 -15.14 -0.49 -22.89
C HIS B 48 -16.27 -1.44 -22.58
N GLY B 49 -16.55 -2.35 -23.51
CA GLY B 49 -17.61 -3.30 -23.30
C GLY B 49 -17.20 -4.46 -22.42
N PHE B 50 -15.99 -4.42 -21.86
CA PHE B 50 -15.49 -5.51 -21.00
C PHE B 50 -14.92 -4.99 -19.67
N VAL B 51 -14.82 -5.91 -18.72
CA VAL B 51 -14.32 -5.60 -17.40
C VAL B 51 -12.84 -5.22 -17.37
N TYR B 52 -12.52 -4.25 -16.52
CA TYR B 52 -11.16 -3.79 -16.34
C TYR B 52 -11.00 -3.25 -14.93
N ARG B 53 -9.79 -2.82 -14.58
CA ARG B 53 -9.51 -2.32 -13.24
C ARG B 53 -8.68 -1.06 -13.27
N GLU B 54 -9.33 0.08 -13.16
CA GLU B 54 -8.63 1.33 -13.18
C GLU B 54 -8.61 2.05 -11.86
N HIS B 55 -9.75 2.13 -11.21
CA HIS B 55 -9.87 2.90 -9.99
C HIS B 55 -9.55 2.24 -8.66
N HIS B 56 -9.45 0.90 -8.63
CA HIS B 56 -9.14 0.19 -7.39
C HIS B 56 -8.85 -1.26 -7.75
N ASN B 57 -8.19 -1.98 -6.84
CA ASN B 57 -7.80 -3.38 -7.06
C ASN B 57 -8.15 -4.37 -5.96
N SER B 58 -8.93 -3.96 -4.96
CA SER B 58 -9.23 -4.89 -3.88
C SER B 58 -10.21 -5.98 -4.33
N PRO B 59 -10.29 -7.10 -3.58
CA PRO B 59 -11.19 -8.18 -3.98
C PRO B 59 -12.64 -7.75 -4.27
N GLY B 60 -13.18 -8.24 -5.37
CA GLY B 60 -14.55 -7.90 -5.73
C GLY B 60 -14.76 -6.55 -6.39
N TYR B 61 -13.70 -5.78 -6.55
CA TYR B 61 -13.83 -4.48 -7.18
C TYR B 61 -13.34 -4.59 -8.62
N TYR B 62 -14.18 -4.17 -9.57
CA TYR B 62 -13.83 -4.15 -10.98
C TYR B 62 -14.54 -2.95 -11.57
N ASP B 63 -13.95 -2.35 -12.60
CA ASP B 63 -14.59 -1.26 -13.32
C ASP B 63 -15.15 -1.90 -14.57
N GLY B 64 -16.07 -1.20 -15.22
CA GLY B 64 -16.68 -1.69 -16.45
C GLY B 64 -17.88 -2.60 -16.28
N ARG B 65 -18.33 -2.83 -15.05
CA ARG B 65 -19.48 -3.71 -14.80
C ARG B 65 -20.78 -2.94 -15.06
N TYR B 66 -20.82 -1.69 -14.64
CA TYR B 66 -21.98 -0.83 -14.89
C TYR B 66 -21.89 -0.25 -16.30
N TRP B 67 -23.00 -0.30 -17.02
CA TRP B 67 -23.11 0.34 -18.33
C TRP B 67 -24.16 1.42 -18.06
N THR B 68 -24.59 2.13 -19.11
CA THR B 68 -25.58 3.16 -18.89
C THR B 68 -26.96 2.74 -19.37
N MET B 69 -27.94 3.04 -18.52
CA MET B 69 -29.32 2.70 -18.75
C MET B 69 -29.93 3.44 -19.95
N TRP B 70 -30.62 2.71 -20.81
CA TRP B 70 -31.31 3.32 -21.95
C TRP B 70 -32.71 3.58 -21.42
N LYS B 71 -33.05 4.85 -21.19
CA LYS B 71 -34.36 5.16 -20.65
C LYS B 71 -34.58 4.56 -19.24
N LEU B 72 -35.69 3.86 -19.00
CA LEU B 72 -35.97 3.28 -17.69
C LEU B 72 -36.41 1.83 -17.84
N PRO B 73 -36.42 1.04 -16.73
CA PRO B 73 -36.86 -0.36 -16.87
C PRO B 73 -38.27 -0.26 -17.45
N MET B 74 -38.70 -1.28 -18.19
CA MET B 74 -40.02 -1.23 -18.82
C MET B 74 -41.13 -1.85 -17.99
N PHE B 75 -41.48 -1.17 -16.91
CA PHE B 75 -42.53 -1.63 -16.02
C PHE B 75 -43.82 -1.80 -16.81
N GLY B 76 -44.59 -2.83 -16.45
CA GLY B 76 -45.86 -3.08 -17.15
C GLY B 76 -45.79 -3.53 -18.60
N CYS B 77 -44.59 -3.58 -19.17
CA CYS B 77 -44.42 -4.02 -20.55
C CYS B 77 -45.03 -5.40 -20.69
N THR B 78 -45.84 -5.61 -21.72
CA THR B 78 -46.46 -6.91 -21.91
C THR B 78 -46.20 -7.46 -23.30
N ASP B 79 -45.47 -6.71 -24.09
CA ASP B 79 -45.23 -7.15 -25.44
C ASP B 79 -43.78 -7.06 -25.83
N PRO B 80 -43.18 -8.20 -26.21
CA PRO B 80 -41.79 -8.30 -26.63
C PRO B 80 -41.48 -7.31 -27.72
N ALA B 81 -42.50 -6.93 -28.49
CA ALA B 81 -42.31 -5.97 -29.56
C ALA B 81 -41.88 -4.61 -29.01
N GLN B 82 -42.45 -4.21 -27.88
CA GLN B 82 -42.10 -2.92 -27.25
C GLN B 82 -40.59 -2.90 -27.00
N VAL B 83 -40.10 -3.94 -26.32
CA VAL B 83 -38.68 -4.07 -26.01
C VAL B 83 -37.81 -3.98 -27.26
N LEU B 84 -38.15 -4.79 -28.26
CA LEU B 84 -37.38 -4.81 -29.51
C LEU B 84 -37.41 -3.49 -30.29
N ASN B 85 -38.48 -2.72 -30.12
CA ASN B 85 -38.59 -1.41 -30.78
C ASN B 85 -37.54 -0.53 -30.13
N GLU B 86 -37.44 -0.59 -28.82
CA GLU B 86 -36.46 0.19 -28.08
C GLU B 86 -35.03 -0.18 -28.48
N LEU B 87 -34.79 -1.47 -28.68
CA LEU B 87 -33.47 -1.92 -29.11
C LEU B 87 -33.15 -1.22 -30.42
N GLU B 88 -34.18 -1.03 -31.25
CA GLU B 88 -34.00 -0.35 -32.53
C GLU B 88 -33.69 1.15 -32.35
N GLU B 89 -34.43 1.81 -31.47
CA GLU B 89 -34.15 3.23 -31.19
C GLU B 89 -32.73 3.36 -30.67
N CYS B 90 -32.35 2.50 -29.73
CA CYS B 90 -31.01 2.55 -29.15
C CYS B 90 -29.92 2.36 -30.19
N LYS B 91 -30.10 1.37 -31.07
CA LYS B 91 -29.12 1.10 -32.13
C LYS B 91 -29.04 2.29 -33.08
N LYS B 92 -30.19 2.91 -33.34
CA LYS B 92 -30.28 4.07 -34.21
C LYS B 92 -29.39 5.16 -33.62
N GLU B 93 -29.53 5.39 -32.32
CA GLU B 93 -28.76 6.42 -31.64
C GLU B 93 -27.33 6.05 -31.31
N TYR B 94 -27.08 4.79 -30.97
CA TYR B 94 -25.73 4.39 -30.62
C TYR B 94 -25.27 3.16 -31.42
N PRO B 95 -25.10 3.32 -32.74
CA PRO B 95 -24.69 2.22 -33.62
C PRO B 95 -23.28 1.73 -33.30
N ASN B 96 -22.58 2.51 -32.49
CA ASN B 96 -21.23 2.22 -32.10
C ASN B 96 -21.15 1.61 -30.70
N ALA B 97 -22.30 1.41 -30.06
CA ALA B 97 -22.32 0.89 -28.71
C ALA B 97 -22.72 -0.55 -28.61
N PHE B 98 -22.31 -1.20 -27.51
CA PHE B 98 -22.71 -2.58 -27.24
C PHE B 98 -24.02 -2.37 -26.51
N ILE B 99 -25.02 -3.18 -26.80
CA ILE B 99 -26.31 -3.03 -26.12
C ILE B 99 -26.67 -4.38 -25.56
N ARG B 100 -27.18 -4.41 -24.33
CA ARG B 100 -27.57 -5.67 -23.75
C ARG B 100 -28.93 -5.52 -23.09
N ILE B 101 -29.66 -6.62 -23.02
CA ILE B 101 -30.96 -6.59 -22.37
C ILE B 101 -30.76 -7.21 -21.00
N ILE B 102 -31.30 -6.56 -19.98
CA ILE B 102 -31.21 -7.06 -18.63
C ILE B 102 -32.64 -7.11 -18.10
N GLY B 103 -32.82 -7.84 -17.01
CA GLY B 103 -34.13 -7.93 -16.43
C GLY B 103 -34.00 -7.85 -14.92
N PHE B 104 -35.04 -7.34 -14.28
CA PHE B 104 -35.07 -7.21 -12.82
C PHE B 104 -36.22 -8.01 -12.28
N ASP B 105 -35.95 -8.69 -11.20
CA ASP B 105 -36.94 -9.48 -10.52
C ASP B 105 -37.19 -8.68 -9.24
N SER B 106 -38.33 -7.98 -9.19
CA SER B 106 -38.69 -7.16 -8.04
C SER B 106 -39.01 -7.98 -6.79
N ASN B 107 -39.28 -9.26 -6.95
CA ASN B 107 -39.59 -10.08 -5.79
C ASN B 107 -38.30 -10.55 -5.12
N ARG B 108 -37.33 -10.97 -5.92
CA ARG B 108 -36.02 -11.36 -5.38
C ARG B 108 -35.25 -10.06 -5.17
N GLU B 109 -35.84 -8.96 -5.64
CA GLU B 109 -35.28 -7.62 -5.51
C GLU B 109 -33.87 -7.51 -6.07
N VAL B 110 -33.63 -8.13 -7.22
CA VAL B 110 -32.31 -8.10 -7.81
C VAL B 110 -32.33 -8.14 -9.32
N GLN B 111 -31.25 -7.64 -9.94
CA GLN B 111 -31.12 -7.75 -11.38
C GLN B 111 -30.97 -9.29 -11.55
N CYS B 112 -31.63 -9.87 -12.54
CA CYS B 112 -31.55 -11.32 -12.65
C CYS B 112 -31.13 -11.85 -14.00
N ILE B 113 -31.10 -11.00 -15.02
CA ILE B 113 -30.66 -11.48 -16.32
C ILE B 113 -29.84 -10.42 -17.01
N SER B 114 -29.08 -10.87 -18.00
CA SER B 114 -28.22 -10.00 -18.76
C SER B 114 -27.67 -10.75 -19.98
N PHE B 115 -28.04 -10.31 -21.18
CA PHE B 115 -27.54 -10.94 -22.40
C PHE B 115 -27.31 -9.90 -23.50
N ILE B 116 -26.19 -10.03 -24.21
CA ILE B 116 -25.83 -9.11 -25.28
C ILE B 116 -26.86 -9.18 -26.42
N ALA B 117 -27.43 -8.04 -26.79
CA ALA B 117 -28.41 -7.99 -27.85
C ALA B 117 -27.84 -7.35 -29.11
N TYR B 118 -26.76 -6.59 -28.97
CA TYR B 118 -26.19 -5.93 -30.13
C TYR B 118 -24.72 -5.61 -29.89
N LYS B 119 -23.89 -5.94 -30.87
CA LYS B 119 -22.46 -5.68 -30.83
C LYS B 119 -22.13 -4.83 -32.03
N PRO B 120 -21.34 -3.79 -31.85
CA PRO B 120 -21.01 -2.96 -33.00
C PRO B 120 -20.13 -3.77 -33.97
N ALA B 121 -20.07 -3.30 -35.21
CA ALA B 121 -19.32 -3.94 -36.29
C ALA B 121 -17.90 -4.32 -35.89
N GLY B 122 -17.56 -5.58 -36.20
CA GLY B 122 -16.24 -6.08 -35.89
C GLY B 122 -16.08 -6.49 -34.44
N TYR B 123 -17.09 -7.17 -33.91
CA TYR B 123 -17.08 -7.67 -32.55
C TYR B 123 -17.97 -8.90 -32.47
N ALA C 9 -19.83 28.13 49.49
CA ALA C 9 -18.38 27.97 49.87
C ALA C 9 -18.31 28.13 51.37
N SER C 10 -17.10 27.97 51.92
CA SER C 10 -16.79 28.10 53.36
C SER C 10 -17.90 27.65 54.32
N VAL C 11 -17.58 27.68 55.62
CA VAL C 11 -18.59 27.29 56.60
C VAL C 11 -18.49 27.84 58.06
N GLY C 12 -19.19 27.10 58.90
CA GLY C 12 -19.36 27.27 60.35
C GLY C 12 -20.56 26.33 60.27
N PHE C 13 -20.27 25.18 59.66
CA PHE C 13 -21.24 24.17 59.31
C PHE C 13 -22.71 24.21 59.75
N LYS C 14 -23.12 23.36 60.70
CA LYS C 14 -24.53 23.31 61.10
C LYS C 14 -25.36 22.84 59.88
N ALA C 15 -25.63 21.54 59.86
CA ALA C 15 -26.37 20.90 58.78
C ALA C 15 -27.80 21.45 58.62
N GLY C 16 -28.41 21.19 57.46
CA GLY C 16 -29.75 21.65 57.20
C GLY C 16 -29.99 22.20 55.79
N VAL C 17 -31.26 22.13 55.37
CA VAL C 17 -31.68 22.58 54.04
C VAL C 17 -31.19 23.94 53.45
N LYS C 18 -31.74 25.07 53.93
CA LYS C 18 -31.37 26.43 53.46
C LYS C 18 -32.11 26.82 52.14
N ASP C 19 -31.90 28.05 51.64
CA ASP C 19 -32.58 28.58 50.43
C ASP C 19 -31.65 29.15 49.32
N TYR C 20 -31.96 28.88 48.04
CA TYR C 20 -31.14 29.39 46.91
C TYR C 20 -31.26 30.91 46.80
N LYS C 21 -32.20 31.35 45.95
CA LYS C 21 -32.47 32.75 45.66
C LYS C 21 -31.25 33.66 45.81
N LEU C 22 -31.04 34.15 47.01
CA LEU C 22 -29.89 35.00 47.26
C LEU C 22 -28.72 34.01 47.23
N THR C 23 -27.92 34.12 46.17
CA THR C 23 -26.72 33.31 45.90
C THR C 23 -26.64 33.07 44.39
N TYR C 24 -27.77 32.74 43.77
CA TYR C 24 -27.80 32.46 42.34
C TYR C 24 -28.44 33.49 41.44
N TYR C 25 -29.19 34.43 41.99
CA TYR C 25 -29.76 35.49 41.16
C TYR C 25 -28.85 36.71 41.45
N THR C 26 -28.03 37.05 40.47
CA THR C 26 -27.02 38.09 40.55
C THR C 26 -27.22 39.10 39.43
N PRO C 27 -28.32 39.85 39.49
CA PRO C 27 -28.65 40.84 38.47
C PRO C 27 -27.59 41.92 38.26
N GLU C 28 -26.64 42.01 39.17
CA GLU C 28 -25.60 43.03 39.07
C GLU C 28 -24.33 42.50 38.37
N TYR C 29 -24.29 41.18 38.16
CA TYR C 29 -23.15 40.51 37.56
C TYR C 29 -22.80 41.03 36.17
N GLU C 30 -21.50 41.25 35.97
CA GLU C 30 -20.96 41.69 34.69
C GLU C 30 -20.30 40.43 34.15
N THR C 31 -20.75 39.93 33.01
CA THR C 31 -20.16 38.72 32.47
C THR C 31 -18.68 38.87 32.01
N LEU C 32 -17.92 37.78 32.16
CA LEU C 32 -16.53 37.75 31.73
C LEU C 32 -16.49 37.21 30.31
N ASP C 33 -15.48 37.62 29.56
CA ASP C 33 -15.33 37.15 28.19
C ASP C 33 -15.02 35.67 28.11
N THR C 34 -14.66 35.09 29.25
CA THR C 34 -14.36 33.67 29.35
C THR C 34 -15.57 32.82 29.78
N ASP C 35 -16.65 33.47 30.21
CA ASP C 35 -17.85 32.76 30.64
C ASP C 35 -18.65 32.13 29.49
N ILE C 36 -19.30 31.01 29.78
CA ILE C 36 -20.20 30.41 28.80
C ILE C 36 -21.55 30.97 29.28
N LEU C 37 -22.28 31.60 28.38
CA LEU C 37 -23.56 32.21 28.72
C LEU C 37 -24.70 31.37 28.10
N ALA C 38 -25.80 31.19 28.84
CA ALA C 38 -26.94 30.43 28.32
C ALA C 38 -28.21 31.25 28.42
N ALA C 39 -29.05 31.19 27.39
CA ALA C 39 -30.35 31.86 27.42
C ALA C 39 -31.40 30.75 27.49
N PHE C 40 -32.03 30.61 28.65
CA PHE C 40 -33.07 29.60 28.89
C PHE C 40 -34.46 30.24 28.83
N ARG C 41 -35.42 29.59 28.16
CA ARG C 41 -36.81 30.06 28.11
C ARG C 41 -37.45 29.28 29.29
N VAL C 42 -37.73 29.98 30.38
CA VAL C 42 -38.25 29.34 31.59
C VAL C 42 -39.75 29.57 31.78
N SER C 43 -40.48 28.47 32.02
CA SER C 43 -41.93 28.46 32.26
C SER C 43 -42.05 27.92 33.69
N PRO C 44 -42.08 28.81 34.69
CA PRO C 44 -42.20 28.38 36.08
C PRO C 44 -43.58 27.80 36.45
N GLN C 45 -43.61 27.01 37.51
CA GLN C 45 -44.87 26.46 37.99
C GLN C 45 -45.59 27.67 38.56
N PRO C 46 -46.93 27.59 38.69
CA PRO C 46 -47.71 28.70 39.24
C PRO C 46 -47.29 28.97 40.67
N GLY C 47 -47.04 30.25 40.97
CA GLY C 47 -46.63 30.60 42.31
C GLY C 47 -45.14 30.83 42.48
N VAL C 48 -44.35 30.37 41.51
CA VAL C 48 -42.91 30.56 41.58
C VAL C 48 -42.57 31.89 40.87
N PRO C 49 -42.06 32.90 41.60
CA PRO C 49 -41.73 34.15 40.92
C PRO C 49 -40.51 33.97 40.01
N PRO C 50 -40.39 34.82 38.98
CA PRO C 50 -39.28 34.77 38.02
C PRO C 50 -37.87 34.73 38.61
N GLU C 51 -37.59 35.58 39.59
CA GLU C 51 -36.26 35.61 40.20
C GLU C 51 -35.95 34.29 40.86
N GLU C 52 -36.97 33.68 41.42
CA GLU C 52 -36.86 32.41 42.10
C GLU C 52 -36.55 31.30 41.07
N ALA C 53 -37.27 31.32 39.94
CA ALA C 53 -37.09 30.35 38.85
C ALA C 53 -35.68 30.46 38.22
N GLY C 54 -35.26 31.68 37.91
CA GLY C 54 -33.95 31.93 37.34
C GLY C 54 -32.86 31.44 38.27
N ALA C 55 -33.02 31.72 39.56
CA ALA C 55 -32.04 31.29 40.54
C ALA C 55 -31.99 29.76 40.60
N ALA C 56 -33.14 29.12 40.43
CA ALA C 56 -33.23 27.64 40.46
C ALA C 56 -32.51 27.04 39.24
N VAL C 57 -32.70 27.66 38.08
CA VAL C 57 -32.06 27.18 36.87
C VAL C 57 -30.53 27.22 37.01
N ALA C 58 -30.01 28.31 37.59
CA ALA C 58 -28.59 28.51 37.81
C ALA C 58 -28.01 27.52 38.84
N ALA C 59 -28.70 27.40 39.97
CA ALA C 59 -28.30 26.50 41.06
C ALA C 59 -28.35 25.07 40.59
N GLU C 60 -29.46 24.70 39.95
CA GLU C 60 -29.66 23.34 39.45
C GLU C 60 -28.77 22.90 38.28
N SER C 61 -28.05 23.83 37.67
CA SER C 61 -27.15 23.48 36.58
C SER C 61 -25.71 23.75 36.97
N SER C 62 -25.46 23.87 38.27
CA SER C 62 -24.12 24.12 38.80
C SER C 62 -23.98 23.56 40.22
N THR C 63 -23.76 24.44 41.21
CA THR C 63 -23.52 24.03 42.60
C THR C 63 -24.67 23.89 43.61
N GLY C 64 -25.92 24.13 43.22
CA GLY C 64 -27.01 24.04 44.17
C GLY C 64 -27.22 22.65 44.75
N THR C 65 -27.25 22.54 46.07
CA THR C 65 -27.44 21.26 46.73
C THR C 65 -28.75 21.40 47.52
N TRP C 66 -29.46 20.30 47.76
CA TRP C 66 -30.72 20.36 48.51
C TRP C 66 -30.58 20.56 50.04
N THR C 67 -29.37 20.29 50.56
CA THR C 67 -29.11 20.44 51.99
C THR C 67 -27.62 20.77 52.05
N THR C 68 -27.27 21.64 52.99
CA THR C 68 -25.89 22.09 53.23
C THR C 68 -24.94 20.91 53.50
N VAL C 69 -23.78 20.94 52.85
CA VAL C 69 -22.77 19.88 53.00
C VAL C 69 -21.51 20.57 53.50
N TRP C 70 -20.79 19.95 54.43
CA TRP C 70 -19.59 20.56 55.01
C TRP C 70 -18.40 20.82 54.07
N THR C 71 -18.30 20.02 53.01
CA THR C 71 -17.19 20.12 52.06
C THR C 71 -17.13 21.43 51.29
N ASP C 72 -18.23 22.16 51.23
CA ASP C 72 -18.25 23.45 50.53
C ASP C 72 -17.23 24.42 51.13
N GLY C 73 -16.92 24.21 52.40
CA GLY C 73 -15.93 25.04 53.05
C GLY C 73 -14.48 24.76 52.66
N LEU C 74 -14.24 23.72 51.87
CA LEU C 74 -12.88 23.37 51.42
C LEU C 74 -12.52 24.07 50.11
N THR C 75 -13.50 24.80 49.55
CA THR C 75 -13.32 25.54 48.30
C THR C 75 -13.98 26.89 48.43
N ASN C 76 -13.98 27.58 47.30
CA ASN C 76 -14.60 28.85 47.14
C ASN C 76 -15.63 28.58 46.03
N LEU C 77 -16.82 28.19 46.45
CA LEU C 77 -17.90 27.87 45.53
C LEU C 77 -18.38 29.01 44.63
N ASP C 78 -18.08 30.23 45.02
CA ASP C 78 -18.49 31.38 44.24
C ASP C 78 -17.81 31.38 42.87
N ARG C 79 -16.61 30.85 42.87
CA ARG C 79 -15.76 30.76 41.70
C ARG C 79 -16.29 29.71 40.71
N TYR C 80 -17.18 28.86 41.20
CA TYR C 80 -17.72 27.72 40.44
C TYR C 80 -19.22 27.73 40.15
N LYS C 81 -19.95 28.63 40.80
CA LYS C 81 -21.40 28.67 40.61
C LYS C 81 -21.88 29.29 39.31
N GLY C 82 -23.06 28.84 38.88
CA GLY C 82 -23.70 29.40 37.69
C GLY C 82 -24.45 30.59 38.26
N ARG C 83 -24.59 31.67 37.50
CA ARG C 83 -25.29 32.84 38.02
C ARG C 83 -26.35 33.36 37.07
N CYS C 84 -27.56 33.51 37.56
CA CYS C 84 -28.64 34.09 36.75
C CYS C 84 -28.42 35.61 36.89
N TYR C 85 -27.97 36.25 35.84
CA TYR C 85 -27.65 37.66 35.89
C TYR C 85 -28.66 38.57 35.21
N HIS C 86 -29.66 37.99 34.55
CA HIS C 86 -30.67 38.77 33.87
C HIS C 86 -31.90 37.94 33.55
N ILE C 87 -33.06 38.58 33.61
CA ILE C 87 -34.34 37.94 33.35
C ILE C 87 -35.18 38.93 32.56
N GLU C 88 -35.92 38.47 31.57
CA GLU C 88 -36.78 39.37 30.83
C GLU C 88 -38.03 38.61 30.41
N PRO C 89 -39.21 39.24 30.54
CA PRO C 89 -40.47 38.58 30.15
C PRO C 89 -40.55 38.24 28.67
N VAL C 90 -41.30 37.19 28.37
CA VAL C 90 -41.52 36.79 26.99
C VAL C 90 -42.85 37.39 26.61
N ALA C 91 -42.88 38.11 25.50
CA ALA C 91 -44.09 38.74 25.04
C ALA C 91 -45.07 37.73 24.49
N GLY C 92 -46.34 37.94 24.82
CA GLY C 92 -47.39 37.07 24.32
C GLY C 92 -47.40 35.70 24.96
N GLU C 93 -46.92 35.62 26.19
CA GLU C 93 -46.89 34.36 26.91
C GLU C 93 -47.03 34.75 28.33
N GLU C 94 -47.94 34.11 29.05
CA GLU C 94 -48.02 34.48 30.46
C GLU C 94 -47.07 33.55 31.19
N ASN C 95 -46.55 34.06 32.30
CA ASN C 95 -45.59 33.33 33.10
C ASN C 95 -44.47 32.59 32.34
N GLN C 96 -43.84 33.28 31.40
CA GLN C 96 -42.72 32.72 30.65
C GLN C 96 -41.65 33.80 30.53
N TYR C 97 -40.42 33.46 30.89
CA TYR C 97 -39.31 34.42 30.87
C TYR C 97 -38.03 33.88 30.22
N ILE C 98 -37.16 34.79 29.76
CA ILE C 98 -35.86 34.39 29.26
C ILE C 98 -34.91 34.74 30.43
N CYS C 99 -34.24 33.72 30.98
CA CYS C 99 -33.26 33.89 32.07
C CYS C 99 -31.86 33.65 31.49
N TYR C 100 -30.93 34.56 31.75
CA TYR C 100 -29.57 34.45 31.25
C TYR C 100 -28.72 33.91 32.36
N VAL C 101 -27.91 32.89 32.07
CA VAL C 101 -27.07 32.27 33.09
C VAL C 101 -25.60 32.26 32.61
N ALA C 102 -24.69 32.59 33.51
CA ALA C 102 -23.26 32.59 33.19
C ALA C 102 -22.58 31.45 33.93
N TYR C 103 -21.75 30.70 33.21
CA TYR C 103 -20.99 29.57 33.74
C TYR C 103 -19.51 29.87 33.55
N PRO C 104 -18.71 29.72 34.60
CA PRO C 104 -17.26 29.97 34.55
C PRO C 104 -16.53 28.97 33.63
N LEU C 105 -15.52 29.46 32.92
CA LEU C 105 -14.75 28.64 32.00
C LEU C 105 -14.27 27.34 32.62
N ASP C 106 -13.91 27.39 33.90
CA ASP C 106 -13.36 26.23 34.64
C ASP C 106 -14.26 25.02 34.86
N LEU C 107 -15.55 25.16 34.61
CA LEU C 107 -16.47 24.03 34.80
C LEU C 107 -16.39 23.00 33.66
N PHE C 108 -15.79 23.37 32.55
CA PHE C 108 -15.80 22.53 31.37
C PHE C 108 -14.53 21.82 30.93
N GLU C 109 -14.70 20.60 30.40
CA GLU C 109 -13.54 19.88 29.89
C GLU C 109 -13.25 20.43 28.49
N GLU C 110 -11.98 20.70 28.24
CA GLU C 110 -11.55 21.26 26.97
C GLU C 110 -11.84 20.31 25.84
N GLY C 111 -12.39 20.82 24.74
CA GLY C 111 -12.65 19.99 23.58
C GLY C 111 -13.76 18.99 23.70
N SER C 112 -14.53 19.03 24.78
CA SER C 112 -15.60 18.07 24.98
C SER C 112 -17.01 18.65 24.94
N VAL C 113 -17.70 18.54 23.81
CA VAL C 113 -19.08 18.97 23.66
C VAL C 113 -19.89 18.08 24.60
N THR C 114 -19.48 16.82 24.77
CA THR C 114 -20.16 15.91 25.67
C THR C 114 -20.21 16.52 27.08
N ASN C 115 -19.07 17.05 27.55
CA ASN C 115 -19.07 17.64 28.88
C ASN C 115 -19.81 18.98 28.93
N MET C 116 -19.79 19.74 27.84
CA MET C 116 -20.48 21.02 27.82
C MET C 116 -21.99 20.84 28.00
N PHE C 117 -22.57 19.88 27.28
CA PHE C 117 -23.99 19.57 27.38
C PHE C 117 -24.33 18.92 28.72
N THR C 118 -23.50 18.02 29.21
CA THR C 118 -23.78 17.40 30.50
C THR C 118 -23.86 18.46 31.61
N SER C 119 -22.96 19.43 31.59
CA SER C 119 -22.92 20.47 32.61
C SER C 119 -24.10 21.44 32.56
N ILE C 120 -24.48 21.89 31.37
CA ILE C 120 -25.54 22.86 31.28
C ILE C 120 -26.95 22.32 31.24
N VAL C 121 -27.09 21.23 30.53
CA VAL C 121 -28.38 20.64 30.25
C VAL C 121 -28.59 19.27 30.87
N GLY C 122 -27.65 18.81 31.68
CA GLY C 122 -27.79 17.47 32.20
C GLY C 122 -28.75 17.26 33.33
N ASN C 123 -29.08 18.31 34.05
CA ASN C 123 -29.91 18.17 35.22
C ASN C 123 -31.16 19.07 35.37
N VAL C 124 -31.02 20.34 35.01
CA VAL C 124 -32.12 21.29 35.17
C VAL C 124 -33.50 21.03 34.58
N PHE C 125 -33.57 20.36 33.44
CA PHE C 125 -34.86 20.14 32.78
C PHE C 125 -35.90 19.36 33.59
N GLY C 126 -35.46 18.64 34.62
CA GLY C 126 -36.39 17.89 35.45
C GLY C 126 -36.79 18.56 36.78
N PHE C 127 -36.33 19.78 37.02
CA PHE C 127 -36.62 20.51 38.27
C PHE C 127 -38.10 20.78 38.41
N LYS C 128 -38.68 20.28 39.50
CA LYS C 128 -40.11 20.43 39.77
C LYS C 128 -40.71 21.81 39.81
N ALA C 129 -39.92 22.82 40.18
CA ALA C 129 -40.39 24.22 40.24
C ALA C 129 -40.66 24.78 38.85
N LEU C 130 -40.26 24.04 37.83
CA LEU C 130 -40.45 24.47 36.46
C LEU C 130 -41.49 23.60 35.80
N ARG C 131 -42.28 24.22 34.95
CA ARG C 131 -43.31 23.52 34.23
C ARG C 131 -42.61 23.02 32.96
N ALA C 132 -41.78 23.87 32.37
CA ALA C 132 -41.09 23.52 31.14
C ALA C 132 -39.80 24.34 31.05
N LEU C 133 -38.84 23.91 30.22
CA LEU C 133 -37.59 24.63 30.09
C LEU C 133 -37.02 24.38 28.71
N ARG C 134 -36.50 25.41 28.05
CA ARG C 134 -35.93 25.26 26.74
C ARG C 134 -34.64 26.06 26.66
N LEU C 135 -33.55 25.45 26.19
CA LEU C 135 -32.29 26.19 26.04
C LEU C 135 -32.39 26.81 24.65
N GLU C 136 -32.36 28.13 24.56
CA GLU C 136 -32.46 28.80 23.26
C GLU C 136 -31.11 29.11 22.59
N ASP C 137 -30.11 29.51 23.40
CA ASP C 137 -28.82 29.89 22.85
C ASP C 137 -27.69 29.79 23.87
N LEU C 138 -26.47 29.65 23.38
CA LEU C 138 -25.26 29.58 24.23
C LEU C 138 -24.21 30.51 23.63
N ARG C 139 -23.55 31.31 24.47
CA ARG C 139 -22.47 32.14 23.98
C ARG C 139 -21.20 31.36 24.35
N ILE C 140 -20.53 30.80 23.36
CA ILE C 140 -19.31 30.03 23.62
C ILE C 140 -18.15 31.02 23.50
N PRO C 141 -17.44 31.25 24.62
CA PRO C 141 -16.31 32.18 24.62
C PRO C 141 -15.17 31.68 23.73
N VAL C 142 -14.43 32.60 23.14
CA VAL C 142 -13.33 32.21 22.25
C VAL C 142 -12.25 31.36 22.91
N ALA C 143 -12.03 31.50 24.22
CA ALA C 143 -11.01 30.67 24.86
C ALA C 143 -11.44 29.20 24.90
N TYR C 144 -12.74 28.94 24.92
CA TYR C 144 -13.24 27.57 24.91
C TYR C 144 -13.29 27.09 23.45
N VAL C 145 -13.67 27.99 22.54
CA VAL C 145 -13.72 27.65 21.10
C VAL C 145 -12.35 27.14 20.66
N LYS C 146 -11.27 27.76 21.16
CA LYS C 146 -9.93 27.34 20.78
C LYS C 146 -9.52 25.95 21.24
N THR C 147 -10.28 25.34 22.14
CA THR C 147 -9.93 24.01 22.58
C THR C 147 -10.49 22.91 21.65
N PHE C 148 -11.27 23.29 20.64
CA PHE C 148 -11.89 22.34 19.70
C PHE C 148 -11.24 22.39 18.34
N GLN C 149 -11.32 21.29 17.60
CA GLN C 149 -10.77 21.26 16.24
C GLN C 149 -11.71 21.98 15.28
N GLY C 150 -13.00 21.80 15.48
CA GLY C 150 -13.97 22.41 14.59
C GLY C 150 -14.07 21.52 13.37
N PRO C 151 -14.65 22.02 12.28
CA PRO C 151 -14.81 21.22 11.06
C PRO C 151 -13.50 20.60 10.54
N PRO C 152 -13.54 19.37 10.03
CA PRO C 152 -12.29 18.78 9.53
C PRO C 152 -11.71 19.65 8.41
N HIS C 153 -12.58 20.24 7.59
CA HIS C 153 -12.17 21.09 6.46
C HIS C 153 -12.87 22.44 6.40
N GLY C 154 -14.20 22.45 6.35
CA GLY C 154 -14.90 23.72 6.29
C GLY C 154 -15.11 24.21 4.87
N ILE C 155 -16.01 25.19 4.76
CA ILE C 155 -16.40 25.77 3.49
C ILE C 155 -15.32 26.08 2.46
N GLN C 156 -14.39 26.95 2.81
CA GLN C 156 -13.33 27.33 1.90
C GLN C 156 -12.50 26.14 1.38
N VAL C 157 -12.04 25.28 2.27
CA VAL C 157 -11.22 24.15 1.86
C VAL C 157 -12.01 23.15 1.04
N GLU C 158 -13.27 22.92 1.40
CA GLU C 158 -14.08 21.98 0.64
C GLU C 158 -14.21 22.42 -0.82
N ARG C 159 -14.54 23.67 -1.07
CA ARG C 159 -14.66 24.16 -2.45
C ARG C 159 -13.34 24.03 -3.20
N ASP C 160 -12.24 24.24 -2.51
CA ASP C 160 -10.92 24.13 -3.13
C ASP C 160 -10.57 22.69 -3.46
N LYS C 161 -10.94 21.76 -2.60
CA LYS C 161 -10.66 20.35 -2.87
C LYS C 161 -11.51 19.88 -4.06
N LEU C 162 -12.76 20.31 -4.08
CA LEU C 162 -13.67 19.87 -5.10
C LEU C 162 -13.59 20.69 -6.37
N ASN C 163 -12.99 21.88 -6.29
CA ASN C 163 -12.85 22.78 -7.44
C ASN C 163 -14.24 23.24 -7.93
N LYS C 164 -15.14 23.55 -7.00
CA LYS C 164 -16.49 23.98 -7.33
C LYS C 164 -16.69 25.38 -6.79
N TYR C 165 -17.00 26.32 -7.67
CA TYR C 165 -17.16 27.71 -7.25
C TYR C 165 -18.36 28.42 -7.85
N GLY C 166 -18.86 29.38 -7.09
CA GLY C 166 -19.95 30.23 -7.52
C GLY C 166 -21.36 29.73 -7.66
N ARG C 167 -21.74 28.72 -6.88
CA ARG C 167 -23.08 28.19 -6.95
C ARG C 167 -23.27 27.19 -5.87
N PRO C 168 -24.52 26.97 -5.46
CA PRO C 168 -24.77 25.98 -4.42
C PRO C 168 -24.38 24.57 -4.99
N LEU C 169 -23.99 23.65 -4.10
CA LEU C 169 -23.66 22.30 -4.51
C LEU C 169 -24.99 21.54 -4.54
N LEU C 170 -25.04 20.43 -5.27
CA LEU C 170 -26.29 19.69 -5.43
C LEU C 170 -26.12 18.23 -5.09
N GLY C 171 -27.09 17.71 -4.36
CA GLY C 171 -27.06 16.33 -3.96
C GLY C 171 -28.41 15.65 -4.15
N CYS C 172 -28.44 14.35 -3.90
CA CYS C 172 -29.66 13.56 -4.08
C CYS C 172 -29.61 12.33 -3.18
N THR C 173 -30.63 12.14 -2.34
CA THR C 173 -30.68 10.97 -1.45
C THR C 173 -31.27 9.82 -2.26
N ILE C 174 -30.59 8.69 -2.22
CA ILE C 174 -31.04 7.50 -2.92
C ILE C 174 -32.24 6.92 -2.18
N LYS C 175 -33.30 6.62 -2.93
CA LYS C 175 -34.53 6.05 -2.40
C LYS C 175 -34.93 4.88 -3.31
N PRO C 176 -35.63 3.87 -2.78
CA PRO C 176 -36.05 3.78 -1.38
C PRO C 176 -34.82 3.55 -0.49
N LYS C 177 -34.86 4.05 0.75
CA LYS C 177 -33.73 3.90 1.65
C LYS C 177 -33.38 2.42 1.86
N LEU C 178 -34.38 1.60 2.14
CA LEU C 178 -34.15 0.17 2.33
C LEU C 178 -34.86 -0.61 1.27
N GLY C 179 -34.27 -1.73 0.86
CA GLY C 179 -34.91 -2.56 -0.15
C GLY C 179 -34.08 -2.84 -1.37
N LEU C 180 -33.30 -1.85 -1.81
CA LEU C 180 -32.45 -2.05 -2.97
C LEU C 180 -31.22 -2.88 -2.57
N SER C 181 -30.66 -3.58 -3.54
CA SER C 181 -29.49 -4.38 -3.29
C SER C 181 -28.34 -3.39 -3.50
N ALA C 182 -27.17 -3.68 -2.96
CA ALA C 182 -26.02 -2.79 -3.10
C ALA C 182 -25.77 -2.41 -4.56
N LYS C 183 -25.83 -3.39 -5.47
CA LYS C 183 -25.60 -3.09 -6.88
C LYS C 183 -26.67 -2.18 -7.52
N ASN C 184 -27.95 -2.45 -7.27
CA ASN C 184 -28.99 -1.59 -7.85
C ASN C 184 -28.88 -0.21 -7.22
N TYR C 185 -28.46 -0.16 -5.96
CA TYR C 185 -28.26 1.08 -5.27
C TYR C 185 -27.17 1.89 -6.01
N GLY C 186 -26.06 1.22 -6.34
CA GLY C 186 -24.99 1.88 -7.06
C GLY C 186 -25.39 2.32 -8.45
N ARG C 187 -26.25 1.56 -9.10
CA ARG C 187 -26.74 1.94 -10.43
C ARG C 187 -27.47 3.29 -10.33
N ALA C 188 -28.32 3.42 -9.33
CA ALA C 188 -29.06 4.67 -9.10
C ALA C 188 -28.07 5.83 -8.88
N VAL C 189 -27.01 5.57 -8.10
CA VAL C 189 -25.97 6.55 -7.82
C VAL C 189 -25.29 7.03 -9.12
N TYR C 190 -24.83 6.11 -9.95
CA TYR C 190 -24.20 6.50 -11.21
C TYR C 190 -25.14 7.33 -12.11
N GLU C 191 -26.41 6.92 -12.25
CA GLU C 191 -27.34 7.67 -13.10
C GLU C 191 -27.59 9.06 -12.57
N CYS C 192 -27.63 9.22 -11.24
CA CYS C 192 -27.81 10.55 -10.67
C CYS C 192 -26.58 11.47 -10.88
N LEU C 193 -25.41 10.97 -10.56
CA LEU C 193 -24.19 11.77 -10.69
C LEU C 193 -23.86 12.18 -12.13
N ARG C 194 -24.04 11.26 -13.08
CA ARG C 194 -23.70 11.56 -14.45
C ARG C 194 -24.55 12.69 -15.02
N GLY C 195 -25.70 12.94 -14.41
CA GLY C 195 -26.57 14.00 -14.88
C GLY C 195 -26.20 15.40 -14.41
N GLY C 196 -25.21 15.55 -13.52
CA GLY C 196 -24.84 16.88 -13.11
C GLY C 196 -24.89 17.21 -11.63
N LEU C 197 -25.36 16.27 -10.81
CA LEU C 197 -25.39 16.47 -9.36
C LEU C 197 -23.96 16.23 -8.90
N ASP C 198 -23.55 16.90 -7.81
CA ASP C 198 -22.20 16.75 -7.27
C ASP C 198 -22.10 15.56 -6.33
N PHE C 199 -23.16 15.33 -5.56
CA PHE C 199 -23.16 14.25 -4.59
C PHE C 199 -24.42 13.42 -4.59
N THR C 200 -24.30 12.19 -4.12
CA THR C 200 -25.45 11.34 -3.93
C THR C 200 -25.33 11.02 -2.44
N KCX C 201 -26.35 10.44 -1.83
CA KCX C 201 -26.28 10.23 -0.42
CB KCX C 201 -26.89 11.49 0.21
CG KCX C 201 -27.33 11.39 1.60
CD KCX C 201 -27.86 12.70 2.11
CE KCX C 201 -28.19 12.54 3.57
NZ KCX C 201 -29.21 11.54 3.78
C KCX C 201 -27.02 8.99 0.12
O KCX C 201 -28.03 8.56 -0.43
CX KCX C 201 -30.51 11.78 3.80
OQ1 KCX C 201 -30.96 12.93 3.61
OQ2 KCX C 201 -31.33 10.84 4.01
N ASP C 202 -26.45 8.42 1.20
CA ASP C 202 -27.07 7.30 1.91
C ASP C 202 -28.11 7.94 2.84
N ASP C 203 -29.25 7.29 2.99
CA ASP C 203 -30.26 7.77 3.88
C ASP C 203 -29.67 7.64 5.29
N GLU C 204 -30.20 8.40 6.25
CA GLU C 204 -29.69 8.32 7.61
C GLU C 204 -29.83 6.91 8.21
N ASN C 205 -30.83 6.18 7.71
CA ASN C 205 -31.12 4.80 8.18
C ASN C 205 -30.21 3.72 7.62
N VAL C 206 -29.60 4.00 6.49
CA VAL C 206 -28.72 3.06 5.80
C VAL C 206 -27.35 2.99 6.46
N ASN C 207 -27.14 1.91 7.22
CA ASN C 207 -25.88 1.70 7.93
C ASN C 207 -25.44 0.34 7.37
N SER C 208 -25.79 -0.76 8.04
CA SER C 208 -25.51 -2.12 7.53
C SER C 208 -26.71 -2.98 7.93
N GLN C 209 -27.39 -3.57 6.94
CA GLN C 209 -28.60 -4.33 7.20
C GLN C 209 -28.65 -5.60 6.39
N PRO C 210 -29.55 -6.52 6.75
CA PRO C 210 -29.64 -7.78 6.00
C PRO C 210 -29.60 -7.75 4.47
N PHE C 211 -30.37 -6.88 3.83
CA PHE C 211 -30.31 -6.91 2.37
C PHE C 211 -29.18 -6.11 1.74
N MET C 212 -28.51 -5.29 2.54
CA MET C 212 -27.42 -4.51 1.98
C MET C 212 -26.37 -4.25 3.04
N ARG C 213 -25.33 -5.08 3.07
CA ARG C 213 -24.29 -4.90 4.05
C ARG C 213 -23.46 -3.68 3.64
N TRP C 214 -22.88 -2.98 4.62
CA TRP C 214 -22.14 -1.76 4.32
C TRP C 214 -20.97 -1.85 3.32
N ARG C 215 -20.13 -2.86 3.46
CA ARG C 215 -18.96 -2.98 2.59
C ARG C 215 -19.34 -3.12 1.13
N ASP C 216 -20.35 -3.93 0.86
CA ASP C 216 -20.85 -4.11 -0.51
C ASP C 216 -21.38 -2.77 -1.05
N ARG C 217 -22.10 -2.03 -0.22
CA ARG C 217 -22.62 -0.73 -0.67
C ARG C 217 -21.49 0.25 -0.99
N PHE C 218 -20.51 0.37 -0.09
CA PHE C 218 -19.37 1.27 -0.27
C PHE C 218 -18.65 0.94 -1.59
N LEU C 219 -18.41 -0.35 -1.82
CA LEU C 219 -17.74 -0.86 -3.03
C LEU C 219 -18.47 -0.54 -4.35
N PHE C 220 -19.77 -0.77 -4.42
CA PHE C 220 -20.52 -0.48 -5.62
C PHE C 220 -20.72 1.01 -5.82
N CYS C 221 -20.87 1.74 -4.72
CA CYS C 221 -21.00 3.18 -4.80
C CYS C 221 -19.71 3.78 -5.33
N ALA C 222 -18.56 3.21 -4.97
CA ALA C 222 -17.26 3.67 -5.47
C ALA C 222 -17.18 3.45 -6.97
N GLU C 223 -17.58 2.27 -7.44
CA GLU C 223 -17.54 2.00 -8.87
C GLU C 223 -18.40 3.00 -9.65
N ALA C 224 -19.62 3.23 -9.14
CA ALA C 224 -20.59 4.17 -9.73
C ALA C 224 -20.09 5.62 -9.79
N LEU C 225 -19.55 6.11 -8.66
CA LEU C 225 -19.04 7.48 -8.61
C LEU C 225 -17.83 7.74 -9.50
N TYR C 226 -16.91 6.77 -9.58
CA TYR C 226 -15.74 6.89 -10.44
C TYR C 226 -16.15 6.89 -11.90
N LYS C 227 -17.15 6.07 -12.24
CA LYS C 227 -17.64 6.01 -13.61
C LYS C 227 -18.32 7.35 -13.98
N ALA C 228 -19.11 7.92 -13.07
CA ALA C 228 -19.77 9.21 -13.33
C ALA C 228 -18.75 10.36 -13.46
N GLN C 229 -17.70 10.31 -12.64
CA GLN C 229 -16.63 11.32 -12.66
C GLN C 229 -15.85 11.26 -13.98
N ALA C 230 -15.55 10.05 -14.43
CA ALA C 230 -14.81 9.87 -15.67
C ALA C 230 -15.67 10.34 -16.85
N GLU C 231 -16.97 10.08 -16.79
CA GLU C 231 -17.84 10.49 -17.88
C GLU C 231 -18.02 12.00 -18.00
N THR C 232 -18.28 12.67 -16.88
CA THR C 232 -18.52 14.11 -16.87
C THR C 232 -17.30 15.02 -16.74
N GLY C 233 -16.22 14.52 -16.14
CA GLY C 233 -15.06 15.36 -15.95
C GLY C 233 -15.15 16.21 -14.69
N GLU C 234 -16.28 16.16 -13.97
CA GLU C 234 -16.46 16.91 -12.74
C GLU C 234 -16.31 15.98 -11.54
N ILE C 235 -15.72 16.49 -10.46
CA ILE C 235 -15.50 15.69 -9.26
C ILE C 235 -16.83 15.35 -8.59
N LYS C 236 -16.96 14.09 -8.20
CA LYS C 236 -18.20 13.58 -7.60
C LYS C 236 -17.96 12.96 -6.25
N GLY C 237 -19.01 12.86 -5.46
CA GLY C 237 -18.91 12.23 -4.16
C GLY C 237 -20.21 11.56 -3.78
N HIS C 238 -20.12 10.61 -2.86
CA HIS C 238 -21.30 9.90 -2.34
C HIS C 238 -21.13 9.86 -0.84
N TYR C 239 -22.10 10.40 -0.07
CA TYR C 239 -21.95 10.39 1.38
C TYR C 239 -22.13 8.96 1.88
N LEU C 240 -21.01 8.30 2.16
CA LEU C 240 -21.02 6.93 2.69
C LEU C 240 -21.28 6.98 4.18
N ASN C 241 -22.44 6.47 4.60
CA ASN C 241 -22.82 6.49 6.01
C ASN C 241 -21.97 5.57 6.88
N ALA C 242 -21.23 6.16 7.82
CA ALA C 242 -20.36 5.40 8.71
C ALA C 242 -20.97 5.19 10.08
N THR C 243 -22.19 5.66 10.29
CA THR C 243 -22.87 5.53 11.59
C THR C 243 -22.96 4.04 11.92
N ALA C 244 -22.61 3.67 13.15
CA ALA C 244 -22.60 2.26 13.57
C ALA C 244 -22.91 2.11 15.04
N GLY C 245 -22.94 0.86 15.49
CA GLY C 245 -23.28 0.57 16.88
C GLY C 245 -22.19 0.85 17.90
N THR C 246 -20.93 0.76 17.49
CA THR C 246 -19.78 0.97 18.37
C THR C 246 -18.77 1.86 17.67
N CYS C 247 -17.82 2.40 18.43
CA CYS C 247 -16.77 3.22 17.86
C CYS C 247 -15.94 2.41 16.87
N GLU C 248 -15.68 1.17 17.24
CA GLU C 248 -14.89 0.26 16.41
C GLU C 248 -15.54 0.03 15.05
N ASP C 249 -16.85 -0.24 15.01
CA ASP C 249 -17.49 -0.44 13.71
C ASP C 249 -17.49 0.81 12.85
N MET C 250 -17.70 1.97 13.48
CA MET C 250 -17.71 3.27 12.78
C MET C 250 -16.33 3.50 12.13
N MET C 251 -15.27 3.26 12.88
CA MET C 251 -13.91 3.43 12.38
C MET C 251 -13.57 2.48 11.21
N LYS C 252 -14.03 1.24 11.30
CA LYS C 252 -13.84 0.26 10.22
C LYS C 252 -14.43 0.82 8.94
N ARG C 253 -15.59 1.45 9.04
CA ARG C 253 -16.25 2.00 7.86
C ARG C 253 -15.53 3.21 7.28
N ALA C 254 -15.08 4.10 8.14
CA ALA C 254 -14.33 5.28 7.69
C ALA C 254 -13.02 4.84 7.01
N VAL C 255 -12.35 3.83 7.60
CA VAL C 255 -11.10 3.31 7.06
C VAL C 255 -11.22 2.74 5.64
N PHE C 256 -12.31 2.05 5.36
CA PHE C 256 -12.51 1.50 4.03
C PHE C 256 -12.75 2.64 3.02
N ALA C 257 -13.47 3.67 3.44
CA ALA C 257 -13.73 4.84 2.57
C ALA C 257 -12.37 5.45 2.22
N ARG C 258 -11.48 5.54 3.19
CA ARG C 258 -10.12 6.05 2.99
C ARG C 258 -9.38 5.19 1.94
N GLU C 259 -9.45 3.86 2.11
CA GLU C 259 -8.82 2.91 1.21
C GLU C 259 -9.34 3.10 -0.23
N LEU C 260 -10.64 3.34 -0.38
CA LEU C 260 -11.20 3.57 -1.70
C LEU C 260 -10.79 4.91 -2.33
N GLY C 261 -10.23 5.83 -1.54
CA GLY C 261 -9.80 7.12 -2.07
C GLY C 261 -10.97 8.06 -2.33
N VAL C 262 -12.14 7.74 -1.77
CA VAL C 262 -13.31 8.59 -1.99
C VAL C 262 -13.22 9.85 -1.14
N PRO C 263 -13.98 10.89 -1.50
CA PRO C 263 -13.92 12.15 -0.77
C PRO C 263 -14.76 12.47 0.45
N ILE C 264 -15.83 11.74 0.71
CA ILE C 264 -16.71 12.12 1.80
C ILE C 264 -17.47 10.96 2.45
N VAL C 265 -17.57 11.04 3.78
CA VAL C 265 -18.31 10.08 4.60
C VAL C 265 -19.42 10.84 5.34
N MET C 266 -20.28 10.11 6.04
CA MET C 266 -21.43 10.70 6.72
C MET C 266 -21.61 10.10 8.09
N HIS C 267 -22.24 10.84 9.01
CA HIS C 267 -22.46 10.36 10.36
C HIS C 267 -23.73 11.00 10.89
N ASP C 268 -24.56 10.23 11.61
CA ASP C 268 -25.77 10.78 12.24
C ASP C 268 -25.28 11.15 13.64
N TYR C 269 -24.89 12.41 13.82
CA TYR C 269 -24.30 12.85 15.07
C TYR C 269 -25.09 12.74 16.37
N LEU C 270 -26.42 12.83 16.29
CA LEU C 270 -27.24 12.75 17.50
C LEU C 270 -27.54 11.32 17.90
N THR C 271 -27.80 10.45 16.94
CA THR C 271 -28.06 9.05 17.27
C THR C 271 -26.73 8.33 17.52
N GLY C 272 -25.67 8.74 16.80
CA GLY C 272 -24.35 8.16 17.05
C GLY C 272 -23.85 8.73 18.38
N GLY C 273 -23.94 10.04 18.54
CA GLY C 273 -23.52 10.68 19.79
C GLY C 273 -22.29 11.53 19.60
N PHE C 274 -22.12 12.54 20.44
CA PHE C 274 -20.99 13.46 20.37
C PHE C 274 -19.61 12.85 20.59
N THR C 275 -19.50 11.86 21.48
CA THR C 275 -18.21 11.25 21.74
C THR C 275 -17.69 10.54 20.46
N ALA C 276 -18.57 9.82 19.78
CA ALA C 276 -18.23 9.13 18.56
C ALA C 276 -18.06 10.12 17.42
N ASN C 277 -18.88 11.16 17.39
CA ASN C 277 -18.75 12.17 16.36
C ASN C 277 -17.41 12.89 16.36
N THR C 278 -16.91 13.22 17.56
CA THR C 278 -15.63 13.92 17.70
C THR C 278 -14.48 13.00 17.24
N THR C 279 -14.58 11.72 17.58
CA THR C 279 -13.60 10.74 17.11
C THR C 279 -13.58 10.72 15.56
N LEU C 280 -14.74 10.60 14.94
CA LEU C 280 -14.81 10.56 13.47
C LEU C 280 -14.31 11.87 12.85
N SER C 281 -14.63 13.00 13.48
CA SER C 281 -14.20 14.31 13.01
C SER C 281 -12.67 14.42 13.00
N HIS C 282 -12.05 13.92 14.06
CA HIS C 282 -10.58 13.97 14.15
C HIS C 282 -9.94 13.08 13.10
N TYR C 283 -10.54 11.92 12.88
CA TYR C 283 -10.07 10.98 11.88
C TYR C 283 -10.18 11.59 10.47
N CYS C 284 -11.31 12.25 10.18
CA CYS C 284 -11.50 12.87 8.87
C CYS C 284 -10.46 13.95 8.58
N ARG C 285 -10.12 14.76 9.58
CA ARG C 285 -9.11 15.80 9.45
C ARG C 285 -7.74 15.15 9.15
N ASP C 286 -7.41 14.10 9.89
CA ASP C 286 -6.13 13.41 9.70
C ASP C 286 -6.01 12.64 8.41
N ASN C 287 -7.14 12.37 7.77
CA ASN C 287 -7.16 11.58 6.55
C ASN C 287 -7.74 12.26 5.33
N GLY C 288 -8.03 13.54 5.43
CA GLY C 288 -8.53 14.31 4.31
C GLY C 288 -9.92 13.98 3.82
N LEU C 289 -10.76 13.48 4.70
CA LEU C 289 -12.13 13.15 4.33
C LEU C 289 -13.09 14.22 4.74
N LEU C 290 -14.01 14.57 3.84
CA LEU C 290 -15.04 15.53 4.15
C LEU C 290 -16.06 14.75 4.99
N LEU C 291 -16.78 15.45 5.86
CA LEU C 291 -17.75 14.82 6.74
C LEU C 291 -19.11 15.48 6.64
N HIS C 292 -20.09 14.75 6.13
CA HIS C 292 -21.47 15.22 6.03
C HIS C 292 -22.22 14.74 7.25
N ILE C 293 -22.87 15.67 7.92
CA ILE C 293 -23.59 15.36 9.15
C ILE C 293 -25.10 15.39 8.98
N HIS C 294 -25.75 14.30 9.36
CA HIS C 294 -27.19 14.23 9.27
C HIS C 294 -27.75 14.45 10.70
N ARG C 295 -28.82 15.23 10.81
CA ARG C 295 -29.40 15.58 12.12
C ARG C 295 -30.58 14.72 12.62
N ALA C 296 -30.61 13.46 12.18
CA ALA C 296 -31.66 12.53 12.62
C ALA C 296 -31.90 12.63 14.12
N MET C 297 -33.18 12.66 14.51
CA MET C 297 -33.64 12.76 15.89
C MET C 297 -33.72 14.18 16.45
N HIS C 298 -33.28 15.18 15.69
CA HIS C 298 -33.30 16.57 16.19
C HIS C 298 -34.69 17.05 16.65
N ALA C 299 -35.72 16.73 15.88
CA ALA C 299 -37.08 17.18 16.21
C ALA C 299 -37.66 16.60 17.51
N VAL C 300 -36.99 15.59 18.06
CA VAL C 300 -37.43 14.97 19.29
C VAL C 300 -37.12 15.97 20.40
N ILE C 301 -36.08 16.75 20.15
CA ILE C 301 -35.55 17.74 21.10
C ILE C 301 -35.86 19.22 20.82
N ASP C 302 -35.75 19.61 19.55
CA ASP C 302 -35.92 21.00 19.14
C ASP C 302 -37.25 21.50 18.59
N ARG C 303 -38.25 20.64 18.49
CA ARG C 303 -39.50 21.08 17.91
C ARG C 303 -40.41 21.97 18.74
N GLN C 304 -40.68 21.58 19.97
CA GLN C 304 -41.58 22.34 20.81
C GLN C 304 -40.93 23.59 21.36
N LYS C 305 -41.66 24.71 21.29
CA LYS C 305 -41.14 25.99 21.76
C LYS C 305 -40.95 26.15 23.26
N ASN C 306 -41.70 25.38 24.04
CA ASN C 306 -41.59 25.50 25.48
C ASN C 306 -40.62 24.55 26.17
N HIS C 307 -40.17 23.49 25.49
CA HIS C 307 -39.28 22.53 26.14
C HIS C 307 -38.31 21.85 25.18
N GLY C 308 -37.06 21.68 25.60
CA GLY C 308 -36.08 21.03 24.74
C GLY C 308 -34.91 21.95 24.53
N MET C 309 -34.30 21.87 23.34
CA MET C 309 -33.18 22.72 23.01
C MET C 309 -33.42 23.18 21.59
N HIS C 310 -33.25 24.48 21.32
CA HIS C 310 -33.45 24.94 19.95
C HIS C 310 -32.32 24.40 19.06
N PHE C 311 -32.62 24.15 17.80
CA PHE C 311 -31.61 23.65 16.89
C PHE C 311 -30.32 24.51 16.80
N ARG C 312 -30.42 25.82 16.98
CA ARG C 312 -29.21 26.67 16.89
C ARG C 312 -28.14 26.22 17.90
N VAL C 313 -28.59 25.67 19.03
CA VAL C 313 -27.65 25.17 20.02
C VAL C 313 -26.99 23.87 19.53
N LEU C 314 -27.78 22.99 18.92
CA LEU C 314 -27.27 21.73 18.38
C LEU C 314 -26.33 22.00 17.19
N ALA C 315 -26.54 23.11 16.47
CA ALA C 315 -25.71 23.49 15.33
C ALA C 315 -24.35 24.04 15.82
N LYS C 316 -24.34 24.85 16.88
CA LYS C 316 -23.07 25.36 17.42
C LYS C 316 -22.22 24.19 17.92
N ALA C 317 -22.85 23.25 18.62
CA ALA C 317 -22.17 22.08 19.15
C ALA C 317 -21.51 21.28 18.03
N LEU C 318 -22.23 21.12 16.92
CA LEU C 318 -21.68 20.39 15.79
C LEU C 318 -20.49 21.14 15.18
N ARG C 319 -20.58 22.48 15.07
CA ARG C 319 -19.45 23.25 14.52
C ARG C 319 -18.21 23.04 15.41
N LEU C 320 -18.40 22.90 16.71
CA LEU C 320 -17.26 22.68 17.61
C LEU C 320 -16.71 21.24 17.47
N SER C 321 -17.58 20.24 17.65
CA SER C 321 -17.22 18.82 17.54
C SER C 321 -16.63 18.57 16.14
N GLY C 322 -17.31 19.07 15.11
CA GLY C 322 -16.80 18.92 13.77
C GLY C 322 -17.70 18.26 12.73
N GLY C 323 -17.86 18.96 11.60
CA GLY C 323 -18.64 18.47 10.48
C GLY C 323 -18.42 19.50 9.38
N ASP C 324 -18.44 19.07 8.12
CA ASP C 324 -18.23 19.96 6.99
C ASP C 324 -19.57 20.44 6.37
N HIS C 325 -20.60 19.60 6.54
CA HIS C 325 -21.98 19.92 6.10
C HIS C 325 -22.89 19.59 7.28
N ILE C 326 -24.03 20.25 7.35
CA ILE C 326 -25.04 19.91 8.36
C ILE C 326 -26.38 20.31 7.79
N HIS C 327 -27.36 19.42 7.94
CA HIS C 327 -28.73 19.64 7.50
C HIS C 327 -29.37 20.80 8.31
N SER C 328 -29.94 21.77 7.62
CA SER C 328 -30.55 22.90 8.28
C SER C 328 -32.02 23.10 7.92
N GLY C 329 -32.63 22.12 7.25
CA GLY C 329 -34.02 22.21 6.84
C GLY C 329 -34.21 23.14 5.65
N THR C 330 -35.43 23.22 5.15
CA THR C 330 -35.72 24.08 4.03
C THR C 330 -36.40 25.31 4.61
N VAL C 331 -36.29 26.45 3.95
CA VAL C 331 -36.97 27.64 4.48
C VAL C 331 -38.34 27.67 3.82
N VAL C 332 -38.49 26.84 2.81
CA VAL C 332 -39.71 26.70 2.07
C VAL C 332 -40.85 26.21 2.99
N GLY C 333 -42.09 26.50 2.60
CA GLY C 333 -43.26 26.08 3.36
C GLY C 333 -43.45 26.68 4.75
N LYS C 334 -42.79 27.80 5.04
CA LYS C 334 -42.92 28.42 6.35
C LYS C 334 -42.96 29.91 6.22
N LEU C 335 -43.58 30.57 7.19
CA LEU C 335 -43.72 32.03 7.19
C LEU C 335 -42.40 32.72 7.58
N GLU C 336 -42.35 34.06 7.40
CA GLU C 336 -41.16 34.81 7.78
C GLU C 336 -41.01 34.57 9.30
N GLY C 337 -39.92 35.02 9.91
CA GLY C 337 -39.78 34.74 11.33
C GLY C 337 -39.15 33.38 11.42
N GLU C 338 -39.85 32.33 10.97
CA GLU C 338 -39.24 31.00 10.96
C GLU C 338 -38.17 31.03 9.86
N ARG C 339 -38.42 31.83 8.84
CA ARG C 339 -37.47 32.04 7.78
C ARG C 339 -36.28 32.82 8.39
N ASP C 340 -36.61 33.81 9.21
CA ASP C 340 -35.59 34.62 9.84
C ASP C 340 -34.75 33.85 10.85
N ILE C 341 -35.39 32.93 11.56
CA ILE C 341 -34.71 32.10 12.55
C ILE C 341 -33.68 31.17 11.87
N THR C 342 -34.09 30.59 10.74
CA THR C 342 -33.22 29.72 9.97
C THR C 342 -32.00 30.49 9.44
N LEU C 343 -32.24 31.64 8.83
CA LEU C 343 -31.17 32.48 8.30
C LEU C 343 -30.22 32.86 9.44
N GLY C 344 -30.78 32.99 10.65
CA GLY C 344 -29.99 33.32 11.82
C GLY C 344 -29.00 32.22 12.23
N PHE C 345 -29.44 30.97 12.27
CA PHE C 345 -28.50 29.92 12.64
C PHE C 345 -27.62 29.54 11.46
N VAL C 346 -28.02 29.91 10.25
CA VAL C 346 -27.20 29.67 9.07
C VAL C 346 -25.96 30.57 9.20
N ASP C 347 -26.14 31.82 9.64
CA ASP C 347 -25.02 32.73 9.84
C ASP C 347 -24.13 32.19 10.94
N LEU C 348 -24.73 31.63 11.98
CA LEU C 348 -23.99 31.06 13.09
C LEU C 348 -23.12 29.85 12.67
N LEU C 349 -23.52 29.16 11.61
CA LEU C 349 -22.78 28.01 11.09
C LEU C 349 -21.67 28.38 10.12
N ARG C 350 -21.92 29.42 9.33
CA ARG C 350 -20.96 29.82 8.31
C ARG C 350 -19.97 30.93 8.63
N ASP C 351 -20.41 31.96 9.35
CA ASP C 351 -19.59 33.13 9.60
C ASP C 351 -18.61 33.08 10.74
N ASP C 352 -17.71 34.04 10.78
CA ASP C 352 -16.72 34.10 11.82
C ASP C 352 -17.21 34.92 13.00
N TYR C 353 -18.19 35.77 12.74
CA TYR C 353 -18.71 36.65 13.77
C TYR C 353 -20.16 36.96 13.49
N THR C 354 -21.01 36.79 14.49
CA THR C 354 -22.43 37.10 14.34
C THR C 354 -22.88 37.91 15.56
N GLU C 355 -23.34 39.11 15.27
CA GLU C 355 -23.82 40.04 16.27
C GLU C 355 -25.20 39.62 16.80
N LYS C 356 -25.45 39.89 18.07
CA LYS C 356 -26.72 39.61 18.72
C LYS C 356 -27.86 40.20 17.86
N ASP C 357 -28.95 39.44 17.66
CA ASP C 357 -30.08 39.89 16.86
C ASP C 357 -31.32 39.08 17.24
N ARG C 358 -32.08 39.58 18.21
CA ARG C 358 -33.29 38.91 18.67
C ARG C 358 -34.35 38.69 17.58
N SER C 359 -34.34 39.50 16.52
CA SER C 359 -35.31 39.31 15.46
C SER C 359 -35.04 37.99 14.72
N ARG C 360 -33.82 37.47 14.85
CA ARG C 360 -33.45 36.22 14.20
C ARG C 360 -33.15 35.11 15.19
N GLY C 361 -33.51 35.31 16.45
CA GLY C 361 -33.27 34.31 17.47
C GLY C 361 -31.84 34.20 17.98
N ILE C 362 -31.02 35.19 17.69
CA ILE C 362 -29.61 35.21 18.13
C ILE C 362 -29.54 36.02 19.44
N TYR C 363 -29.46 35.31 20.55
CA TYR C 363 -29.40 35.92 21.86
C TYR C 363 -28.04 36.45 22.29
N PHE C 364 -26.97 35.97 21.67
CA PHE C 364 -25.64 36.41 22.04
C PHE C 364 -24.82 36.68 20.83
N THR C 365 -23.86 37.62 20.96
CA THR C 365 -22.94 37.88 19.86
C THR C 365 -21.98 36.68 19.95
N GLN C 366 -21.64 36.09 18.81
CA GLN C 366 -20.77 34.93 18.81
C GLN C 366 -19.59 35.10 17.87
N SER C 367 -18.39 34.85 18.39
CA SER C 367 -17.16 34.94 17.59
C SER C 367 -16.61 33.53 17.47
N TRP C 368 -15.95 33.23 16.37
CA TRP C 368 -15.42 31.91 16.20
C TRP C 368 -13.90 31.85 16.06
N VAL C 369 -13.22 33.00 16.16
CA VAL C 369 -11.77 33.06 16.04
C VAL C 369 -11.18 32.12 14.98
N SER C 370 -11.69 32.27 13.76
CA SER C 370 -11.27 31.52 12.59
C SER C 370 -11.57 30.04 12.50
N THR C 371 -12.46 29.53 13.34
CA THR C 371 -12.89 28.14 13.25
C THR C 371 -13.66 28.14 11.95
N PRO C 372 -13.37 27.18 11.05
CA PRO C 372 -14.04 27.09 9.75
C PRO C 372 -15.55 27.03 9.83
N GLY C 373 -16.21 27.53 8.79
CA GLY C 373 -17.65 27.50 8.73
C GLY C 373 -18.10 26.17 8.21
N VAL C 374 -19.38 25.86 8.45
CA VAL C 374 -20.04 24.62 8.04
C VAL C 374 -21.06 24.96 6.93
N LEU C 375 -21.09 24.14 5.89
CA LEU C 375 -22.01 24.28 4.77
C LEU C 375 -23.42 23.79 5.18
N PRO C 376 -24.46 24.67 5.11
CA PRO C 376 -25.80 24.19 5.49
C PRO C 376 -26.40 23.40 4.31
N VAL C 377 -27.17 22.37 4.62
CA VAL C 377 -27.77 21.50 3.60
C VAL C 377 -29.30 21.66 3.64
N ALA C 378 -29.88 22.14 2.55
CA ALA C 378 -31.34 22.33 2.45
C ALA C 378 -31.91 21.03 1.87
N SER C 379 -32.84 20.40 2.56
CA SER C 379 -33.40 19.13 2.10
C SER C 379 -34.85 18.95 2.58
N GLY C 380 -35.68 18.26 1.81
CA GLY C 380 -37.03 18.03 2.26
C GLY C 380 -38.14 18.55 1.37
N GLY C 381 -38.63 17.68 0.49
CA GLY C 381 -39.73 18.01 -0.40
C GLY C 381 -39.51 19.10 -1.43
N ILE C 382 -38.25 19.37 -1.76
CA ILE C 382 -37.97 20.40 -2.73
C ILE C 382 -37.82 19.86 -4.16
N HIS C 383 -38.13 20.71 -5.14
CA HIS C 383 -38.00 20.35 -6.57
C HIS C 383 -37.64 21.61 -7.34
N VAL C 384 -37.48 21.47 -8.64
CA VAL C 384 -37.05 22.58 -9.51
C VAL C 384 -37.67 23.95 -9.29
N TRP C 385 -38.94 24.01 -8.88
CA TRP C 385 -39.59 25.30 -8.71
C TRP C 385 -39.14 26.08 -7.49
N HIS C 386 -38.50 25.41 -6.54
CA HIS C 386 -38.04 26.12 -5.35
C HIS C 386 -36.66 26.67 -5.59
N MET C 387 -36.06 26.35 -6.74
CA MET C 387 -34.69 26.77 -6.99
C MET C 387 -34.38 28.25 -6.83
N PRO C 388 -35.19 29.16 -7.43
CA PRO C 388 -34.89 30.59 -7.27
C PRO C 388 -34.91 31.00 -5.80
N ALA C 389 -35.89 30.49 -5.06
CA ALA C 389 -36.06 30.78 -3.65
C ALA C 389 -34.88 30.31 -2.82
N LEU C 390 -34.47 29.06 -3.01
CA LEU C 390 -33.35 28.47 -2.28
C LEU C 390 -32.05 29.21 -2.54
N THR C 391 -31.80 29.56 -3.79
CA THR C 391 -30.60 30.30 -4.18
C THR C 391 -30.61 31.69 -3.52
N GLU C 392 -31.77 32.31 -3.49
CA GLU C 392 -31.94 33.63 -2.88
C GLU C 392 -31.72 33.55 -1.37
N ILE C 393 -32.40 32.62 -0.72
CA ILE C 393 -32.30 32.46 0.73
C ILE C 393 -30.92 32.01 1.23
N PHE C 394 -30.36 30.94 0.65
CA PHE C 394 -29.08 30.41 1.12
C PHE C 394 -27.83 30.98 0.49
N GLY C 395 -27.94 31.48 -0.73
CA GLY C 395 -26.75 32.00 -1.37
C GLY C 395 -25.94 30.82 -1.90
N ASP C 396 -24.72 31.10 -2.33
CA ASP C 396 -23.86 30.07 -2.88
C ASP C 396 -23.39 29.02 -1.94
N ASP C 397 -23.09 29.39 -0.70
CA ASP C 397 -22.57 28.41 0.24
C ASP C 397 -23.63 27.57 0.93
N SER C 398 -24.14 26.61 0.19
CA SER C 398 -25.16 25.69 0.67
C SER C 398 -25.15 24.44 -0.21
N VAL C 399 -25.77 23.37 0.26
CA VAL C 399 -25.90 22.15 -0.54
C VAL C 399 -27.41 21.95 -0.67
N LEU C 400 -27.91 21.87 -1.89
CA LEU C 400 -29.34 21.65 -2.06
C LEU C 400 -29.52 20.17 -2.43
N GLN C 401 -30.33 19.46 -1.66
CA GLN C 401 -30.55 18.03 -1.86
C GLN C 401 -31.92 17.68 -2.33
N PHE C 402 -31.98 16.89 -3.40
CA PHE C 402 -33.24 16.49 -4.02
C PHE C 402 -33.35 14.99 -4.12
N GLY C 403 -34.13 14.37 -3.22
CA GLY C 403 -34.31 12.92 -3.27
C GLY C 403 -35.42 12.62 -4.26
N GLY C 404 -36.66 12.83 -3.83
CA GLY C 404 -37.80 12.61 -4.71
C GLY C 404 -37.74 13.59 -5.87
N GLY C 405 -37.17 14.76 -5.63
CA GLY C 405 -37.05 15.75 -6.67
C GLY C 405 -36.13 15.30 -7.79
N THR C 406 -35.39 14.21 -7.62
CA THR C 406 -34.52 13.73 -8.69
C THR C 406 -34.99 12.37 -9.22
N LEU C 407 -35.17 11.41 -8.30
CA LEU C 407 -35.59 10.05 -8.64
C LEU C 407 -37.06 9.99 -9.06
N GLY C 408 -37.75 11.13 -8.95
CA GLY C 408 -39.14 11.20 -9.31
C GLY C 408 -39.33 11.79 -10.70
N HIS C 409 -38.26 12.16 -11.37
CA HIS C 409 -38.37 12.72 -12.71
C HIS C 409 -38.87 11.61 -13.65
N PRO C 410 -39.79 11.96 -14.57
CA PRO C 410 -40.37 11.00 -15.53
C PRO C 410 -39.40 10.27 -16.45
N TRP C 411 -38.27 10.87 -16.79
CA TRP C 411 -37.33 10.21 -17.68
C TRP C 411 -36.20 9.44 -16.95
N GLY C 412 -36.18 9.53 -15.63
CA GLY C 412 -35.14 8.85 -14.84
C GLY C 412 -34.22 9.79 -14.08
N ASN C 413 -33.22 9.18 -13.42
CA ASN C 413 -32.22 9.87 -12.61
C ASN C 413 -31.35 10.89 -13.35
N ALA C 414 -30.74 10.46 -14.44
CA ALA C 414 -29.86 11.35 -15.19
C ALA C 414 -30.60 12.63 -15.65
N PRO C 415 -31.77 12.48 -16.33
CA PRO C 415 -32.48 13.69 -16.76
C PRO C 415 -32.98 14.44 -15.53
N GLY C 416 -33.29 13.73 -14.47
CA GLY C 416 -33.73 14.36 -13.23
C GLY C 416 -32.61 15.25 -12.71
N ALA C 417 -31.39 14.77 -12.82
CA ALA C 417 -30.21 15.50 -12.36
C ALA C 417 -29.97 16.72 -13.25
N VAL C 418 -30.07 16.53 -14.56
CA VAL C 418 -29.86 17.61 -15.54
C VAL C 418 -30.86 18.74 -15.29
N ALA C 419 -32.11 18.37 -15.04
CA ALA C 419 -33.14 19.35 -14.78
C ALA C 419 -32.74 20.21 -13.58
N ASN C 420 -32.29 19.59 -12.50
CA ASN C 420 -31.88 20.34 -11.31
C ASN C 420 -30.64 21.19 -11.52
N ARG C 421 -29.65 20.67 -12.24
CA ARG C 421 -28.41 21.39 -12.51
C ARG C 421 -28.66 22.59 -13.45
N VAL C 422 -29.49 22.40 -14.47
CA VAL C 422 -29.83 23.49 -15.39
C VAL C 422 -30.63 24.56 -14.63
N ALA C 423 -31.66 24.15 -13.90
CA ALA C 423 -32.50 25.07 -13.12
C ALA C 423 -31.59 25.91 -12.20
N LEU C 424 -30.67 25.27 -11.46
CA LEU C 424 -29.76 26.00 -10.58
C LEU C 424 -28.86 26.98 -11.33
N GLU C 425 -28.25 26.54 -12.43
CA GLU C 425 -27.36 27.40 -13.21
C GLU C 425 -28.09 28.55 -13.88
N ALA C 426 -29.35 28.34 -14.24
CA ALA C 426 -30.15 29.40 -14.85
C ALA C 426 -30.34 30.50 -13.78
N CYS C 427 -30.63 30.10 -12.55
CA CYS C 427 -30.83 31.04 -11.47
C CYS C 427 -29.57 31.79 -11.10
N VAL C 428 -28.46 31.09 -11.07
CA VAL C 428 -27.18 31.69 -10.73
C VAL C 428 -26.82 32.74 -11.81
N GLN C 429 -26.96 32.37 -13.08
CA GLN C 429 -26.64 33.29 -14.17
C GLN C 429 -27.51 34.55 -14.08
N ALA C 430 -28.81 34.36 -13.82
CA ALA C 430 -29.78 35.46 -13.72
C ALA C 430 -29.47 36.41 -12.59
N ARG C 431 -29.17 35.83 -11.42
CA ARG C 431 -28.82 36.61 -10.23
C ARG C 431 -27.55 37.41 -10.54
N ASN C 432 -26.59 36.77 -11.18
CA ASN C 432 -25.33 37.42 -11.50
C ASN C 432 -25.55 38.54 -12.49
N GLU C 433 -26.56 38.42 -13.35
CA GLU C 433 -26.86 39.46 -14.33
C GLU C 433 -27.66 40.57 -13.67
N GLY C 434 -28.00 40.41 -12.40
CA GLY C 434 -28.74 41.45 -11.73
C GLY C 434 -30.25 41.23 -11.66
N ARG C 435 -30.71 40.07 -12.11
CA ARG C 435 -32.14 39.79 -12.06
C ARG C 435 -32.59 39.50 -10.63
N ASP C 436 -33.82 39.84 -10.32
CA ASP C 436 -34.36 39.63 -9.00
C ASP C 436 -34.98 38.25 -8.90
N LEU C 437 -34.30 37.33 -8.20
CA LEU C 437 -34.78 35.95 -8.04
C LEU C 437 -36.12 35.91 -7.32
N ALA C 438 -36.30 36.80 -6.36
CA ALA C 438 -37.53 36.85 -5.59
C ALA C 438 -38.74 37.22 -6.46
N ARG C 439 -38.55 38.12 -7.40
CA ARG C 439 -39.64 38.56 -8.24
C ARG C 439 -39.73 37.82 -9.57
N GLU C 440 -38.57 37.51 -10.15
CA GLU C 440 -38.53 36.86 -11.45
C GLU C 440 -38.22 35.35 -11.51
N GLY C 441 -38.22 34.69 -10.36
CA GLY C 441 -37.91 33.27 -10.30
C GLY C 441 -38.60 32.37 -11.30
N ASN C 442 -39.94 32.41 -11.31
CA ASN C 442 -40.73 31.59 -12.22
C ASN C 442 -40.47 31.88 -13.69
N THR C 443 -40.16 33.14 -13.99
CA THR C 443 -39.86 33.53 -15.36
C THR C 443 -38.50 33.01 -15.78
N ILE C 444 -37.55 33.04 -14.84
CA ILE C 444 -36.20 32.52 -15.10
C ILE C 444 -36.29 31.02 -15.39
N ILE C 445 -37.05 30.28 -14.57
CA ILE C 445 -37.23 28.84 -14.81
C ILE C 445 -37.90 28.59 -16.17
N ARG C 446 -39.02 29.25 -16.44
CA ARG C 446 -39.74 29.05 -17.71
C ARG C 446 -38.88 29.31 -18.93
N GLU C 447 -38.06 30.35 -18.90
CA GLU C 447 -37.20 30.63 -20.05
C GLU C 447 -36.24 29.46 -20.31
N ALA C 448 -35.75 28.84 -19.24
CA ALA C 448 -34.82 27.72 -19.37
C ALA C 448 -35.49 26.48 -19.96
N THR C 449 -36.78 26.30 -19.71
CA THR C 449 -37.49 25.16 -20.25
C THR C 449 -37.51 25.23 -21.78
N LYS C 450 -37.45 26.44 -22.32
CA LYS C 450 -37.45 26.62 -23.77
C LYS C 450 -36.29 25.90 -24.43
N TRP C 451 -35.18 25.77 -23.73
CA TRP C 451 -34.06 25.11 -24.36
C TRP C 451 -33.63 23.83 -23.64
N SER C 452 -34.32 23.48 -22.56
CA SER C 452 -34.00 22.27 -21.82
C SER C 452 -35.20 21.37 -21.69
N PRO C 453 -35.28 20.32 -22.52
CA PRO C 453 -36.38 19.35 -22.52
C PRO C 453 -36.48 18.66 -21.17
N GLU C 454 -35.31 18.41 -20.57
CA GLU C 454 -35.23 17.76 -19.27
C GLU C 454 -35.90 18.62 -18.21
N LEU C 455 -35.58 19.92 -18.22
CA LEU C 455 -36.17 20.85 -17.27
C LEU C 455 -37.66 21.02 -17.54
N ALA C 456 -38.03 21.13 -18.82
CA ALA C 456 -39.43 21.28 -19.23
C ALA C 456 -40.26 20.08 -18.74
N ALA C 457 -39.69 18.88 -18.85
CA ALA C 457 -40.36 17.67 -18.40
C ALA C 457 -40.62 17.70 -16.90
N ALA C 458 -39.62 18.15 -16.14
CA ALA C 458 -39.74 18.25 -14.69
C ALA C 458 -40.80 19.30 -14.28
N CYS C 459 -40.74 20.46 -14.91
CA CYS C 459 -41.67 21.54 -14.63
C CYS C 459 -43.11 21.11 -14.83
N GLU C 460 -43.35 20.20 -15.77
CA GLU C 460 -44.69 19.69 -16.03
C GLU C 460 -45.21 18.84 -14.88
N VAL C 461 -44.31 18.03 -14.28
CA VAL C 461 -44.70 17.14 -13.19
C VAL C 461 -44.99 17.84 -11.87
N TRP C 462 -44.15 18.81 -11.51
CA TRP C 462 -44.32 19.51 -10.24
C TRP C 462 -44.88 20.90 -10.30
N LYS C 463 -45.67 21.21 -9.28
CA LYS C 463 -46.28 22.52 -9.02
C LYS C 463 -46.54 23.34 -10.26
N MET D 1 -39.37 10.85 -24.09
CA MET D 1 -38.30 10.44 -23.13
C MET D 1 -36.96 10.45 -23.85
N GLN D 2 -36.09 11.36 -23.43
CA GLN D 2 -34.77 11.47 -24.04
C GLN D 2 -33.74 10.85 -23.10
N VAL D 3 -32.69 10.25 -23.67
CA VAL D 3 -31.61 9.62 -22.90
C VAL D 3 -30.42 10.57 -22.91
N TRP D 4 -29.97 10.97 -21.72
CA TRP D 4 -28.84 11.89 -21.61
C TRP D 4 -27.61 11.30 -22.29
N PRO D 5 -27.01 12.04 -23.23
CA PRO D 5 -25.84 11.52 -23.93
C PRO D 5 -24.66 11.09 -23.04
N ILE D 6 -23.87 10.20 -23.62
CA ILE D 6 -22.71 9.60 -22.98
C ILE D 6 -21.36 10.04 -23.56
N LEU D 7 -21.31 10.25 -24.87
CA LEU D 7 -20.06 10.63 -25.53
C LEU D 7 -19.87 12.12 -25.68
N ASN D 8 -18.63 12.56 -25.46
CA ASN D 8 -18.25 13.97 -25.58
C ASN D 8 -19.19 14.89 -24.83
N LEU D 9 -19.50 14.54 -23.58
CA LEU D 9 -20.40 15.33 -22.75
C LEU D 9 -19.69 15.78 -21.46
N LYS D 10 -18.40 16.05 -21.58
CA LYS D 10 -17.60 16.51 -20.46
C LYS D 10 -18.04 17.94 -20.12
N LYS D 11 -18.06 18.25 -18.83
CA LYS D 11 -18.50 19.56 -18.37
C LYS D 11 -17.40 20.30 -17.65
N TYR D 12 -17.62 21.59 -17.39
CA TYR D 12 -16.58 22.42 -16.77
C TYR D 12 -17.08 23.24 -15.60
N GLU D 13 -17.82 22.57 -14.72
CA GLU D 13 -18.40 23.21 -13.55
C GLU D 13 -19.35 24.37 -13.83
N THR D 14 -19.40 25.34 -12.92
CA THR D 14 -20.35 26.43 -13.01
C THR D 14 -20.58 27.08 -14.36
N LEU D 15 -21.86 27.08 -14.73
CA LEU D 15 -22.39 27.63 -15.99
C LEU D 15 -22.17 26.74 -17.20
N SER D 16 -21.51 25.61 -17.03
CA SER D 16 -21.25 24.75 -18.18
C SER D 16 -22.47 23.95 -18.68
N TYR D 17 -23.58 23.96 -17.94
CA TYR D 17 -24.80 23.26 -18.39
C TYR D 17 -25.77 24.18 -19.15
N LEU D 18 -25.36 25.43 -19.29
CA LEU D 18 -26.15 26.43 -20.00
C LEU D 18 -25.60 26.55 -21.43
N PRO D 19 -26.39 27.15 -22.34
CA PRO D 19 -25.83 27.28 -23.70
C PRO D 19 -24.64 28.22 -23.56
N PRO D 20 -23.61 28.05 -24.39
CA PRO D 20 -22.44 28.92 -24.29
C PRO D 20 -22.78 30.43 -24.23
N LEU D 21 -22.06 31.14 -23.36
CA LEU D 21 -22.28 32.56 -23.15
C LEU D 21 -21.93 33.40 -24.36
N THR D 22 -22.77 34.39 -24.63
CA THR D 22 -22.52 35.32 -25.72
C THR D 22 -21.57 36.34 -25.11
N THR D 23 -20.97 37.18 -25.94
CA THR D 23 -20.06 38.21 -25.48
C THR D 23 -20.74 39.11 -24.45
N ASP D 24 -22.04 39.38 -24.65
CA ASP D 24 -22.80 40.23 -23.74
C ASP D 24 -23.00 39.54 -22.40
N GLN D 25 -23.34 38.26 -22.46
CA GLN D 25 -23.55 37.45 -21.24
C GLN D 25 -22.23 37.32 -20.47
N LEU D 26 -21.17 37.09 -21.23
CA LEU D 26 -19.82 36.97 -20.74
C LEU D 26 -19.43 38.27 -20.02
N ALA D 27 -19.71 39.39 -20.66
CA ALA D 27 -19.42 40.70 -20.08
C ALA D 27 -20.24 40.93 -18.80
N ARG D 28 -21.47 40.43 -18.79
CA ARG D 28 -22.33 40.58 -17.61
C ARG D 28 -21.82 39.77 -16.42
N GLN D 29 -21.24 38.60 -16.68
CA GLN D 29 -20.69 37.79 -15.61
C GLN D 29 -19.43 38.49 -15.07
N VAL D 30 -18.67 39.11 -15.97
CA VAL D 30 -17.48 39.83 -15.53
C VAL D 30 -17.87 41.05 -14.69
N ASP D 31 -18.97 41.71 -15.06
CA ASP D 31 -19.39 42.85 -14.27
C ASP D 31 -19.81 42.44 -12.86
N TYR D 32 -20.35 41.22 -12.73
CA TYR D 32 -20.76 40.68 -11.43
C TYR D 32 -19.53 40.66 -10.52
N LEU D 33 -18.41 40.16 -11.05
CA LEU D 33 -17.14 40.11 -10.30
C LEU D 33 -16.71 41.49 -9.84
N LEU D 34 -16.62 42.42 -10.80
CA LEU D 34 -16.19 43.79 -10.54
C LEU D 34 -17.09 44.48 -9.52
N ASN D 35 -18.38 44.34 -9.70
CA ASN D 35 -19.31 44.98 -8.76
C ASN D 35 -19.16 44.43 -7.36
N ASN D 36 -18.62 43.22 -7.22
CA ASN D 36 -18.44 42.62 -5.89
C ASN D 36 -17.03 42.84 -5.38
N LYS D 37 -16.21 43.56 -6.14
CA LYS D 37 -14.83 43.83 -5.75
C LYS D 37 -13.96 42.59 -5.79
N TRP D 38 -14.27 41.66 -6.69
CA TRP D 38 -13.49 40.45 -6.83
C TRP D 38 -12.51 40.64 -7.98
N VAL D 39 -11.32 40.08 -7.83
CA VAL D 39 -10.29 40.23 -8.84
C VAL D 39 -10.35 39.17 -9.93
N PRO D 40 -10.58 39.61 -11.18
CA PRO D 40 -10.64 38.64 -12.27
C PRO D 40 -9.26 38.12 -12.72
N CYS D 41 -9.22 36.91 -13.23
CA CYS D 41 -7.99 36.33 -13.73
C CYS D 41 -8.35 35.24 -14.72
N LEU D 42 -7.48 35.00 -15.69
CA LEU D 42 -7.73 33.96 -16.68
C LEU D 42 -6.77 32.79 -16.49
N GLU D 43 -7.23 31.61 -16.82
CA GLU D 43 -6.45 30.36 -16.73
C GLU D 43 -6.70 29.59 -18.00
N PHE D 44 -5.69 28.86 -18.47
CA PHE D 44 -5.86 28.07 -19.67
C PHE D 44 -5.22 26.71 -19.48
N GLU D 45 -5.69 25.74 -20.25
CA GLU D 45 -5.18 24.39 -20.20
C GLU D 45 -5.26 23.82 -21.61
N THR D 46 -4.16 23.26 -22.08
CA THR D 46 -4.11 22.69 -23.42
C THR D 46 -4.20 21.17 -23.40
N ASP D 47 -3.70 20.55 -22.33
CA ASP D 47 -3.73 19.10 -22.21
C ASP D 47 -5.03 18.45 -21.76
N HIS D 48 -5.24 18.31 -20.45
CA HIS D 48 -6.50 17.70 -20.01
C HIS D 48 -7.34 18.75 -19.34
N GLY D 49 -8.46 19.10 -19.96
CA GLY D 49 -9.33 20.09 -19.38
C GLY D 49 -10.23 19.54 -18.29
N PHE D 50 -10.04 18.27 -17.91
CA PHE D 50 -10.85 17.64 -16.87
C PHE D 50 -10.02 16.93 -15.79
N VAL D 51 -10.65 16.71 -14.66
CA VAL D 51 -10.01 16.06 -13.53
C VAL D 51 -9.63 14.59 -13.79
N TYR D 52 -8.46 14.22 -13.27
CA TYR D 52 -7.96 12.86 -13.38
C TYR D 52 -7.08 12.57 -12.18
N ARG D 53 -6.56 11.34 -12.10
CA ARG D 53 -5.73 10.91 -10.99
C ARG D 53 -4.52 10.14 -11.43
N GLU D 54 -3.40 10.82 -11.55
CA GLU D 54 -2.19 10.17 -11.97
C GLU D 54 -1.15 10.02 -10.90
N HIS D 55 -0.91 11.09 -10.15
CA HIS D 55 0.15 11.09 -9.16
C HIS D 55 -0.15 10.59 -7.77
N HIS D 56 -1.42 10.45 -7.40
CA HIS D 56 -1.77 9.97 -6.06
C HIS D 56 -3.27 9.66 -6.08
N ASN D 57 -3.73 8.89 -5.11
CA ASN D 57 -5.13 8.45 -5.00
C ASN D 57 -5.81 8.65 -3.65
N SER D 58 -5.16 9.30 -2.70
CA SER D 58 -5.77 9.47 -1.38
C SER D 58 -6.96 10.44 -1.41
N PRO D 59 -7.84 10.38 -0.39
CA PRO D 59 -8.99 11.30 -0.40
C PRO D 59 -8.66 12.78 -0.60
N GLY D 60 -9.42 13.43 -1.48
CA GLY D 60 -9.21 14.84 -1.73
C GLY D 60 -8.08 15.18 -2.68
N TYR D 61 -7.35 14.16 -3.16
CA TYR D 61 -6.28 14.41 -4.10
C TYR D 61 -6.75 14.10 -5.50
N TYR D 62 -6.59 15.05 -6.41
CA TYR D 62 -6.94 14.87 -7.82
C TYR D 62 -5.93 15.69 -8.61
N ASP D 63 -5.62 15.25 -9.82
CA ASP D 63 -4.75 16.01 -10.70
C ASP D 63 -5.71 16.70 -11.68
N GLY D 64 -5.20 17.70 -12.36
CA GLY D 64 -6.00 18.44 -13.34
C GLY D 64 -6.84 19.58 -12.80
N ARG D 65 -6.75 19.86 -11.51
CA ARG D 65 -7.53 20.94 -10.91
C ARG D 65 -6.87 22.30 -11.19
N TYR D 66 -5.55 22.33 -11.11
CA TYR D 66 -4.79 23.54 -11.43
C TYR D 66 -4.59 23.65 -12.93
N TRP D 67 -4.83 24.82 -13.48
CA TRP D 67 -4.57 25.11 -14.87
C TRP D 67 -3.46 26.16 -14.78
N THR D 68 -3.05 26.73 -15.91
CA THR D 68 -2.00 27.74 -15.85
C THR D 68 -2.53 29.15 -16.03
N MET D 69 -2.03 30.03 -15.17
CA MET D 69 -2.44 31.41 -15.14
C MET D 69 -2.03 32.18 -16.41
N TRP D 70 -2.96 32.95 -16.96
CA TRP D 70 -2.67 33.78 -18.13
C TRP D 70 -2.29 35.13 -17.50
N LYS D 71 -1.01 35.49 -17.57
CA LYS D 71 -0.57 36.73 -16.97
C LYS D 71 -0.78 36.76 -15.44
N LEU D 72 -1.41 37.81 -14.90
CA LEU D 72 -1.63 37.92 -13.45
C LEU D 72 -3.07 38.30 -13.17
N PRO D 73 -3.55 38.16 -11.91
CA PRO D 73 -4.94 38.56 -11.62
C PRO D 73 -5.01 40.03 -12.04
N MET D 74 -6.18 40.51 -12.42
CA MET D 74 -6.30 41.89 -12.87
C MET D 74 -6.70 42.87 -11.80
N PHE D 75 -5.76 43.12 -10.88
CA PHE D 75 -5.98 44.05 -9.79
C PHE D 75 -6.36 45.41 -10.34
N GLY D 76 -7.25 46.11 -9.64
CA GLY D 76 -7.68 47.42 -10.09
C GLY D 76 -8.51 47.51 -11.37
N CYS D 77 -8.69 46.38 -12.06
CA CYS D 77 -9.47 46.36 -13.29
C CYS D 77 -10.84 46.93 -12.99
N THR D 78 -11.32 47.84 -13.82
CA THR D 78 -12.64 48.43 -13.60
C THR D 78 -13.52 48.31 -14.81
N ASP D 79 -12.99 47.70 -15.87
CA ASP D 79 -13.77 47.61 -17.07
C ASP D 79 -13.77 46.22 -17.65
N PRO D 80 -14.97 45.63 -17.78
CA PRO D 80 -15.17 44.30 -18.33
C PRO D 80 -14.49 44.15 -19.67
N ALA D 81 -14.34 45.27 -20.38
CA ALA D 81 -13.68 45.24 -21.68
C ALA D 81 -12.22 44.80 -21.55
N GLN D 82 -11.55 45.26 -20.50
CA GLN D 82 -10.14 44.88 -20.27
C GLN D 82 -10.04 43.34 -20.22
N VAL D 83 -10.88 42.75 -19.37
CA VAL D 83 -10.91 41.30 -19.20
C VAL D 83 -11.14 40.59 -20.53
N LEU D 84 -12.18 41.00 -21.25
CA LEU D 84 -12.52 40.39 -22.54
C LEU D 84 -11.45 40.56 -23.62
N ASN D 85 -10.67 41.62 -23.52
CA ASN D 85 -9.57 41.85 -24.48
C ASN D 85 -8.54 40.77 -24.22
N GLU D 86 -8.27 40.52 -22.95
CA GLU D 86 -7.32 39.49 -22.56
C GLU D 86 -7.76 38.11 -23.02
N LEU D 87 -9.07 37.85 -22.91
CA LEU D 87 -9.60 36.56 -23.36
C LEU D 87 -9.27 36.43 -24.84
N GLU D 88 -9.31 37.55 -25.57
CA GLU D 88 -8.98 37.55 -26.99
C GLU D 88 -7.49 37.27 -27.24
N GLU D 89 -6.62 37.93 -26.47
CA GLU D 89 -5.18 37.68 -26.61
C GLU D 89 -4.91 36.21 -26.32
N CYS D 90 -5.50 35.70 -25.25
CA CYS D 90 -5.29 34.30 -24.86
C CYS D 90 -5.73 33.32 -25.95
N LYS D 91 -6.92 33.57 -26.50
CA LYS D 91 -7.46 32.71 -27.57
C LYS D 91 -6.54 32.79 -28.79
N LYS D 92 -6.03 33.98 -29.07
CA LYS D 92 -5.13 34.21 -30.19
C LYS D 92 -3.92 33.31 -30.02
N GLU D 93 -3.36 33.30 -28.81
CA GLU D 93 -2.19 32.50 -28.52
C GLU D 93 -2.45 31.02 -28.28
N TYR D 94 -3.57 30.68 -27.65
CA TYR D 94 -3.86 29.29 -27.39
C TYR D 94 -5.25 28.89 -27.89
N PRO D 95 -5.45 28.88 -29.22
CA PRO D 95 -6.73 28.53 -29.84
C PRO D 95 -7.11 27.07 -29.57
N ASN D 96 -6.14 26.31 -29.07
CA ASN D 96 -6.32 24.92 -28.79
C ASN D 96 -6.53 24.65 -27.31
N ALA D 97 -6.57 25.71 -26.50
CA ALA D 97 -6.72 25.54 -25.07
C ALA D 97 -8.09 25.88 -24.55
N PHE D 98 -8.43 25.32 -23.39
CA PHE D 98 -9.69 25.64 -22.73
C PHE D 98 -9.31 26.87 -21.91
N ILE D 99 -10.18 27.86 -21.86
CA ILE D 99 -9.86 29.06 -21.10
C ILE D 99 -11.02 29.30 -20.16
N ARG D 100 -10.74 29.66 -18.92
CA ARG D 100 -11.80 29.95 -17.98
C ARG D 100 -11.49 31.23 -17.22
N ILE D 101 -12.54 31.90 -16.78
CA ILE D 101 -12.34 33.11 -16.01
C ILE D 101 -12.59 32.73 -14.57
N ILE D 102 -11.70 33.17 -13.70
CA ILE D 102 -11.84 32.90 -12.28
C ILE D 102 -11.75 34.25 -11.58
N GLY D 103 -12.17 34.29 -10.33
CA GLY D 103 -12.13 35.52 -9.58
C GLY D 103 -11.65 35.22 -8.17
N PHE D 104 -10.98 36.20 -7.56
CA PHE D 104 -10.49 36.05 -6.20
C PHE D 104 -11.13 37.11 -5.34
N ASP D 105 -11.51 36.70 -4.15
CA ASP D 105 -12.10 37.57 -3.18
C ASP D 105 -10.99 37.69 -2.13
N SER D 106 -10.31 38.84 -2.13
CA SER D 106 -9.22 39.09 -1.19
C SER D 106 -9.69 39.23 0.26
N ASN D 107 -10.97 39.48 0.46
CA ASN D 107 -11.48 39.62 1.82
C ASN D 107 -11.73 38.25 2.44
N ARG D 108 -12.34 37.35 1.66
CA ARG D 108 -12.58 35.98 2.12
C ARG D 108 -11.25 35.23 1.89
N GLU D 109 -10.32 35.91 1.23
CA GLU D 109 -8.99 35.40 0.94
C GLU D 109 -9.02 34.07 0.20
N VAL D 110 -9.92 33.95 -0.76
CA VAL D 110 -10.03 32.70 -1.51
C VAL D 110 -10.47 32.89 -2.94
N GLN D 111 -10.14 31.92 -3.80
CA GLN D 111 -10.62 31.94 -5.17
C GLN D 111 -12.14 31.77 -4.95
N CYS D 112 -12.97 32.51 -5.66
CA CYS D 112 -14.40 32.39 -5.41
C CYS D 112 -15.25 32.10 -6.62
N ILE D 113 -14.70 32.23 -7.82
CA ILE D 113 -15.51 31.94 -9.00
C ILE D 113 -14.66 31.23 -10.03
N SER D 114 -15.33 30.57 -10.96
CA SER D 114 -14.68 29.84 -12.01
C SER D 114 -15.72 29.41 -13.06
N PHE D 115 -15.62 29.94 -14.28
CA PHE D 115 -16.53 29.56 -15.35
C PHE D 115 -15.82 29.50 -16.70
N ILE D 116 -16.13 28.46 -17.47
CA ILE D 116 -15.51 28.26 -18.78
C ILE D 116 -15.88 29.42 -19.73
N ALA D 117 -14.87 30.07 -20.30
CA ALA D 117 -15.12 31.17 -21.22
C ALA D 117 -14.82 30.77 -22.66
N TYR D 118 -14.04 29.72 -22.86
CA TYR D 118 -13.70 29.29 -24.20
C TYR D 118 -13.32 27.84 -24.24
N LYS D 119 -13.90 27.12 -25.19
CA LYS D 119 -13.61 25.69 -25.40
C LYS D 119 -13.11 25.54 -26.81
N PRO D 120 -12.05 24.78 -27.00
CA PRO D 120 -11.56 24.61 -28.35
C PRO D 120 -12.58 23.83 -29.18
N ALA D 121 -12.44 23.92 -30.50
CA ALA D 121 -13.34 23.28 -31.46
C ALA D 121 -13.61 21.81 -31.15
N GLY D 122 -14.88 21.46 -31.18
CA GLY D 122 -15.28 20.10 -30.91
C GLY D 122 -15.31 19.76 -29.43
N TYR D 123 -15.84 20.68 -28.62
CA TYR D 123 -15.96 20.48 -27.19
C TYR D 123 -17.13 21.31 -26.69
N ALA E 9 39.90 15.25 42.60
CA ALA E 9 39.84 13.76 42.85
C ALA E 9 40.38 13.53 44.25
N SER E 10 40.37 12.26 44.67
CA SER E 10 40.88 11.81 45.98
C SER E 10 40.69 12.78 47.15
N VAL E 11 41.05 12.32 48.35
CA VAL E 11 40.91 13.20 49.50
C VAL E 11 41.84 12.96 50.75
N GLY E 12 41.33 13.55 51.83
CA GLY E 12 41.88 13.56 53.20
C GLY E 12 40.94 14.73 53.49
N PHE E 13 39.66 14.48 53.17
CA PHE E 13 38.60 15.44 53.22
C PHE E 13 38.75 16.86 53.79
N LYS E 14 38.17 17.12 54.97
CA LYS E 14 38.22 18.49 55.52
C LYS E 14 37.45 19.42 54.56
N ALA E 15 36.18 19.65 54.91
CA ALA E 15 35.28 20.49 54.13
C ALA E 15 35.76 21.93 54.00
N GLY E 16 35.22 22.66 53.02
CA GLY E 16 35.59 24.04 52.81
C GLY E 16 35.75 24.46 51.35
N VAL E 17 35.56 25.75 51.10
CA VAL E 17 35.65 26.34 49.76
C VAL E 17 36.82 25.95 48.78
N LYS E 18 38.03 26.48 49.02
CA LYS E 18 39.22 26.23 48.17
C LYS E 18 39.26 27.11 46.90
N ASP E 19 40.31 27.00 46.08
CA ASP E 19 40.51 27.83 44.85
C ASP E 19 40.78 27.04 43.55
N TYR E 20 40.19 27.47 42.41
CA TYR E 20 40.39 26.80 41.11
C TYR E 20 41.82 26.99 40.61
N LYS E 21 42.02 28.02 39.80
CA LYS E 21 43.30 28.37 39.19
C LYS E 21 44.22 27.18 38.96
N LEU E 22 45.02 26.85 39.97
CA LEU E 22 45.90 25.71 39.86
C LEU E 22 44.94 24.52 39.95
N THR E 23 44.78 23.84 38.81
CA THR E 23 43.93 22.66 38.61
C THR E 23 43.31 22.73 37.22
N TYR E 24 42.83 23.91 36.84
CA TYR E 24 42.19 24.09 35.55
C TYR E 24 42.94 24.87 34.49
N TYR E 25 44.00 25.58 34.87
CA TYR E 25 44.80 26.27 33.86
C TYR E 25 46.06 25.37 33.72
N THR E 26 46.13 24.68 32.59
CA THR E 26 47.17 23.70 32.30
C THR E 26 47.85 24.06 30.99
N PRO E 27 48.58 25.17 30.98
CA PRO E 27 49.28 25.64 29.77
C PRO E 27 50.27 24.65 29.17
N GLU E 28 50.60 23.61 29.92
CA GLU E 28 51.56 22.63 29.44
C GLU E 28 50.87 21.42 28.77
N TYR E 29 49.55 21.36 28.90
CA TYR E 29 48.74 20.26 28.35
C TYR E 29 48.89 20.08 26.85
N GLU E 30 49.06 18.82 26.46
CA GLU E 30 49.15 18.44 25.05
C GLU E 30 47.79 17.80 24.78
N THR E 31 47.02 18.36 23.87
CA THR E 31 45.70 17.79 23.59
C THR E 31 45.74 16.38 22.95
N LEU E 32 44.74 15.58 23.28
CA LEU E 32 44.61 14.22 22.72
C LEU E 32 43.72 14.33 21.49
N ASP E 33 43.92 13.43 20.55
CA ASP E 33 43.10 13.40 19.34
C ASP E 33 41.66 13.06 19.61
N THR E 34 41.39 12.56 20.82
CA THR E 34 40.05 12.20 21.23
C THR E 34 39.33 13.32 22.01
N ASP E 35 40.07 14.38 22.37
CA ASP E 35 39.49 15.49 23.11
C ASP E 35 38.58 16.39 22.26
N ILE E 36 37.57 16.97 22.89
CA ILE E 36 36.73 17.95 22.21
C ILE E 36 37.39 19.26 22.69
N LEU E 37 37.77 20.11 21.74
CA LEU E 37 38.43 21.37 22.06
C LEU E 37 37.45 22.53 21.81
N ALA E 38 37.47 23.53 22.68
CA ALA E 38 36.60 24.69 22.51
C ALA E 38 37.42 25.99 22.55
N ALA E 39 37.09 26.93 21.67
CA ALA E 39 37.73 28.23 21.67
C ALA E 39 36.66 29.22 22.15
N PHE E 40 36.84 29.73 23.37
CA PHE E 40 35.92 30.71 23.97
C PHE E 40 36.53 32.11 23.91
N ARG E 41 35.71 33.11 23.55
CA ARG E 41 36.14 34.51 23.54
C ARG E 41 35.70 35.00 24.94
N VAL E 42 36.66 35.18 25.84
CA VAL E 42 36.34 35.55 27.22
C VAL E 42 36.61 37.02 27.51
N SER E 43 35.61 37.68 28.12
CA SER E 43 35.65 39.09 28.52
C SER E 43 35.50 39.04 30.03
N PRO E 44 36.62 39.00 30.78
CA PRO E 44 36.56 38.94 32.23
C PRO E 44 36.08 40.25 32.89
N GLN E 45 35.60 40.14 34.12
CA GLN E 45 35.18 41.32 34.86
C GLN E 45 36.50 42.02 35.18
N PRO E 46 36.45 43.32 35.48
CA PRO E 46 37.67 44.09 35.81
C PRO E 46 38.30 43.52 37.07
N GLY E 47 39.60 43.28 37.00
CA GLY E 47 40.30 42.74 38.15
C GLY E 47 40.57 41.25 38.08
N VAL E 48 39.88 40.55 37.18
CA VAL E 48 40.09 39.12 37.03
C VAL E 48 41.19 38.91 35.97
N PRO E 49 42.36 38.34 36.36
CA PRO E 49 43.40 38.14 35.34
C PRO E 49 42.99 37.03 34.37
N PRO E 50 43.54 37.05 33.15
CA PRO E 50 43.24 36.05 32.12
C PRO E 50 43.36 34.59 32.53
N GLU E 51 44.44 34.22 33.22
CA GLU E 51 44.64 32.83 33.64
C GLU E 51 43.53 32.41 34.58
N GLU E 52 43.09 33.35 35.39
CA GLU E 52 42.03 33.11 36.36
C GLU E 52 40.70 32.89 35.62
N ALA E 53 40.43 33.72 34.62
CA ALA E 53 39.21 33.63 33.80
C ALA E 53 39.15 32.30 33.01
N GLY E 54 40.26 31.96 32.35
CA GLY E 54 40.36 30.73 31.58
C GLY E 54 40.13 29.54 32.48
N ALA E 55 40.73 29.55 33.66
CA ALA E 55 40.57 28.47 34.61
C ALA E 55 39.12 28.35 35.04
N ALA E 56 38.44 29.50 35.19
CA ALA E 56 37.03 29.54 35.59
C ALA E 56 36.13 28.94 34.51
N VAL E 57 36.42 29.26 33.25
CA VAL E 57 35.65 28.74 32.14
C VAL E 57 35.74 27.21 32.08
N ALA E 58 36.94 26.67 32.30
CA ALA E 58 37.19 25.24 32.30
C ALA E 58 36.50 24.52 33.47
N ALA E 59 36.68 25.07 34.67
CA ALA E 59 36.09 24.53 35.91
C ALA E 59 34.59 24.58 35.83
N GLU E 60 34.06 25.73 35.43
CA GLU E 60 32.63 25.95 35.33
C GLU E 60 31.90 25.17 34.22
N SER E 61 32.64 24.55 33.30
CA SER E 61 32.03 23.77 32.24
C SER E 61 32.40 22.31 32.38
N SER E 62 32.85 21.92 33.58
CA SER E 62 33.23 20.54 33.87
C SER E 62 33.07 20.23 35.37
N THR E 63 34.16 19.93 36.06
CA THR E 63 34.13 19.53 37.47
C THR E 63 34.25 20.56 38.62
N GLY E 64 34.38 21.84 38.32
CA GLY E 64 34.53 22.82 39.38
C GLY E 64 33.34 22.92 40.32
N THR E 65 33.58 22.80 41.60
CA THR E 65 32.51 22.87 42.59
C THR E 65 32.84 24.09 43.46
N TRP E 66 31.83 24.73 44.05
CA TRP E 66 32.08 25.91 44.91
C TRP E 66 32.67 25.60 46.31
N THR E 67 32.55 24.35 46.75
CA THR E 67 33.06 23.93 48.04
C THR E 67 33.42 22.46 47.85
N THR E 68 34.50 22.04 48.48
CA THR E 68 35.00 20.66 48.44
C THR E 68 33.93 19.64 48.90
N VAL E 69 33.80 18.55 48.13
CA VAL E 69 32.82 17.51 48.44
C VAL E 69 33.62 16.21 48.59
N TRP E 70 33.27 15.39 49.56
CA TRP E 70 34.01 14.14 49.82
C TRP E 70 34.02 13.07 48.71
N THR E 71 32.98 13.06 47.90
CA THR E 71 32.83 12.07 46.83
C THR E 71 33.89 12.14 45.74
N ASP E 72 34.58 13.26 45.63
CA ASP E 72 35.64 13.40 44.62
C ASP E 72 36.74 12.36 44.84
N GLY E 73 36.87 11.90 46.07
CA GLY E 73 37.85 10.87 46.38
C GLY E 73 37.48 9.47 45.91
N LEU E 74 36.27 9.28 45.39
CA LEU E 74 35.82 7.97 44.89
C LEU E 74 36.16 7.79 43.40
N THR E 75 36.72 8.83 42.80
CA THR E 75 37.11 8.82 41.39
C THR E 75 38.44 9.50 41.25
N ASN E 76 38.81 9.66 39.98
CA ASN E 76 40.00 10.34 39.57
C ASN E 76 39.45 11.46 38.69
N LEU E 77 39.18 12.59 39.34
CA LEU E 77 38.62 13.75 38.66
C LEU E 77 39.49 14.36 37.56
N ASP E 78 40.78 14.07 37.58
CA ASP E 78 41.68 14.60 36.57
C ASP E 78 41.33 14.07 35.19
N ARG E 79 40.82 12.86 35.19
CA ARG E 79 40.43 12.14 33.98
C ARG E 79 39.16 12.74 33.37
N TYR E 80 38.46 13.54 34.16
CA TYR E 80 37.17 14.12 33.78
C TYR E 80 37.09 15.64 33.67
N LYS E 81 38.13 16.33 34.16
CA LYS E 81 38.11 17.79 34.13
C LYS E 81 38.36 18.43 32.78
N GLY E 82 37.82 19.63 32.61
CA GLY E 82 38.04 20.42 31.39
C GLY E 82 39.34 21.15 31.72
N ARG E 83 40.18 21.41 30.73
CA ARG E 83 41.45 22.08 31.01
C ARG E 83 41.70 23.26 30.09
N CYS E 84 41.97 24.42 30.66
CA CYS E 84 42.31 25.60 29.85
C CYS E 84 43.81 25.42 29.58
N TYR E 85 44.16 25.10 28.35
CA TYR E 85 45.55 24.83 28.01
C TYR E 85 46.23 25.94 27.24
N HIS E 86 45.50 26.97 26.87
CA HIS E 86 46.07 28.08 26.12
C HIS E 86 45.18 29.31 26.17
N ILE E 87 45.82 30.47 26.20
CA ILE E 87 45.12 31.75 26.26
C ILE E 87 45.87 32.71 25.34
N GLU E 88 45.17 33.54 24.60
CA GLU E 88 45.84 34.50 23.75
C GLU E 88 44.99 35.76 23.68
N PRO E 89 45.63 36.95 23.79
CA PRO E 89 44.88 38.21 23.73
C PRO E 89 44.18 38.45 22.40
N VAL E 90 43.08 39.19 22.46
CA VAL E 90 42.33 39.54 21.27
C VAL E 90 42.82 40.93 20.90
N ALA E 91 43.22 41.10 19.66
CA ALA E 91 43.71 42.38 19.20
C ALA E 91 42.57 43.38 19.02
N GLY E 92 42.86 44.61 19.45
CA GLY E 92 41.89 45.68 19.32
C GLY E 92 40.73 45.58 20.27
N GLU E 93 40.98 44.96 21.41
CA GLU E 93 39.95 44.80 22.42
C GLU E 93 40.68 44.81 23.71
N GLU E 94 40.25 45.61 24.67
CA GLU E 94 40.96 45.55 25.94
C GLU E 94 40.27 44.48 26.77
N ASN E 95 41.05 43.87 27.64
CA ASN E 95 40.56 42.80 28.49
C ASN E 95 39.65 41.75 27.82
N GLN E 96 40.08 41.25 26.67
CA GLN E 96 39.34 40.20 25.96
C GLN E 96 40.36 39.18 25.45
N TYR E 97 40.12 37.92 25.75
CA TYR E 97 41.05 36.84 25.35
C TYR E 97 40.38 35.63 24.72
N ILE E 98 41.14 34.85 23.95
CA ILE E 98 40.63 33.59 23.42
C ILE E 98 41.27 32.53 24.34
N CYS E 99 40.44 31.78 25.06
CA CYS E 99 40.88 30.69 25.95
C CYS E 99 40.50 29.35 25.30
N TYR E 100 41.47 28.43 25.20
CA TYR E 100 41.22 27.13 24.59
C TYR E 100 41.01 26.15 25.70
N VAL E 101 39.95 25.34 25.59
CA VAL E 101 39.62 24.36 26.63
C VAL E 101 39.48 22.96 26.01
N ALA E 102 40.03 21.96 26.69
CA ALA E 102 39.97 20.59 26.22
C ALA E 102 39.05 19.79 27.14
N TYR E 103 38.15 19.02 26.54
CA TYR E 103 37.20 18.17 27.26
C TYR E 103 37.44 16.72 26.83
N PRO E 104 37.58 15.81 27.79
CA PRO E 104 37.81 14.39 27.50
C PRO E 104 36.61 13.73 26.79
N LEU E 105 36.91 12.82 25.87
CA LEU E 105 35.88 12.12 25.12
C LEU E 105 34.79 11.54 25.99
N ASP E 106 35.16 11.04 27.15
CA ASP E 106 34.25 10.37 28.10
C ASP E 106 33.13 11.20 28.72
N LEU E 107 33.18 12.52 28.60
CA LEU E 107 32.14 13.37 29.17
C LEU E 107 30.85 13.39 28.35
N PHE E 108 30.93 12.91 27.11
CA PHE E 108 29.81 13.03 26.19
C PHE E 108 29.01 11.80 25.81
N GLU E 109 27.71 11.98 25.65
CA GLU E 109 26.88 10.86 25.19
C GLU E 109 27.05 10.75 23.68
N GLU E 110 27.25 9.52 23.23
CA GLU E 110 27.46 9.24 21.82
C GLU E 110 26.25 9.63 21.00
N GLY E 111 26.46 10.31 19.88
CA GLY E 111 25.36 10.67 19.02
C GLY E 111 24.41 11.73 19.52
N SER E 112 24.72 12.36 20.63
CA SER E 112 23.84 13.38 21.18
C SER E 112 24.39 14.81 21.16
N VAL E 113 23.99 15.61 20.18
CA VAL E 113 24.37 17.00 20.09
C VAL E 113 23.74 17.68 21.31
N THR E 114 22.57 17.21 21.74
CA THR E 114 21.92 17.76 22.93
C THR E 114 22.87 17.67 24.12
N ASN E 115 23.51 16.52 24.31
CA ASN E 115 24.43 16.39 25.44
C ASN E 115 25.72 17.16 25.22
N MET E 116 26.18 17.28 23.99
CA MET E 116 27.40 18.02 23.71
C MET E 116 27.27 19.50 24.11
N PHE E 117 26.16 20.12 23.73
CA PHE E 117 25.89 21.51 24.08
C PHE E 117 25.60 21.67 25.56
N THR E 118 24.85 20.77 26.16
CA THR E 118 24.60 20.88 27.59
C THR E 118 25.90 20.88 28.40
N SER E 119 26.84 20.02 28.02
CA SER E 119 28.11 19.90 28.73
C SER E 119 29.02 21.11 28.56
N ILE E 120 29.14 21.63 27.36
CA ILE E 120 30.07 22.73 27.14
C ILE E 120 29.52 24.11 27.41
N VAL E 121 28.29 24.30 27.01
CA VAL E 121 27.64 25.58 27.05
C VAL E 121 26.48 25.68 28.02
N GLY E 122 26.25 24.64 28.80
CA GLY E 122 25.09 24.68 29.66
C GLY E 122 25.16 25.50 30.91
N ASN E 123 26.37 25.79 31.36
CA ASN E 123 26.54 26.48 32.63
C ASN E 123 27.44 27.73 32.68
N VAL E 124 28.57 27.68 31.99
CA VAL E 124 29.52 28.78 32.02
C VAL E 124 29.11 30.21 31.68
N PHE E 125 28.17 30.39 30.77
CA PHE E 125 27.79 31.73 30.35
C PHE E 125 27.24 32.64 31.44
N GLY E 126 26.80 32.08 32.56
CA GLY E 126 26.29 32.89 33.65
C GLY E 126 27.28 33.17 34.80
N PHE E 127 28.53 32.71 34.67
CA PHE E 127 29.54 32.89 35.71
C PHE E 127 29.85 34.36 35.95
N LYS E 128 29.64 34.79 37.19
CA LYS E 128 29.85 36.19 37.58
C LYS E 128 31.20 36.83 37.32
N ALA E 129 32.26 36.04 37.34
CA ALA E 129 33.62 36.55 37.08
C ALA E 129 33.81 37.00 35.65
N LEU E 130 32.84 36.67 34.80
CA LEU E 130 32.89 37.03 33.40
C LEU E 130 31.87 38.11 33.11
N ARG E 131 32.26 39.01 32.22
CA ARG E 131 31.39 40.08 31.83
C ARG E 131 30.57 39.51 30.66
N ALA E 132 31.24 38.78 29.78
CA ALA E 132 30.59 38.20 28.61
C ALA E 132 31.37 36.97 28.16
N LEU E 133 30.74 36.10 27.37
CA LEU E 133 31.41 34.88 26.91
C LEU E 133 30.82 34.47 25.59
N ARG E 134 31.65 34.06 24.64
CA ARG E 134 31.16 33.63 23.35
C ARG E 134 31.92 32.38 22.93
N LEU E 135 31.21 31.32 22.51
CA LEU E 135 31.89 30.13 22.02
C LEU E 135 32.13 30.39 20.55
N GLU E 136 33.39 30.42 20.11
CA GLU E 136 33.70 30.68 18.70
C GLU E 136 33.83 29.43 17.83
N ASP E 137 34.42 28.36 18.39
CA ASP E 137 34.65 27.14 17.61
C ASP E 137 34.84 25.91 18.50
N LEU E 138 34.57 24.74 17.93
CA LEU E 138 34.73 23.45 18.61
C LEU E 138 35.48 22.51 17.68
N ARG E 139 36.46 21.79 18.20
CA ARG E 139 37.16 20.79 17.41
C ARG E 139 36.50 19.47 17.81
N ILE E 140 35.70 18.88 16.93
CA ILE E 140 35.04 17.61 17.23
C ILE E 140 35.96 16.52 16.74
N PRO E 141 36.47 15.69 17.66
CA PRO E 141 37.38 14.60 17.31
C PRO E 141 36.67 13.54 16.44
N VAL E 142 37.42 12.91 15.54
CA VAL E 142 36.81 11.91 14.68
C VAL E 142 36.16 10.73 15.40
N ALA E 143 36.64 10.38 16.60
CA ALA E 143 36.01 9.26 17.31
C ALA E 143 34.59 9.63 17.78
N TYR E 144 34.34 10.92 18.00
CA TYR E 144 33.01 11.36 18.41
C TYR E 144 32.17 11.56 17.14
N VAL E 145 32.81 12.06 16.08
CA VAL E 145 32.11 12.26 14.79
C VAL E 145 31.51 10.93 14.34
N LYS E 146 32.24 9.83 14.54
CA LYS E 146 31.74 8.52 14.12
C LYS E 146 30.52 8.01 14.87
N THR E 147 30.15 8.66 15.98
CA THR E 147 28.98 8.21 16.71
C THR E 147 27.67 8.83 16.16
N PHE E 148 27.78 9.74 15.19
CA PHE E 148 26.62 10.42 14.60
C PHE E 148 26.32 9.92 13.20
N GLN E 149 25.07 10.03 12.79
CA GLN E 149 24.69 9.64 11.43
C GLN E 149 25.14 10.70 10.42
N GLY E 150 25.00 11.95 10.82
CA GLY E 150 25.36 13.04 9.92
C GLY E 150 24.19 13.25 8.98
N PRO E 151 24.37 13.96 7.87
CA PRO E 151 23.29 14.22 6.93
C PRO E 151 22.57 12.96 6.44
N PRO E 152 21.24 13.01 6.27
CA PRO E 152 20.55 11.80 5.80
C PRO E 152 21.11 11.38 4.43
N HIS E 153 21.46 12.36 3.60
CA HIS E 153 21.98 12.10 2.24
C HIS E 153 23.27 12.85 1.92
N GLY E 154 23.26 14.17 2.02
CA GLY E 154 24.46 14.92 1.71
C GLY E 154 24.57 15.30 0.26
N ILE E 155 25.49 16.23 0.00
CA ILE E 155 25.71 16.79 -1.33
C ILE E 155 25.76 15.83 -2.51
N GLN E 156 26.69 14.89 -2.51
CA GLN E 156 26.83 13.96 -3.60
C GLN E 156 25.55 13.15 -3.89
N VAL E 157 24.94 12.57 -2.87
CA VAL E 157 23.75 11.76 -3.06
C VAL E 157 22.58 12.60 -3.51
N GLU E 158 22.44 13.81 -2.96
CA GLU E 158 21.34 14.67 -3.35
C GLU E 158 21.37 14.96 -4.85
N ARG E 159 22.52 15.37 -5.38
CA ARG E 159 22.63 15.65 -6.81
C ARG E 159 22.32 14.42 -7.65
N ASP E 160 22.71 13.25 -7.16
CA ASP E 160 22.44 12.00 -7.89
C ASP E 160 20.98 11.65 -7.88
N LYS E 161 20.29 11.89 -6.76
CA LYS E 161 18.87 11.59 -6.70
C LYS E 161 18.09 12.55 -7.61
N LEU E 162 18.50 13.81 -7.61
CA LEU E 162 17.81 14.82 -8.37
C LEU E 162 18.27 14.90 -9.80
N ASN E 163 19.45 14.34 -10.10
CA ASN E 163 20.01 14.35 -11.46
C ASN E 163 20.33 15.80 -11.88
N LYS E 164 20.87 16.60 -10.97
CA LYS E 164 21.19 18.00 -11.25
C LYS E 164 22.67 18.18 -11.06
N TYR E 165 23.36 18.61 -12.12
CA TYR E 165 24.81 18.78 -12.05
C TYR E 165 25.32 20.07 -12.66
N GLY E 166 26.46 20.50 -12.13
CA GLY E 166 27.17 21.67 -12.63
C GLY E 166 26.64 23.07 -12.47
N ARG E 167 25.86 23.32 -11.43
CA ARG E 167 25.32 24.65 -11.21
C ARG E 167 24.63 24.68 -9.89
N PRO E 168 24.52 25.87 -9.29
CA PRO E 168 23.82 25.97 -8.01
C PRO E 168 22.33 25.59 -8.23
N LEU E 169 21.68 25.08 -7.19
CA LEU E 169 20.27 24.75 -7.28
C LEU E 169 19.52 26.06 -6.97
N LEU E 170 18.26 26.14 -7.37
CA LEU E 170 17.49 27.37 -7.19
C LEU E 170 16.17 27.12 -6.52
N GLY E 171 15.86 27.99 -5.56
CA GLY E 171 14.62 27.87 -4.82
C GLY E 171 13.92 29.20 -4.69
N CYS E 172 12.72 29.17 -4.11
CA CYS E 172 11.90 30.37 -3.93
C CYS E 172 10.96 30.18 -2.76
N THR E 173 10.98 31.10 -1.80
CA THR E 173 10.08 31.01 -0.64
C THR E 173 8.76 31.64 -1.05
N ILE E 174 7.68 30.92 -0.79
CA ILE E 174 6.35 31.41 -1.12
C ILE E 174 5.97 32.50 -0.11
N LYS E 175 5.48 33.63 -0.65
CA LYS E 175 5.07 34.77 0.16
C LYS E 175 3.71 35.22 -0.36
N PRO E 176 2.86 35.83 0.48
CA PRO E 176 3.13 36.09 1.90
C PRO E 176 3.14 34.77 2.67
N LYS E 177 3.95 34.69 3.72
CA LYS E 177 4.03 33.46 4.51
C LYS E 177 2.66 33.03 5.05
N LEU E 178 1.94 33.97 5.64
CA LEU E 178 0.62 33.68 6.17
C LEU E 178 -0.43 34.47 5.42
N GLY E 179 -1.60 33.89 5.25
CA GLY E 179 -2.68 34.61 4.58
C GLY E 179 -3.25 33.91 3.36
N LEU E 180 -2.41 33.21 2.62
CA LEU E 180 -2.90 32.50 1.45
C LEU E 180 -3.58 31.20 1.91
N SER E 181 -4.52 30.72 1.10
CA SER E 181 -5.21 29.50 1.41
C SER E 181 -4.31 28.42 0.82
N ALA E 182 -4.43 27.19 1.28
CA ALA E 182 -3.62 26.09 0.77
C ALA E 182 -3.62 26.01 -0.74
N LYS E 183 -4.81 26.14 -1.36
CA LYS E 183 -4.89 26.08 -2.83
C LYS E 183 -4.17 27.24 -3.54
N ASN E 184 -4.37 28.47 -3.09
CA ASN E 184 -3.70 29.60 -3.75
C ASN E 184 -2.20 29.48 -3.51
N TYR E 185 -1.84 28.93 -2.36
CA TYR E 185 -0.45 28.69 -2.03
C TYR E 185 0.14 27.70 -3.08
N GLY E 186 -0.58 26.62 -3.35
CA GLY E 186 -0.12 25.66 -4.33
C GLY E 186 -0.06 26.23 -5.74
N ARG E 187 -0.96 27.13 -6.07
CA ARG E 187 -0.95 27.77 -7.38
C ARG E 187 0.38 28.53 -7.56
N ALA E 188 0.77 29.27 -6.52
CA ALA E 188 2.03 30.02 -6.55
C ALA E 188 3.21 29.05 -6.74
N VAL E 189 3.16 27.90 -6.05
CA VAL E 189 4.18 26.87 -6.15
C VAL E 189 4.31 26.36 -7.60
N TYR E 190 3.22 25.96 -8.21
CA TYR E 190 3.27 25.49 -9.58
C TYR E 190 3.83 26.55 -10.57
N GLU E 191 3.39 27.81 -10.45
CA GLU E 191 3.89 28.85 -11.35
C GLU E 191 5.37 29.08 -11.16
N CYS E 192 5.87 28.99 -9.93
CA CYS E 192 7.31 29.15 -9.69
C CYS E 192 8.14 27.99 -10.28
N LEU E 193 7.74 26.77 -9.97
CA LEU E 193 8.48 25.61 -10.45
C LEU E 193 8.51 25.44 -11.97
N ARG E 194 7.39 25.70 -12.63
CA ARG E 194 7.32 25.51 -14.06
C ARG E 194 8.25 26.45 -14.80
N GLY E 195 8.65 27.55 -14.15
CA GLY E 195 9.56 28.50 -14.78
C GLY E 195 11.03 28.12 -14.72
N GLY E 196 11.40 27.05 -14.02
CA GLY E 196 12.80 26.68 -14.01
C GLY E 196 13.49 26.58 -12.67
N LEU E 197 12.80 26.93 -11.59
CA LEU E 197 13.37 26.80 -10.24
C LEU E 197 13.27 25.32 -9.89
N ASP E 198 14.19 24.83 -9.07
CA ASP E 198 14.19 23.42 -8.68
C ASP E 198 13.29 23.18 -7.47
N PHE E 199 13.25 24.14 -6.56
CA PHE E 199 12.47 23.98 -5.35
C PHE E 199 11.67 25.22 -5.00
N THR E 200 10.60 25.00 -4.23
CA THR E 200 9.81 26.10 -3.70
C THR E 200 9.89 25.80 -2.21
N KCX E 201 9.48 26.73 -1.37
CA KCX E 201 9.64 26.51 0.05
CB KCX E 201 11.03 27.08 0.38
CG KCX E 201 11.29 27.37 1.82
CD KCX E 201 12.68 27.88 2.01
CE KCX E 201 12.92 28.04 3.49
NZ KCX E 201 11.99 29.00 4.07
C KCX E 201 8.59 27.13 0.97
O KCX E 201 8.03 28.19 0.66
CX KCX E 201 12.21 30.29 4.18
OQ1 KCX E 201 13.27 30.80 3.76
OQ2 KCX E 201 11.37 31.05 4.71
N ASP E 202 8.32 26.44 2.07
CA ASP E 202 7.42 26.92 3.12
C ASP E 202 8.28 27.89 3.96
N ASP E 203 7.68 28.97 4.41
CA ASP E 203 8.37 29.90 5.26
C ASP E 203 8.61 29.16 6.57
N GLU E 204 9.59 29.59 7.36
CA GLU E 204 9.88 28.94 8.63
C GLU E 204 8.66 28.97 9.58
N ASN E 205 7.83 29.99 9.41
CA ASN E 205 6.62 30.19 10.24
C ASN E 205 5.43 29.31 9.88
N VAL E 206 5.41 28.82 8.66
CA VAL E 206 4.33 28.00 8.13
C VAL E 206 4.43 26.57 8.63
N ASN E 207 3.60 26.24 9.60
CA ASN E 207 3.57 24.89 10.19
C ASN E 207 2.11 24.47 9.96
N SER E 208 1.23 24.71 10.92
CA SER E 208 -0.22 24.44 10.75
C SER E 208 -0.94 25.57 11.49
N GLN E 209 -1.77 26.33 10.78
CA GLN E 209 -2.45 27.47 11.36
C GLN E 209 -3.88 27.57 10.91
N PRO E 210 -4.69 28.40 11.59
CA PRO E 210 -6.10 28.53 11.21
C PRO E 210 -6.46 28.65 9.73
N PHE E 211 -5.80 29.51 8.97
CA PHE E 211 -6.20 29.63 7.59
C PHE E 211 -5.58 28.58 6.64
N MET E 212 -4.58 27.86 7.12
CA MET E 212 -3.96 26.87 6.26
C MET E 212 -3.44 25.73 7.09
N ARG E 213 -4.23 24.66 7.20
CA ARG E 213 -3.80 23.52 7.98
C ARG E 213 -2.72 22.78 7.18
N TRP E 214 -1.79 22.12 7.88
CA TRP E 214 -0.68 21.46 7.19
C TRP E 214 -1.02 20.41 6.12
N ARG E 215 -1.96 19.51 6.42
CA ARG E 215 -2.29 18.45 5.49
C ARG E 215 -2.81 18.98 4.16
N ASP E 216 -3.67 20.00 4.23
CA ASP E 216 -4.21 20.63 3.02
C ASP E 216 -3.05 21.25 2.22
N ARG E 217 -2.12 21.92 2.90
CA ARG E 217 -0.98 22.52 2.20
C ARG E 217 -0.12 21.47 1.51
N PHE E 218 0.23 20.40 2.23
CA PHE E 218 1.06 19.32 1.69
C PHE E 218 0.41 18.73 0.44
N LEU E 219 -0.89 18.48 0.51
CA LEU E 219 -1.69 17.94 -0.59
C LEU E 219 -1.74 18.81 -1.86
N PHE E 220 -1.98 20.10 -1.71
CA PHE E 220 -2.02 20.99 -2.85
C PHE E 220 -0.62 21.26 -3.41
N CYS E 221 0.36 21.30 -2.52
CA CYS E 221 1.73 21.50 -2.95
C CYS E 221 2.18 20.30 -3.77
N ALA E 222 1.72 19.09 -3.40
CA ALA E 222 2.04 17.87 -4.15
C ALA E 222 1.46 17.94 -5.55
N GLU E 223 0.19 18.34 -5.65
CA GLU E 223 -0.44 18.46 -6.96
C GLU E 223 0.32 19.44 -7.85
N ALA E 224 0.67 20.60 -7.29
CA ALA E 224 1.42 21.67 -7.99
C ALA E 224 2.80 21.22 -8.48
N LEU E 225 3.57 20.57 -7.58
CA LEU E 225 4.92 20.11 -7.94
C LEU E 225 4.93 19.02 -8.99
N TYR E 226 3.97 18.08 -8.92
CA TYR E 226 3.89 17.02 -9.92
C TYR E 226 3.49 17.58 -11.28
N LYS E 227 2.62 18.58 -11.29
CA LYS E 227 2.21 19.22 -12.52
C LYS E 227 3.40 19.98 -13.15
N ALA E 228 4.18 20.69 -12.32
CA ALA E 228 5.35 21.41 -12.83
C ALA E 228 6.43 20.45 -13.36
N GLN E 229 6.61 19.31 -12.69
CA GLN E 229 7.58 18.30 -13.09
C GLN E 229 7.19 17.66 -14.44
N ALA E 230 5.90 17.36 -14.59
CA ALA E 230 5.41 16.76 -15.81
C ALA E 230 5.56 17.76 -16.97
N GLU E 231 5.32 19.03 -16.69
CA GLU E 231 5.42 20.03 -17.74
C GLU E 231 6.85 20.28 -18.22
N THR E 232 7.78 20.44 -17.29
CA THR E 232 9.18 20.73 -17.62
C THR E 232 10.09 19.52 -17.88
N GLY E 233 9.78 18.37 -17.30
CA GLY E 233 10.63 17.22 -17.46
C GLY E 233 11.80 17.20 -16.47
N GLU E 234 11.91 18.24 -15.63
CA GLU E 234 12.97 18.32 -14.62
C GLU E 234 12.37 18.00 -13.25
N ILE E 235 13.14 17.32 -12.40
CA ILE E 235 12.68 16.94 -11.08
C ILE E 235 12.52 18.18 -10.20
N LYS E 236 11.40 18.23 -9.47
CA LYS E 236 11.07 19.37 -8.63
C LYS E 236 10.82 18.95 -7.20
N GLY E 237 10.93 19.93 -6.29
CA GLY E 237 10.66 19.66 -4.89
C GLY E 237 10.10 20.88 -4.22
N HIS E 238 9.42 20.66 -3.10
CA HIS E 238 8.85 21.75 -2.29
C HIS E 238 9.21 21.42 -0.85
N TYR E 239 9.92 22.31 -0.15
CA TYR E 239 10.29 22.01 1.24
C TYR E 239 9.05 22.09 2.10
N LEU E 240 8.48 20.92 2.42
CA LEU E 240 7.29 20.83 3.27
C LEU E 240 7.73 20.92 4.72
N ASN E 241 7.34 22.01 5.39
CA ASN E 241 7.72 22.24 6.77
C ASN E 241 7.06 21.26 7.75
N ALA E 242 7.88 20.44 8.42
CA ALA E 242 7.38 19.47 9.37
C ALA E 242 7.52 19.90 10.80
N THR E 243 8.03 21.12 11.02
CA THR E 243 8.23 21.63 12.38
C THR E 243 6.89 21.64 13.10
N ALA E 244 6.84 21.15 14.33
CA ALA E 244 5.60 21.05 15.09
C ALA E 244 5.83 21.18 16.58
N GLY E 245 4.73 21.12 17.34
CA GLY E 245 4.82 21.30 18.78
C GLY E 245 5.35 20.12 19.56
N THR E 246 5.17 18.90 19.05
CA THR E 246 5.60 17.67 19.71
C THR E 246 6.28 16.77 18.69
N CYS E 247 7.00 15.77 19.17
CA CYS E 247 7.66 14.82 18.29
C CYS E 247 6.63 14.07 17.46
N GLU E 248 5.52 13.73 18.10
CA GLU E 248 4.44 13.00 17.45
C GLU E 248 3.85 13.80 16.28
N ASP E 249 3.58 15.08 16.46
CA ASP E 249 3.04 15.86 15.34
C ASP E 249 4.04 16.00 14.20
N MET E 250 5.32 16.18 14.52
CA MET E 250 6.38 16.30 13.52
C MET E 250 6.45 15.02 12.67
N MET E 251 6.40 13.86 13.34
CA MET E 251 6.44 12.58 12.65
C MET E 251 5.23 12.35 11.74
N LYS E 252 4.05 12.74 12.20
CA LYS E 252 2.84 12.65 11.39
C LYS E 252 3.04 13.39 10.09
N ARG E 253 3.67 14.54 10.16
CA ARG E 253 3.90 15.36 8.95
C ARG E 253 4.90 14.74 8.00
N ALA E 254 5.99 14.23 8.55
CA ALA E 254 7.02 13.58 7.74
C ALA E 254 6.43 12.33 7.04
N VAL E 255 5.61 11.57 7.78
CA VAL E 255 4.98 10.37 7.26
C VAL E 255 4.06 10.63 6.06
N PHE E 256 3.30 11.72 6.09
CA PHE E 256 2.43 12.04 4.98
C PHE E 256 3.27 12.42 3.75
N ALA E 257 4.38 13.13 3.96
CA ALA E 257 5.27 13.53 2.86
C ALA E 257 5.78 12.24 2.21
N ARG E 258 6.12 11.25 3.02
CA ARG E 258 6.57 9.93 2.53
C ARG E 258 5.46 9.29 1.67
N GLU E 259 4.24 9.28 2.19
CA GLU E 259 3.08 8.73 1.49
C GLU E 259 2.89 9.41 0.12
N LEU E 260 3.08 10.72 0.06
CA LEU E 260 2.96 11.44 -1.20
C LEU E 260 4.09 11.15 -2.20
N GLY E 261 5.18 10.52 -1.75
CA GLY E 261 6.29 10.21 -2.62
C GLY E 261 7.13 11.43 -2.98
N VAL E 262 6.96 12.52 -2.24
CA VAL E 262 7.72 13.73 -2.53
C VAL E 262 9.16 13.59 -2.05
N PRO E 263 10.08 14.42 -2.57
CA PRO E 263 11.47 14.33 -2.20
C PRO E 263 12.10 15.04 -1.01
N ILE E 264 11.45 16.05 -0.45
CA ILE E 264 12.09 16.82 0.59
C ILE E 264 11.14 17.46 1.60
N VAL E 265 11.55 17.42 2.87
CA VAL E 265 10.85 18.02 3.99
C VAL E 265 11.77 19.07 4.63
N MET E 266 11.24 19.83 5.59
CA MET E 266 11.97 20.92 6.22
C MET E 266 11.75 20.92 7.71
N HIS E 267 12.70 21.47 8.46
CA HIS E 267 12.59 21.53 9.91
C HIS E 267 13.34 22.76 10.41
N ASP E 268 12.78 23.47 11.39
CA ASP E 268 13.46 24.63 12.00
C ASP E 268 14.19 24.01 13.18
N TYR E 269 15.45 23.64 12.98
CA TYR E 269 16.20 22.93 14.01
C TYR E 269 16.43 23.56 15.37
N LEU E 270 16.49 24.90 15.42
CA LEU E 270 16.72 25.59 16.70
C LEU E 270 15.44 25.79 17.50
N THR E 271 14.35 26.13 16.82
CA THR E 271 13.09 26.29 17.52
C THR E 271 12.46 24.91 17.80
N GLY E 272 12.67 23.96 16.88
CA GLY E 272 12.18 22.60 17.12
C GLY E 272 13.08 21.98 18.19
N GLY E 273 14.39 22.09 18.01
CA GLY E 273 15.33 21.57 19.00
C GLY E 273 16.11 20.40 18.46
N PHE E 274 17.31 20.16 19.00
CA PHE E 274 18.18 19.09 18.55
C PHE E 274 17.65 17.67 18.77
N THR E 275 16.93 17.44 19.86
CA THR E 275 16.40 16.10 20.12
C THR E 275 15.40 15.69 19.01
N ALA E 276 14.52 16.62 18.64
CA ALA E 276 13.53 16.39 17.61
C ALA E 276 14.20 16.38 16.25
N ASN E 277 15.20 17.23 16.05
CA ASN E 277 15.90 17.26 14.78
C ASN E 277 16.61 15.95 14.46
N THR E 278 17.24 15.33 15.46
CA THR E 278 17.97 14.07 15.27
C THR E 278 16.96 12.94 14.93
N THR E 279 15.81 12.96 15.60
CA THR E 279 14.74 12.01 15.28
C THR E 279 14.33 12.15 13.80
N LEU E 280 14.03 13.37 13.36
CA LEU E 280 13.62 13.60 11.98
C LEU E 280 14.73 13.22 10.98
N SER E 281 15.98 13.51 11.34
CA SER E 281 17.13 13.17 10.50
C SER E 281 17.24 11.66 10.29
N HIS E 282 17.02 10.91 11.36
CA HIS E 282 17.11 9.44 11.27
C HIS E 282 15.97 8.89 10.42
N TYR E 283 14.80 9.47 10.57
CA TYR E 283 13.63 9.07 9.80
C TYR E 283 13.86 9.36 8.31
N CYS E 284 14.41 10.54 7.99
CA CYS E 284 14.67 10.88 6.59
C CYS E 284 15.64 9.93 5.92
N ARG E 285 16.69 9.51 6.63
CA ARG E 285 17.67 8.55 6.12
C ARG E 285 16.97 7.20 5.84
N ASP E 286 16.15 6.76 6.78
CA ASP E 286 15.44 5.49 6.63
C ASP E 286 14.35 5.48 5.58
N ASN E 287 13.93 6.66 5.16
CA ASN E 287 12.85 6.79 4.20
C ASN E 287 13.18 7.52 2.91
N GLY E 288 14.45 7.85 2.73
CA GLY E 288 14.89 8.49 1.51
C GLY E 288 14.45 9.90 1.27
N LEU E 289 14.19 10.64 2.34
CA LEU E 289 13.76 12.02 2.24
C LEU E 289 14.91 12.98 2.47
N LEU E 290 15.00 13.98 1.61
CA LEU E 290 16.00 15.00 1.78
C LEU E 290 15.47 15.92 2.90
N LEU E 291 16.37 16.55 3.64
CA LEU E 291 15.98 17.40 4.75
C LEU E 291 16.58 18.78 4.66
N HIS E 292 15.74 19.79 4.46
CA HIS E 292 16.16 21.18 4.40
C HIS E 292 16.02 21.78 5.78
N ILE E 293 17.09 22.39 6.26
CA ILE E 293 17.10 22.95 7.60
C ILE E 293 17.08 24.48 7.61
N HIS E 294 16.12 25.04 8.32
CA HIS E 294 16.01 26.48 8.41
C HIS E 294 16.60 26.88 9.80
N ARG E 295 17.37 27.96 9.83
CA ARG E 295 18.04 28.41 11.06
C ARG E 295 17.35 29.50 11.89
N ALA E 296 16.01 29.54 11.81
CA ALA E 296 15.21 30.50 12.58
C ALA E 296 15.71 30.57 14.02
N MET E 297 15.84 31.80 14.54
CA MET E 297 16.28 32.11 15.89
C MET E 297 17.80 32.18 16.07
N HIS E 298 18.57 31.85 15.03
CA HIS E 298 20.04 31.88 15.16
C HIS E 298 20.62 33.22 15.64
N ALA E 299 20.11 34.32 15.10
CA ALA E 299 20.62 35.65 15.46
C ALA E 299 20.40 36.06 16.92
N VAL E 300 19.56 35.30 17.62
CA VAL E 300 19.28 35.58 19.02
C VAL E 300 20.53 35.19 19.78
N ILE E 301 21.24 34.21 19.23
CA ILE E 301 22.44 33.61 19.82
C ILE E 301 23.79 34.00 19.20
N ASP E 302 23.84 34.05 17.88
CA ASP E 302 25.08 34.30 17.15
C ASP E 302 25.41 35.70 16.64
N ARG E 303 24.55 36.68 16.89
CA ARG E 303 24.81 38.00 16.36
C ARG E 303 25.88 38.85 17.03
N GLN E 304 25.83 38.96 18.34
CA GLN E 304 26.77 39.79 19.06
C GLN E 304 28.13 39.13 19.19
N LYS E 305 29.19 39.89 18.93
CA LYS E 305 30.55 39.37 18.98
C LYS E 305 31.09 39.03 20.36
N ASN E 306 30.55 39.65 21.39
CA ASN E 306 31.03 39.40 22.74
C ASN E 306 30.31 38.32 23.52
N HIS E 307 29.11 37.93 23.10
CA HIS E 307 28.35 36.93 23.86
C HIS E 307 27.45 36.05 23.01
N GLY E 308 27.40 34.76 23.30
CA GLY E 308 26.55 33.85 22.54
C GLY E 308 27.38 32.74 21.97
N MET E 309 27.01 32.27 20.78
CA MET E 309 27.75 31.21 20.11
C MET E 309 27.83 31.63 18.64
N HIS E 310 29.01 31.53 18.04
CA HIS E 310 29.10 31.89 16.63
C HIS E 310 28.36 30.85 15.79
N PHE E 311 27.78 31.28 14.68
CA PHE E 311 27.07 30.35 13.82
C PHE E 311 27.88 29.12 13.36
N ARG E 312 29.20 29.23 13.21
CA ARG E 312 29.99 28.07 12.77
C ARG E 312 29.83 26.88 13.73
N VAL E 313 29.59 27.18 15.01
CA VAL E 313 29.37 26.13 15.98
C VAL E 313 27.98 25.48 15.76
N LEU E 314 26.97 26.31 15.49
CA LEU E 314 25.63 25.82 15.25
C LEU E 314 25.58 25.03 13.92
N ALA E 315 26.47 25.36 12.97
CA ALA E 315 26.54 24.67 11.70
C ALA E 315 27.21 23.28 11.86
N LYS E 316 28.26 23.17 12.67
CA LYS E 316 28.89 21.88 12.91
C LYS E 316 27.91 20.94 13.59
N ALA E 317 27.18 21.46 14.58
CA ALA E 317 26.18 20.68 15.32
C ALA E 317 25.11 20.12 14.36
N LEU E 318 24.67 20.94 13.43
CA LEU E 318 23.68 20.51 12.46
C LEU E 318 24.26 19.41 11.56
N ARG E 319 25.52 19.55 11.11
CA ARG E 319 26.13 18.53 10.26
C ARG E 319 26.16 17.19 11.02
N LEU E 320 26.36 17.22 12.32
CA LEU E 320 26.38 15.99 13.12
C LEU E 320 24.96 15.41 13.30
N SER E 321 24.04 16.22 13.81
CA SER E 321 22.64 15.83 14.03
C SER E 321 22.04 15.39 12.69
N GLY E 322 22.25 16.19 11.65
CA GLY E 322 21.76 15.84 10.34
C GLY E 322 20.85 16.82 9.62
N GLY E 323 21.23 17.12 8.38
CA GLY E 323 20.48 18.00 7.51
C GLY E 323 21.18 17.93 6.16
N ASP E 324 20.44 18.08 5.07
CA ASP E 324 21.01 18.03 3.72
C ASP E 324 21.30 19.44 3.18
N HIS E 325 20.54 20.42 3.67
CA HIS E 325 20.72 21.84 3.32
C HIS E 325 20.70 22.61 4.64
N ILE E 326 21.35 23.76 4.67
CA ILE E 326 21.27 24.64 5.84
C ILE E 326 21.52 26.05 5.35
N HIS E 327 20.68 26.96 5.83
CA HIS E 327 20.79 28.39 5.50
C HIS E 327 22.11 28.97 6.06
N SER E 328 22.86 29.64 5.21
CA SER E 328 24.12 30.22 5.63
C SER E 328 24.22 31.74 5.40
N GLY E 329 23.09 32.37 5.08
CA GLY E 329 23.07 33.80 4.83
C GLY E 329 23.65 34.15 3.46
N THR E 330 23.59 35.42 3.10
CA THR E 330 24.14 35.86 1.83
C THR E 330 25.47 36.52 2.16
N VAL E 331 26.40 36.51 1.21
CA VAL E 331 27.69 37.17 1.50
C VAL E 331 27.55 38.61 1.01
N VAL E 332 26.48 38.83 0.27
CA VAL E 332 26.15 40.13 -0.27
C VAL E 332 25.90 41.14 0.88
N GLY E 333 26.09 42.43 0.58
CA GLY E 333 25.86 43.50 1.54
C GLY E 333 26.80 43.56 2.74
N LYS E 334 27.96 42.90 2.66
CA LYS E 334 28.89 42.91 3.78
C LYS E 334 30.30 43.01 3.26
N LEU E 335 31.19 43.54 4.10
CA LEU E 335 32.60 43.73 3.74
C LEU E 335 33.38 42.41 3.79
N GLU E 336 34.62 42.42 3.27
CA GLU E 336 35.45 41.21 3.31
C GLU E 336 35.61 40.90 4.81
N GLY E 337 36.20 39.76 5.16
CA GLY E 337 36.32 39.46 6.57
C GLY E 337 35.02 38.77 6.93
N GLU E 338 33.88 39.48 6.85
CA GLU E 338 32.59 38.84 7.12
C GLU E 338 32.35 37.89 5.94
N ARG E 339 32.86 38.28 4.78
CA ARG E 339 32.79 37.46 3.58
C ARG E 339 33.70 36.24 3.84
N ASP E 340 34.88 36.51 4.41
CA ASP E 340 35.84 35.44 4.70
C ASP E 340 35.35 34.49 5.76
N ILE E 341 34.64 35.00 6.76
CA ILE E 341 34.09 34.20 7.84
C ILE E 341 33.03 33.22 7.30
N THR E 342 32.18 33.72 6.41
CA THR E 342 31.13 32.90 5.81
C THR E 342 31.74 31.79 4.95
N LEU E 343 32.70 32.13 4.10
CA LEU E 343 33.38 31.15 3.27
C LEU E 343 34.05 30.11 4.15
N GLY E 344 34.47 30.53 5.34
CA GLY E 344 35.11 29.63 6.28
C GLY E 344 34.16 28.57 6.83
N PHE E 345 32.95 28.95 7.26
CA PHE E 345 32.04 27.96 7.77
C PHE E 345 31.37 27.18 6.65
N VAL E 346 31.42 27.72 5.43
CA VAL E 346 30.89 27.03 4.27
C VAL E 346 31.79 25.82 4.02
N ASP E 347 33.12 26.00 4.14
CA ASP E 347 34.05 24.88 3.98
C ASP E 347 33.81 23.86 5.06
N LEU E 348 33.53 24.33 6.27
CA LEU E 348 33.27 23.45 7.40
C LEU E 348 32.01 22.60 7.21
N LEU E 349 31.06 23.08 6.41
CA LEU E 349 29.83 22.38 6.12
C LEU E 349 29.93 21.38 4.97
N ARG E 350 30.73 21.75 3.97
CA ARG E 350 30.86 20.93 2.79
C ARG E 350 32.02 19.94 2.69
N ASP E 351 33.19 20.34 3.17
CA ASP E 351 34.40 19.53 3.01
C ASP E 351 34.65 18.44 4.02
N ASP E 352 35.59 17.57 3.69
CA ASP E 352 35.92 16.47 4.58
C ASP E 352 37.01 16.86 5.54
N TYR E 353 37.76 17.90 5.19
CA TYR E 353 38.87 18.32 6.01
C TYR E 353 39.09 19.81 5.83
N THR E 354 39.20 20.53 6.93
CA THR E 354 39.44 21.97 6.87
C THR E 354 40.54 22.31 7.88
N GLU E 355 41.62 22.84 7.35
CA GLU E 355 42.77 23.24 8.13
C GLU E 355 42.50 24.54 8.90
N LYS E 356 43.09 24.66 10.08
CA LYS E 356 42.98 25.84 10.91
C LYS E 356 43.32 27.09 10.07
N ASP E 357 42.54 28.16 10.21
CA ASP E 357 42.76 29.39 9.44
C ASP E 357 42.07 30.55 10.17
N ARG E 358 42.81 31.22 11.05
CA ARG E 358 42.25 32.35 11.80
C ARG E 358 41.77 33.51 10.94
N SER E 359 42.28 33.64 9.71
CA SER E 359 41.81 34.72 8.85
C SER E 359 40.34 34.49 8.44
N ARG E 360 39.89 33.24 8.56
CA ARG E 360 38.51 32.91 8.23
C ARG E 360 37.69 32.47 9.42
N GLY E 361 38.22 32.68 10.62
CA GLY E 361 37.52 32.31 11.83
C GLY E 361 37.54 30.83 12.19
N ILE E 362 38.43 30.08 11.56
CA ILE E 362 38.57 28.63 11.82
C ILE E 362 39.69 28.44 12.85
N TYR E 363 39.29 28.22 14.10
CA TYR E 363 40.23 28.04 15.18
C TYR E 363 40.85 26.66 15.30
N PHE E 364 40.22 25.65 14.71
CA PHE E 364 40.77 24.29 14.80
C PHE E 364 40.71 23.62 13.48
N THR E 365 41.64 22.70 13.25
CA THR E 365 41.62 21.90 12.02
C THR E 365 40.49 20.90 12.31
N GLN E 366 39.63 20.66 11.34
CA GLN E 366 38.50 19.77 11.53
C GLN E 366 38.44 18.69 10.45
N SER E 367 38.34 17.43 10.87
CA SER E 367 38.21 16.31 9.94
C SER E 367 36.83 15.73 10.13
N TRP E 368 36.27 15.18 9.07
CA TRP E 368 34.95 14.63 9.18
C TRP E 368 34.85 13.14 8.89
N VAL E 369 36.00 12.49 8.62
CA VAL E 369 36.04 11.06 8.32
C VAL E 369 34.85 10.55 7.48
N SER E 370 34.67 11.20 6.33
CA SER E 370 33.65 10.89 5.34
C SER E 370 32.19 11.14 5.68
N THR E 371 31.93 11.93 6.72
CA THR E 371 30.55 12.32 7.04
C THR E 371 30.21 13.22 5.87
N PRO E 372 29.06 13.00 5.21
CA PRO E 372 28.62 13.80 4.07
C PRO E 372 28.58 15.30 4.34
N GLY E 373 28.79 16.07 3.28
CA GLY E 373 28.75 17.51 3.41
C GLY E 373 27.31 17.97 3.29
N VAL E 374 27.08 19.21 3.76
CA VAL E 374 25.77 19.87 3.75
C VAL E 374 25.81 21.01 2.72
N LEU E 375 24.74 21.12 1.94
CA LEU E 375 24.59 22.17 0.93
C LEU E 375 24.21 23.51 1.61
N PRO E 376 25.03 24.58 1.43
CA PRO E 376 24.67 25.85 2.07
C PRO E 376 23.60 26.54 1.21
N VAL E 377 22.67 27.25 1.87
CA VAL E 377 21.57 27.92 1.17
C VAL E 377 21.73 29.44 1.35
N ALA E 378 21.92 30.16 0.25
CA ALA E 378 22.06 31.63 0.28
C ALA E 378 20.65 32.20 0.11
N SER E 379 20.22 33.03 1.04
CA SER E 379 18.87 33.59 0.99
C SER E 379 18.81 34.97 1.66
N GLY E 380 17.95 35.86 1.19
CA GLY E 380 17.83 37.15 1.84
C GLY E 380 18.09 38.37 0.99
N GLY E 381 17.03 38.92 0.42
CA GLY E 381 17.11 40.13 -0.39
C GLY E 381 17.89 40.05 -1.68
N ILE E 382 18.08 38.85 -2.22
CA ILE E 382 18.84 38.72 -3.45
C ILE E 382 17.94 38.69 -4.70
N HIS E 383 18.50 39.15 -5.82
CA HIS E 383 17.79 39.16 -7.11
C HIS E 383 18.80 38.92 -8.22
N VAL E 384 18.33 38.90 -9.45
CA VAL E 384 19.17 38.62 -10.62
C VAL E 384 20.56 39.25 -10.70
N TRP E 385 20.72 40.46 -10.17
CA TRP E 385 22.00 41.14 -10.26
C TRP E 385 23.07 40.58 -9.34
N HIS E 386 22.68 39.83 -8.33
CA HIS E 386 23.67 39.25 -7.43
C HIS E 386 24.15 37.93 -7.96
N MET E 387 23.54 37.46 -9.05
CA MET E 387 23.88 36.13 -9.55
C MET E 387 25.36 35.86 -9.81
N PRO E 388 26.08 36.76 -10.52
CA PRO E 388 27.51 36.48 -10.78
C PRO E 388 28.29 36.37 -9.47
N ALA E 389 27.97 37.24 -8.52
CA ALA E 389 28.62 37.27 -7.22
C ALA E 389 28.39 35.98 -6.43
N LEU E 390 27.12 35.56 -6.35
CA LEU E 390 26.75 34.35 -5.62
C LEU E 390 27.42 33.11 -6.20
N THR E 391 27.43 33.01 -7.53
CA THR E 391 28.05 31.88 -8.23
C THR E 391 29.56 31.86 -7.94
N GLU E 392 30.16 33.04 -7.94
CA GLU E 392 31.58 33.18 -7.68
C GLU E 392 31.90 32.80 -6.22
N ILE E 393 31.17 33.37 -5.29
CA ILE E 393 31.40 33.11 -3.87
C ILE E 393 31.09 31.66 -3.43
N PHE E 394 29.91 31.14 -3.78
CA PHE E 394 29.53 29.80 -3.34
C PHE E 394 29.93 28.64 -4.23
N GLY E 395 30.09 28.89 -5.52
CA GLY E 395 30.43 27.81 -6.40
C GLY E 395 29.17 27.03 -6.70
N ASP E 396 29.31 25.87 -7.32
CA ASP E 396 28.19 25.04 -7.69
C ASP E 396 27.42 24.43 -6.57
N ASP E 397 28.10 24.01 -5.51
CA ASP E 397 27.40 23.36 -4.41
C ASP E 397 26.76 24.31 -3.42
N SER E 398 25.64 24.86 -3.83
CA SER E 398 24.87 25.79 -3.01
C SER E 398 23.43 25.84 -3.53
N VAL E 399 22.52 26.37 -2.73
CA VAL E 399 21.14 26.54 -3.17
C VAL E 399 20.90 28.05 -3.07
N LEU E 400 20.50 28.68 -4.16
CA LEU E 400 20.24 30.11 -4.12
C LEU E 400 18.72 30.28 -4.08
N GLN E 401 18.23 30.97 -3.05
CA GLN E 401 16.80 31.15 -2.85
C GLN E 401 16.33 32.57 -3.07
N PHE E 402 15.30 32.71 -3.88
CA PHE E 402 14.74 34.01 -4.23
C PHE E 402 13.26 34.10 -3.91
N GLY E 403 12.89 34.74 -2.81
CA GLY E 403 11.48 34.88 -2.46
C GLY E 403 10.93 36.08 -3.21
N GLY E 404 11.23 37.27 -2.70
CA GLY E 404 10.79 38.50 -3.36
C GLY E 404 11.44 38.59 -4.75
N GLY E 405 12.64 38.05 -4.88
CA GLY E 405 13.32 38.07 -6.14
C GLY E 405 12.60 37.27 -7.22
N THR E 406 11.59 36.47 -6.85
CA THR E 406 10.85 35.71 -7.86
C THR E 406 9.39 36.18 -7.96
N LEU E 407 8.72 36.23 -6.81
CA LEU E 407 7.31 36.63 -6.74
C LEU E 407 7.13 38.15 -6.97
N GLY E 408 8.26 38.86 -7.06
CA GLY E 408 8.24 40.28 -7.27
C GLY E 408 8.44 40.64 -8.72
N HIS E 409 8.63 39.65 -9.60
CA HIS E 409 8.82 39.94 -11.01
C HIS E 409 7.51 40.51 -11.57
N PRO E 410 7.59 41.53 -12.45
CA PRO E 410 6.42 42.17 -13.05
C PRO E 410 5.48 41.28 -13.86
N TRP E 411 5.98 40.22 -14.47
CA TRP E 411 5.11 39.36 -15.26
C TRP E 411 4.56 38.13 -14.49
N GLY E 412 4.99 37.97 -13.23
CA GLY E 412 4.54 36.84 -12.43
C GLY E 412 5.65 35.87 -12.05
N ASN E 413 5.24 34.79 -11.37
CA ASN E 413 6.12 33.72 -10.88
C ASN E 413 6.92 32.97 -11.95
N ALA E 414 6.22 32.47 -12.96
CA ALA E 414 6.90 31.72 -14.01
C ALA E 414 8.01 32.54 -14.70
N PRO E 415 7.69 33.77 -15.17
CA PRO E 415 8.74 34.56 -15.82
C PRO E 415 9.78 34.95 -14.78
N GLY E 416 9.37 35.13 -13.53
CA GLY E 416 10.28 35.44 -12.46
C GLY E 416 11.30 34.30 -12.31
N ALA E 417 10.81 33.07 -12.44
CA ALA E 417 11.64 31.89 -12.33
C ALA E 417 12.59 31.78 -13.51
N VAL E 418 12.06 32.02 -14.72
CA VAL E 418 12.84 31.96 -15.96
C VAL E 418 14.00 32.96 -15.90
N ALA E 419 13.70 34.15 -15.42
CA ALA E 419 14.71 35.19 -15.30
C ALA E 419 15.86 34.70 -14.41
N ASN E 420 15.53 34.10 -13.26
CA ASN E 420 16.57 33.59 -12.36
C ASN E 420 17.35 32.41 -12.93
N ARG E 421 16.65 31.49 -13.59
CA ARG E 421 17.30 30.32 -14.19
C ARG E 421 18.21 30.70 -15.36
N VAL E 422 17.76 31.63 -16.20
CA VAL E 422 18.57 32.11 -17.32
C VAL E 422 19.80 32.86 -16.78
N ALA E 423 19.59 33.80 -15.85
CA ALA E 423 20.67 34.56 -15.24
C ALA E 423 21.73 33.60 -14.68
N LEU E 424 21.30 32.58 -13.92
CA LEU E 424 22.24 31.61 -13.35
C LEU E 424 23.00 30.81 -14.44
N GLU E 425 22.29 30.32 -15.45
CA GLU E 425 22.92 29.55 -16.52
C GLU E 425 23.86 30.39 -17.37
N ALA E 426 23.55 31.67 -17.52
CA ALA E 426 24.43 32.57 -18.28
C ALA E 426 25.76 32.69 -17.52
N CYS E 427 25.69 32.82 -16.21
CA CYS E 427 26.88 32.93 -15.38
C CYS E 427 27.69 31.67 -15.36
N VAL E 428 27.03 30.54 -15.28
CA VAL E 428 27.71 29.26 -15.26
C VAL E 428 28.45 29.05 -16.60
N GLN E 429 27.76 29.30 -17.71
CA GLN E 429 28.37 29.15 -19.03
C GLN E 429 29.60 30.04 -19.16
N ALA E 430 29.48 31.30 -18.73
CA ALA E 430 30.56 32.29 -18.79
C ALA E 430 31.78 31.89 -17.98
N ARG E 431 31.52 31.44 -16.77
CA ARG E 431 32.57 30.99 -15.87
C ARG E 431 33.28 29.79 -16.51
N ASN E 432 32.49 28.89 -17.07
CA ASN E 432 33.05 27.69 -17.69
C ASN E 432 33.88 28.06 -18.90
N GLU E 433 33.53 29.15 -19.57
CA GLU E 433 34.29 29.58 -20.74
C GLU E 433 35.52 30.35 -20.30
N GLY E 434 35.69 30.53 -19.01
CA GLY E 434 36.86 31.24 -18.53
C GLY E 434 36.66 32.72 -18.25
N ARG E 435 35.43 33.20 -18.34
CA ARG E 435 35.17 34.59 -18.05
C ARG E 435 35.25 34.88 -16.55
N ASP E 436 35.65 36.08 -16.19
CA ASP E 436 35.79 36.46 -14.81
C ASP E 436 34.48 37.02 -14.29
N LEU E 437 33.78 36.23 -13.47
CA LEU E 437 32.50 36.65 -12.90
C LEU E 437 32.62 37.90 -12.04
N ALA E 438 33.73 38.01 -11.33
CA ALA E 438 33.97 39.14 -10.47
C ALA E 438 34.11 40.46 -11.25
N ARG E 439 34.73 40.39 -12.42
CA ARG E 439 34.93 41.58 -13.22
C ARG E 439 33.87 41.79 -14.28
N GLU E 440 33.42 40.70 -14.90
CA GLU E 440 32.46 40.77 -15.98
C GLU E 440 31.00 40.42 -15.69
N GLY E 441 30.66 40.27 -14.41
CA GLY E 441 29.30 39.91 -14.02
C GLY E 441 28.16 40.69 -14.68
N ASN E 442 28.20 42.01 -14.55
CA ASN E 442 27.17 42.86 -15.12
C ASN E 442 27.07 42.78 -16.63
N THR E 443 28.20 42.55 -17.28
CA THR E 443 28.23 42.42 -18.73
C THR E 443 27.63 41.09 -19.15
N ILE E 444 27.90 40.05 -18.36
CA ILE E 444 27.35 38.71 -18.63
C ILE E 444 25.81 38.79 -18.51
N ILE E 445 25.31 39.43 -17.47
CA ILE E 445 23.86 39.58 -17.29
C ILE E 445 23.24 40.39 -18.45
N ARG E 446 23.81 41.56 -18.75
CA ARG E 446 23.30 42.39 -19.84
C ARG E 446 23.24 41.68 -21.18
N GLU E 447 24.24 40.90 -21.52
CA GLU E 447 24.22 40.18 -22.79
C GLU E 447 23.04 39.22 -22.84
N ALA E 448 22.71 38.60 -21.71
CA ALA E 448 21.61 37.64 -21.66
C ALA E 448 20.25 38.33 -21.83
N THR E 449 20.14 39.58 -21.40
CA THR E 449 18.88 40.31 -21.53
C THR E 449 18.57 40.50 -23.02
N LYS E 450 19.60 40.54 -23.86
CA LYS E 450 19.38 40.70 -25.29
C LYS E 450 18.52 39.60 -25.87
N TRP E 451 18.59 38.40 -25.31
CA TRP E 451 17.78 37.35 -25.87
C TRP E 451 16.74 36.80 -24.89
N SER E 452 16.68 37.36 -23.69
CA SER E 452 15.71 36.92 -22.70
C SER E 452 14.86 38.07 -22.21
N PRO E 453 13.63 38.20 -22.74
CA PRO E 453 12.69 39.26 -22.36
C PRO E 453 12.37 39.18 -20.87
N GLU E 454 12.30 37.95 -20.36
CA GLU E 454 12.01 37.71 -18.95
C GLU E 454 13.11 38.29 -18.09
N LEU E 455 14.36 38.01 -18.47
CA LEU E 455 15.50 38.52 -17.73
C LEU E 455 15.59 40.05 -17.86
N ALA E 456 15.37 40.55 -19.07
CA ALA E 456 15.40 41.99 -19.34
C ALA E 456 14.36 42.72 -18.46
N ALA E 457 13.18 42.12 -18.33
CA ALA E 457 12.11 42.70 -17.51
C ALA E 457 12.54 42.80 -16.05
N ALA E 458 13.18 41.74 -15.56
CA ALA E 458 13.65 41.71 -14.17
C ALA E 458 14.76 42.74 -13.92
N CYS E 459 15.71 42.79 -14.85
CA CYS E 459 16.84 43.72 -14.74
C CYS E 459 16.35 45.17 -14.65
N GLU E 460 15.23 45.47 -15.30
CA GLU E 460 14.67 46.81 -15.27
C GLU E 460 14.13 47.17 -13.87
N VAL E 461 13.52 46.20 -13.20
CA VAL E 461 12.94 46.42 -11.88
C VAL E 461 13.96 46.60 -10.76
N TRP E 462 14.99 45.77 -10.75
CA TRP E 462 15.99 45.80 -9.69
C TRP E 462 17.32 46.42 -10.06
N LYS E 463 17.87 47.10 -9.06
CA LYS E 463 19.20 47.72 -9.08
C LYS E 463 19.68 48.16 -10.45
N MET F 1 4.06 42.11 -21.34
CA MET F 1 3.92 40.93 -20.44
C MET F 1 3.75 39.68 -21.28
N GLN F 2 4.74 38.79 -21.22
CA GLN F 2 4.70 37.57 -21.97
C GLN F 2 4.35 36.40 -21.02
N VAL F 3 3.62 35.41 -21.54
CA VAL F 3 3.22 34.23 -20.77
C VAL F 3 4.13 33.08 -21.16
N TRP F 4 4.83 32.51 -20.17
CA TRP F 4 5.77 31.42 -20.43
C TRP F 4 5.02 30.25 -21.07
N PRO F 5 5.50 29.78 -22.23
CA PRO F 5 4.82 28.67 -22.91
C PRO F 5 4.64 27.38 -22.08
N ILE F 6 3.63 26.63 -22.49
CA ILE F 6 3.21 25.39 -21.85
C ILE F 6 3.50 24.13 -22.68
N LEU F 7 3.37 24.23 -24.00
CA LEU F 7 3.56 23.07 -24.86
C LEU F 7 4.97 22.96 -25.42
N ASN F 8 5.46 21.72 -25.46
CA ASN F 8 6.79 21.40 -25.98
C ASN F 8 7.86 22.29 -25.39
N LEU F 9 7.85 22.44 -24.07
CA LEU F 9 8.83 23.27 -23.37
C LEU F 9 9.60 22.45 -22.33
N LYS F 10 9.83 21.18 -22.66
CA LYS F 10 10.58 20.27 -21.80
C LYS F 10 12.04 20.73 -21.78
N LYS F 11 12.67 20.62 -20.62
CA LYS F 11 14.05 21.05 -20.47
C LYS F 11 14.96 19.90 -20.09
N TYR F 12 16.27 20.13 -20.15
CA TYR F 12 17.23 19.06 -19.88
C TYR F 12 18.33 19.46 -18.91
N GLU F 13 17.91 20.08 -17.81
CA GLU F 13 18.83 20.54 -16.79
C GLU F 13 19.87 21.56 -17.25
N THR F 14 21.04 21.55 -16.62
CA THR F 14 22.07 22.53 -16.88
C THR F 14 22.34 22.93 -18.31
N LEU F 15 22.25 24.25 -18.53
CA LEU F 15 22.45 24.93 -19.81
C LEU F 15 21.28 24.81 -20.77
N SER F 16 20.23 24.09 -20.39
CA SER F 16 19.10 23.94 -21.31
C SER F 16 18.19 25.17 -21.44
N TYR F 17 18.39 26.20 -20.61
CA TYR F 17 17.59 27.44 -20.72
C TYR F 17 18.28 28.51 -21.57
N LEU F 18 19.46 28.16 -22.08
CA LEU F 18 20.23 29.06 -22.93
C LEU F 18 19.98 28.68 -24.39
N PRO F 19 20.33 29.57 -25.33
CA PRO F 19 20.10 29.18 -26.72
C PRO F 19 21.04 28.01 -26.97
N PRO F 20 20.67 27.07 -27.84
CA PRO F 20 21.55 25.92 -28.11
C PRO F 20 23.01 26.31 -28.39
N LEU F 21 23.93 25.52 -27.83
CA LEU F 21 25.35 25.77 -27.96
C LEU F 21 25.86 25.57 -29.37
N THR F 22 26.75 26.48 -29.79
CA THR F 22 27.35 26.38 -31.11
C THR F 22 28.50 25.40 -30.89
N THR F 23 29.10 24.93 -31.98
CA THR F 23 30.22 24.01 -31.90
C THR F 23 31.36 24.60 -31.07
N ASP F 24 31.56 25.92 -31.18
CA ASP F 24 32.61 26.61 -30.45
C ASP F 24 32.29 26.63 -28.96
N GLN F 25 31.03 26.94 -28.63
CA GLN F 25 30.56 26.99 -27.24
C GLN F 25 30.65 25.59 -26.62
N LEU F 26 30.24 24.62 -27.40
CA LEU F 26 30.25 23.21 -27.06
C LEU F 26 31.69 22.79 -26.75
N ALA F 27 32.61 23.17 -27.62
CA ALA F 27 34.03 22.86 -27.43
C ALA F 27 34.58 23.55 -26.17
N ARG F 28 34.09 24.76 -25.89
CA ARG F 28 34.54 25.49 -24.70
C ARG F 28 34.06 24.82 -23.40
N GLN F 29 32.87 24.23 -23.43
CA GLN F 29 32.36 23.54 -22.25
C GLN F 29 33.18 22.26 -22.06
N VAL F 30 33.56 21.61 -23.17
CA VAL F 30 34.37 20.41 -23.06
C VAL F 30 35.77 20.76 -22.52
N ASP F 31 36.30 21.90 -22.92
CA ASP F 31 37.60 22.28 -22.41
C ASP F 31 37.57 22.53 -20.90
N TYR F 32 36.43 23.00 -20.41
CA TYR F 32 36.24 23.24 -18.98
C TYR F 32 36.46 21.93 -18.24
N LEU F 33 35.86 20.85 -18.74
CA LEU F 33 35.99 19.52 -18.15
C LEU F 33 37.46 19.08 -18.12
N LEU F 34 38.10 19.12 -19.29
CA LEU F 34 39.50 18.72 -19.43
C LEU F 34 40.42 19.52 -18.54
N ASN F 35 40.24 20.82 -18.51
CA ASN F 35 41.08 21.66 -17.68
C ASN F 35 40.93 21.35 -16.20
N ASN F 36 39.79 20.76 -15.83
CA ASN F 36 39.56 20.40 -14.42
C ASN F 36 39.91 18.95 -14.14
N LYS F 37 40.41 18.26 -15.16
CA LYS F 37 40.78 16.85 -15.02
C LYS F 37 39.58 15.93 -14.83
N TRP F 38 38.44 16.33 -15.41
CA TRP F 38 37.23 15.52 -15.34
C TRP F 38 37.14 14.68 -16.59
N VAL F 39 36.64 13.46 -16.44
CA VAL F 39 36.52 12.55 -17.57
C VAL F 39 35.22 12.70 -18.34
N PRO F 40 35.32 13.07 -19.62
CA PRO F 40 34.09 13.22 -20.42
C PRO F 40 33.48 11.89 -20.87
N CYS F 41 32.17 11.86 -21.05
CA CYS F 41 31.50 10.67 -21.52
C CYS F 41 30.19 11.10 -22.15
N LEU F 42 29.71 10.32 -23.13
CA LEU F 42 28.44 10.65 -23.77
C LEU F 42 27.38 9.63 -23.40
N GLU F 43 26.14 10.09 -23.36
CA GLU F 43 24.97 9.27 -23.05
C GLU F 43 23.89 9.62 -24.03
N PHE F 44 23.07 8.65 -24.41
CA PHE F 44 21.98 8.92 -25.35
C PHE F 44 20.73 8.22 -24.89
N GLU F 45 19.59 8.74 -25.33
CA GLU F 45 18.30 8.17 -24.99
C GLU F 45 17.38 8.39 -26.19
N THR F 46 16.73 7.33 -26.62
CA THR F 46 15.84 7.40 -27.77
C THR F 46 14.37 7.45 -27.34
N ASP F 47 14.05 6.81 -26.21
CA ASP F 47 12.68 6.77 -25.73
C ASP F 47 12.16 8.00 -24.98
N HIS F 48 12.37 8.07 -23.67
CA HIS F 48 11.88 9.24 -22.94
C HIS F 48 13.06 10.04 -22.47
N GLY F 49 13.23 11.23 -23.03
CA GLY F 49 14.35 12.07 -22.62
C GLY F 49 14.09 12.82 -21.33
N PHE F 50 12.97 12.55 -20.67
CA PHE F 50 12.62 13.22 -19.42
C PHE F 50 12.22 12.25 -18.30
N VAL F 51 12.28 12.75 -17.07
CA VAL F 51 11.96 11.96 -15.90
C VAL F 51 10.48 11.56 -15.80
N TYR F 52 10.26 10.33 -15.35
CA TYR F 52 8.92 9.81 -15.17
C TYR F 52 8.95 8.79 -14.04
N ARG F 53 7.79 8.23 -13.71
CA ARG F 53 7.68 7.26 -12.63
C ARG F 53 6.81 6.08 -12.99
N GLU F 54 7.45 5.00 -13.41
CA GLU F 54 6.72 3.82 -13.78
C GLU F 54 6.85 2.67 -12.83
N HIS F 55 8.08 2.39 -12.42
CA HIS F 55 8.34 1.23 -11.59
C HIS F 55 8.22 1.35 -10.09
N HIS F 56 8.17 2.58 -9.56
CA HIS F 56 8.05 2.76 -8.11
C HIS F 56 7.75 4.24 -7.87
N ASN F 57 7.24 4.56 -6.69
CA ASN F 57 6.85 5.94 -6.31
C ASN F 57 7.38 6.47 -4.99
N SER F 58 8.27 5.74 -4.33
CA SER F 58 8.76 6.21 -3.03
C SER F 58 9.69 7.42 -3.17
N PRO F 59 9.89 8.19 -2.08
CA PRO F 59 10.77 9.37 -2.19
C PRO F 59 12.15 9.10 -2.81
N GLY F 60 12.55 9.97 -3.72
CA GLY F 60 13.84 9.83 -4.35
C GLY F 60 13.93 8.82 -5.48
N TYR F 61 12.82 8.13 -5.77
CA TYR F 61 12.83 7.16 -6.85
C TYR F 61 12.16 7.78 -8.06
N TYR F 62 12.85 7.75 -9.20
CA TYR F 62 12.30 8.25 -10.47
C TYR F 62 12.90 7.37 -11.54
N ASP F 63 12.16 7.17 -12.63
CA ASP F 63 12.66 6.44 -13.78
C ASP F 63 13.08 7.52 -14.77
N GLY F 64 13.88 7.12 -15.75
CA GLY F 64 14.33 8.04 -16.79
C GLY F 64 15.56 8.86 -16.46
N ARG F 65 16.18 8.63 -15.30
CA ARG F 65 17.38 9.39 -14.92
C ARG F 65 18.61 8.81 -15.62
N TYR F 66 18.67 7.49 -15.70
CA TYR F 66 19.76 6.81 -16.39
C TYR F 66 19.47 6.78 -17.89
N TRP F 67 20.46 7.12 -18.69
CA TRP F 67 20.38 7.02 -20.13
C TRP F 67 21.42 5.93 -20.44
N THR F 68 21.69 5.67 -21.71
CA THR F 68 22.67 4.66 -22.03
C THR F 68 23.99 5.26 -22.50
N MET F 69 25.06 4.69 -21.97
CA MET F 69 26.41 5.13 -22.25
C MET F 69 26.83 4.90 -23.70
N TRP F 70 27.41 5.91 -24.33
CA TRP F 70 27.92 5.78 -25.70
C TRP F 70 29.39 5.37 -25.48
N LYS F 71 29.73 4.13 -25.79
CA LYS F 71 31.07 3.67 -25.58
C LYS F 71 31.50 3.72 -24.09
N LEU F 72 32.65 4.31 -23.77
CA LEU F 72 33.12 4.37 -22.39
C LEU F 72 33.57 5.79 -22.05
N PRO F 73 33.75 6.12 -20.75
CA PRO F 73 34.21 7.48 -20.43
C PRO F 73 35.52 7.65 -21.19
N MET F 74 35.88 8.87 -21.55
CA MET F 74 37.10 9.09 -22.32
C MET F 74 38.33 9.39 -21.49
N PHE F 75 38.81 8.37 -20.79
CA PHE F 75 39.98 8.50 -19.95
C PHE F 75 41.16 8.99 -20.79
N GLY F 76 41.99 9.82 -20.19
CA GLY F 76 43.15 10.34 -20.91
C GLY F 76 42.91 11.30 -22.07
N CYS F 77 41.64 11.52 -22.42
CA CYS F 77 41.29 12.42 -23.50
C CYS F 77 41.91 13.78 -23.21
N THR F 78 42.58 14.38 -24.19
CA THR F 78 43.19 15.68 -23.97
C THR F 78 42.77 16.69 -25.01
N ASP F 79 41.91 16.26 -25.92
CA ASP F 79 41.52 17.16 -26.96
C ASP F 79 40.01 17.18 -27.16
N PRO F 80 39.40 18.37 -27.00
CA PRO F 80 37.97 18.58 -27.17
C PRO F 80 37.48 18.04 -28.49
N ALA F 81 38.38 18.00 -29.47
CA ALA F 81 38.02 17.50 -30.78
C ALA F 81 37.63 16.02 -30.72
N GLN F 82 38.35 15.23 -29.90
CA GLN F 82 38.05 13.81 -29.75
C GLN F 82 36.58 13.66 -29.32
N VAL F 83 36.22 14.37 -28.25
CA VAL F 83 34.87 14.33 -27.72
C VAL F 83 33.83 14.69 -28.77
N LEU F 84 34.04 15.81 -29.46
CA LEU F 84 33.12 16.27 -30.50
C LEU F 84 33.01 15.33 -31.69
N ASN F 85 34.06 14.58 -31.97
CA ASN F 85 34.04 13.61 -33.07
C ASN F 85 33.07 12.51 -32.67
N GLU F 86 33.16 12.09 -31.41
CA GLU F 86 32.26 11.07 -30.88
C GLU F 86 30.80 11.53 -30.92
N LEU F 87 30.57 12.80 -30.60
CA LEU F 87 29.23 13.33 -30.65
C LEU F 87 28.71 13.16 -32.06
N GLU F 88 29.60 13.31 -33.05
CA GLU F 88 29.24 13.14 -34.44
C GLU F 88 28.91 11.68 -34.79
N GLU F 89 29.75 10.75 -34.32
CA GLU F 89 29.49 9.33 -34.55
C GLU F 89 28.14 8.98 -33.92
N CYS F 90 27.92 9.43 -32.70
CA CYS F 90 26.66 9.13 -31.99
C CYS F 90 25.44 9.66 -32.73
N LYS F 91 25.53 10.90 -33.19
CA LYS F 91 24.43 11.53 -33.93
C LYS F 91 24.19 10.76 -35.23
N LYS F 92 25.27 10.31 -35.85
CA LYS F 92 25.20 9.55 -37.10
C LYS F 92 24.38 8.29 -36.85
N GLU F 93 24.70 7.62 -35.75
CA GLU F 93 23.99 6.39 -35.40
C GLU F 93 22.62 6.57 -34.75
N TYR F 94 22.46 7.60 -33.95
CA TYR F 94 21.18 7.82 -33.30
C TYR F 94 20.66 9.24 -33.51
N PRO F 95 20.31 9.57 -34.76
CA PRO F 95 19.79 10.91 -35.12
C PRO F 95 18.46 11.22 -34.45
N ASN F 96 17.87 10.16 -33.90
CA ASN F 96 16.58 10.26 -33.24
C ASN F 96 16.72 10.31 -31.73
N ALA F 97 17.94 10.30 -31.22
CA ALA F 97 18.15 10.28 -29.78
C ALA F 97 18.61 11.60 -29.22
N PHE F 98 18.37 11.79 -27.92
CA PHE F 98 18.83 12.98 -27.22
C PHE F 98 20.23 12.54 -26.80
N ILE F 99 21.21 13.44 -26.90
CA ILE F 99 22.56 13.09 -26.52
C ILE F 99 23.03 14.15 -25.54
N ARG F 100 23.70 13.73 -24.48
CA ARG F 100 24.21 14.71 -23.54
C ARG F 100 25.65 14.36 -23.17
N ILE F 101 26.42 15.37 -22.79
CA ILE F 101 27.78 15.13 -22.39
C ILE F 101 27.79 15.21 -20.88
N ILE F 102 28.44 14.24 -20.25
CA ILE F 102 28.55 14.22 -18.81
C ILE F 102 30.04 14.10 -18.49
N GLY F 103 30.38 14.38 -17.26
CA GLY F 103 31.78 14.30 -16.86
C GLY F 103 31.85 13.66 -15.49
N PHE F 104 32.95 12.96 -15.23
CA PHE F 104 33.17 12.32 -13.94
C PHE F 104 34.41 12.90 -13.31
N ASP F 105 34.31 13.13 -12.02
CA ASP F 105 35.40 13.64 -11.25
C ASP F 105 35.80 12.42 -10.40
N SER F 106 36.92 11.79 -10.76
CA SER F 106 37.40 10.62 -10.05
C SER F 106 37.92 10.92 -8.64
N ASN F 107 38.20 12.19 -8.36
CA ASN F 107 38.69 12.54 -7.04
C ASN F 107 37.52 12.68 -6.07
N ARG F 108 36.44 13.34 -6.51
CA ARG F 108 35.24 13.48 -5.70
C ARG F 108 34.46 12.16 -5.88
N GLU F 109 34.97 11.34 -6.79
CA GLU F 109 34.39 10.02 -7.10
C GLU F 109 32.92 10.09 -7.46
N VAL F 110 32.55 11.09 -8.25
CA VAL F 110 31.15 11.24 -8.63
C VAL F 110 30.96 11.84 -10.00
N GLN F 111 29.80 11.56 -10.61
CA GLN F 111 29.47 12.20 -11.88
C GLN F 111 29.35 13.68 -11.45
N CYS F 112 29.87 14.60 -12.23
CA CYS F 112 29.82 16.00 -11.80
C CYS F 112 29.23 16.97 -12.78
N ILE F 113 29.04 16.55 -14.03
CA ILE F 113 28.45 17.47 -14.99
C ILE F 113 27.51 16.71 -15.90
N SER F 114 26.63 17.47 -16.55
CA SER F 114 25.65 16.91 -17.45
C SER F 114 24.96 18.04 -18.22
N PHE F 115 25.15 18.09 -19.54
CA PHE F 115 24.50 19.10 -20.36
C PHE F 115 24.10 18.54 -21.72
N ILE F 116 22.90 18.89 -22.17
CA ILE F 116 22.36 18.42 -23.44
C ILE F 116 23.24 18.93 -24.61
N ALA F 117 23.73 18.01 -25.44
CA ALA F 117 24.54 18.40 -26.58
C ALA F 117 23.79 18.23 -27.88
N TYR F 118 22.72 17.45 -27.89
CA TYR F 118 21.97 17.25 -29.11
C TYR F 118 20.55 16.83 -28.82
N LYS F 119 19.61 17.47 -29.49
CA LYS F 119 18.18 17.17 -29.35
C LYS F 119 17.66 16.82 -30.73
N PRO F 120 16.89 15.75 -30.83
CA PRO F 120 16.37 15.41 -32.15
C PRO F 120 15.40 16.50 -32.61
N ALA F 121 15.15 16.51 -33.92
CA ALA F 121 14.27 17.48 -34.58
C ALA F 121 12.93 17.66 -33.87
N GLY F 122 12.59 18.93 -33.66
CA GLY F 122 11.34 19.24 -33.01
C GLY F 122 11.39 19.10 -31.50
N TYR F 123 12.49 19.55 -30.90
CA TYR F 123 12.67 19.51 -29.46
C TYR F 123 13.60 20.66 -29.06
N ALA G 9 25.75 -43.85 32.38
CA ALA G 9 24.38 -43.88 33.00
C ALA G 9 24.51 -44.58 34.33
N SER G 10 23.39 -44.67 35.06
CA SER G 10 23.29 -45.33 36.38
C SER G 10 24.53 -45.24 37.28
N VAL G 11 24.39 -45.76 38.49
CA VAL G 11 25.53 -45.72 39.40
C VAL G 11 25.63 -46.77 40.56
N GLY G 12 26.46 -46.37 41.51
CA GLY G 12 26.83 -47.07 42.75
C GLY G 12 28.02 -46.12 42.85
N PHE G 13 27.68 -44.83 42.76
CA PHE G 13 28.63 -43.74 42.68
C PHE G 13 30.14 -43.91 42.86
N LYS G 14 30.69 -43.46 43.99
CA LYS G 14 32.15 -43.52 44.18
C LYS G 14 32.81 -42.62 43.11
N ALA G 15 33.11 -41.39 43.53
CA ALA G 15 33.72 -40.38 42.68
C ALA G 15 35.09 -40.79 42.13
N GLY G 16 35.53 -40.11 41.08
CA GLY G 16 36.83 -40.40 40.48
C GLY G 16 36.86 -40.39 38.95
N VAL G 17 38.04 -40.13 38.41
CA VAL G 17 38.27 -40.04 36.97
C VAL G 17 37.65 -41.11 36.00
N LYS G 18 38.23 -42.32 35.95
CA LYS G 18 37.78 -43.42 35.06
C LYS G 18 38.32 -43.28 33.61
N ASP G 19 38.01 -44.24 32.72
CA ASP G 19 38.50 -44.27 31.31
C ASP G 19 37.41 -44.42 30.21
N TYR G 20 37.54 -43.69 29.09
CA TYR G 20 36.56 -43.77 27.98
C TYR G 20 36.62 -45.13 27.30
N LYS G 21 37.42 -45.19 26.23
CA LYS G 21 37.61 -46.39 25.40
C LYS G 21 36.41 -47.32 25.39
N LEU G 22 36.35 -48.23 26.34
CA LEU G 22 35.22 -49.13 26.41
C LEU G 22 34.09 -48.23 26.91
N THR G 23 33.15 -47.98 26.01
CA THR G 23 31.94 -47.14 26.21
C THR G 23 31.65 -46.38 24.93
N TYR G 24 32.70 -45.82 24.32
CA TYR G 24 32.54 -45.03 23.11
C TYR G 24 33.02 -45.62 21.81
N TYR G 25 33.81 -46.69 21.87
CA TYR G 25 34.24 -47.36 20.64
C TYR G 25 33.35 -48.62 20.58
N THR G 26 32.39 -48.60 19.67
CA THR G 26 31.37 -49.63 19.50
C THR G 26 31.39 -50.13 18.08
N PRO G 27 32.46 -50.83 17.70
CA PRO G 27 32.61 -51.36 16.35
C PRO G 27 31.51 -52.32 15.91
N GLU G 28 30.70 -52.77 16.84
CA GLU G 28 29.63 -53.70 16.51
C GLU G 28 28.30 -52.98 16.25
N TYR G 29 28.26 -51.69 16.54
CA TYR G 29 27.06 -50.86 16.39
C TYR G 29 26.50 -50.85 14.98
N GLU G 30 25.18 -51.01 14.89
CA GLU G 30 24.46 -50.97 13.63
C GLU G 30 23.76 -49.62 13.69
N THR G 31 24.07 -48.72 12.76
CA THR G 31 23.43 -47.41 12.79
C THR G 31 21.91 -47.42 12.53
N LEU G 32 21.20 -46.49 13.16
CA LEU G 32 19.76 -46.34 12.97
C LEU G 32 19.55 -45.31 11.88
N ASP G 33 18.44 -45.44 11.17
CA ASP G 33 18.10 -44.51 10.11
C ASP G 33 17.82 -43.11 10.63
N THR G 34 17.65 -43.00 11.94
CA THR G 34 17.39 -41.73 12.59
C THR G 34 18.68 -41.06 13.13
N ASP G 35 19.79 -41.79 13.14
CA ASP G 35 21.05 -41.26 13.63
C ASP G 35 21.70 -40.24 12.70
N ILE G 36 22.41 -39.28 13.28
CA ILE G 36 23.17 -38.34 12.47
C ILE G 36 24.57 -39.00 12.52
N LEU G 37 25.16 -39.24 11.36
CA LEU G 37 26.47 -39.88 11.27
C LEU G 37 27.51 -38.85 10.86
N ALA G 38 28.70 -38.92 11.45
CA ALA G 38 29.79 -38.00 11.09
C ALA G 38 31.04 -38.76 10.70
N ALA G 39 31.73 -38.31 9.66
CA ALA G 39 33.01 -38.90 9.26
C ALA G 39 34.07 -37.85 9.60
N PHE G 40 34.87 -38.14 10.62
CA PHE G 40 35.97 -37.28 11.06
C PHE G 40 37.31 -37.81 10.58
N ARG G 41 38.18 -36.93 10.08
CA ARG G 41 39.55 -37.30 9.67
C ARG G 41 40.36 -37.00 10.95
N VAL G 42 40.78 -38.05 11.66
CA VAL G 42 41.48 -37.88 12.92
C VAL G 42 42.98 -38.12 12.81
N SER G 43 43.76 -37.17 13.34
CA SER G 43 45.22 -37.21 13.36
C SER G 43 45.56 -37.23 14.84
N PRO G 44 45.72 -38.42 15.44
CA PRO G 44 46.03 -38.53 16.86
C PRO G 44 47.45 -38.09 17.22
N GLN G 45 47.67 -37.75 18.49
CA GLN G 45 48.98 -37.39 18.95
C GLN G 45 49.75 -38.70 18.93
N PRO G 46 51.09 -38.64 18.89
CA PRO G 46 51.93 -39.85 18.87
C PRO G 46 51.70 -40.65 20.15
N GLY G 47 51.44 -41.94 19.99
CA GLY G 47 51.23 -42.77 21.16
C GLY G 47 49.77 -43.08 21.43
N VAL G 48 48.86 -42.33 20.82
CA VAL G 48 47.44 -42.58 21.01
C VAL G 48 46.97 -43.55 19.92
N PRO G 49 46.54 -44.78 20.29
CA PRO G 49 46.09 -45.70 19.24
C PRO G 49 44.76 -45.22 18.64
N PRO G 50 44.47 -45.63 17.41
CA PRO G 50 43.24 -45.26 16.70
C PRO G 50 41.93 -45.48 17.44
N GLU G 51 41.76 -46.64 18.07
CA GLU G 51 40.53 -46.94 18.80
C GLU G 51 40.35 -45.95 19.94
N GLU G 52 41.46 -45.57 20.54
CA GLU G 52 41.47 -44.63 21.65
C GLU G 52 41.06 -43.24 21.15
N ALA G 53 41.61 -42.83 20.01
CA ALA G 53 41.30 -41.53 19.39
C ALA G 53 39.82 -41.44 18.98
N GLY G 54 39.33 -42.48 18.29
CA GLY G 54 37.95 -42.52 17.85
C GLY G 54 37.02 -42.44 19.05
N ALA G 55 37.34 -43.18 20.10
CA ALA G 55 36.52 -43.16 21.30
C ALA G 55 36.51 -41.77 21.92
N ALA G 56 37.65 -41.07 21.85
CA ALA G 56 37.78 -39.71 22.40
C ALA G 56 36.92 -38.72 21.60
N VAL G 57 36.93 -38.86 20.28
CA VAL G 57 36.13 -37.99 19.43
C VAL G 57 34.63 -38.12 19.76
N ALA G 58 34.18 -39.37 19.95
CA ALA G 58 32.79 -39.66 20.29
C ALA G 58 32.40 -39.13 21.69
N ALA G 59 33.23 -39.42 22.67
CA ALA G 59 33.02 -39.01 24.07
C ALA G 59 33.03 -37.50 24.16
N GLU G 60 34.05 -36.88 23.54
CA GLU G 60 34.21 -35.44 23.56
C GLU G 60 33.19 -34.61 22.77
N SER G 61 32.36 -35.28 21.96
CA SER G 61 31.32 -34.57 21.21
C SER G 61 29.95 -35.01 21.67
N SER G 62 29.88 -35.60 22.86
CA SER G 62 28.62 -36.07 23.44
C SER G 62 28.70 -36.09 24.98
N THR G 63 28.59 -37.26 25.59
CA THR G 63 28.56 -37.40 27.05
C THR G 63 29.84 -37.61 27.88
N GLY G 64 31.02 -37.65 27.26
CA GLY G 64 32.23 -37.89 28.02
C GLY G 64 32.55 -36.81 29.02
N THR G 65 32.77 -37.20 30.27
CA THR G 65 33.08 -36.23 31.32
C THR G 65 34.48 -36.63 31.81
N TRP G 66 35.25 -35.67 32.33
CA TRP G 66 36.61 -35.97 32.84
C TRP G 66 36.67 -36.72 34.20
N THR G 67 35.56 -36.70 34.94
CA THR G 67 35.49 -37.37 36.23
C THR G 67 34.03 -37.75 36.37
N THR G 68 33.78 -38.91 36.96
CA THR G 68 32.44 -39.45 37.20
C THR G 68 31.56 -38.48 38.02
N VAL G 69 30.32 -38.29 37.58
CA VAL G 69 29.38 -37.40 38.25
C VAL G 69 28.17 -38.26 38.62
N TRP G 70 27.61 -38.05 39.82
CA TRP G 70 26.49 -38.86 40.27
C TRP G 70 25.17 -38.78 39.48
N THR G 71 24.93 -37.65 38.82
CA THR G 71 23.71 -37.42 38.06
C THR G 71 23.50 -38.36 36.88
N ASP G 72 24.56 -38.99 36.41
CA ASP G 72 24.46 -39.93 35.29
C ASP G 72 23.51 -41.07 35.62
N GLY G 73 23.38 -41.36 36.91
CA GLY G 73 22.47 -42.40 37.34
C GLY G 73 20.99 -42.04 37.29
N LEU G 74 20.67 -40.78 36.98
CA LEU G 74 19.28 -40.33 36.89
C LEU G 74 18.71 -40.51 35.46
N THR G 75 19.58 -40.94 34.55
CA THR G 75 19.22 -41.18 33.16
C THR G 75 19.85 -42.47 32.68
N ASN G 76 19.68 -42.68 31.38
CA ASN G 76 20.24 -43.80 30.68
C ASN G 76 21.10 -43.11 29.63
N LEU G 77 22.36 -42.87 29.99
CA LEU G 77 23.30 -42.20 29.11
C LEU G 77 23.62 -42.92 27.81
N ASP G 78 23.34 -44.21 27.75
CA ASP G 78 23.61 -44.97 26.54
C ASP G 78 22.75 -44.49 25.39
N ARG G 79 21.57 -44.03 25.75
CA ARG G 79 20.57 -43.54 24.82
C ARG G 79 20.98 -42.18 24.23
N TYR G 80 21.96 -41.54 24.87
CA TYR G 80 22.42 -40.19 24.50
C TYR G 80 23.85 -40.06 24.04
N LYS G 81 24.66 -41.11 24.20
CA LYS G 81 26.06 -41.04 23.81
C LYS G 81 26.34 -41.12 22.32
N GLY G 82 27.46 -40.52 21.92
CA GLY G 82 27.91 -40.57 20.53
C GLY G 82 28.70 -41.88 20.51
N ARG G 83 28.71 -42.59 19.40
CA ARG G 83 29.45 -43.85 19.35
C ARG G 83 30.34 -43.96 18.14
N CYS G 84 31.62 -44.25 18.36
CA CYS G 84 32.55 -44.44 17.25
C CYS G 84 32.32 -45.91 16.86
N TYR G 85 31.70 -46.15 15.71
CA TYR G 85 31.36 -47.49 15.29
C TYR G 85 32.25 -48.04 14.18
N HIS G 86 33.15 -47.23 13.65
CA HIS G 86 34.03 -47.69 12.60
C HIS G 86 35.22 -46.76 12.44
N ILE G 87 36.37 -47.35 12.10
CA ILE G 87 37.62 -46.62 11.92
C ILE G 87 38.31 -47.24 10.72
N GLU G 88 38.92 -46.42 9.87
CA GLU G 88 39.65 -46.96 8.73
C GLU G 88 40.84 -46.07 8.45
N PRO G 89 42.02 -46.66 8.18
CA PRO G 89 43.22 -45.88 7.90
C PRO G 89 43.11 -45.02 6.64
N VAL G 90 43.83 -43.90 6.65
CA VAL G 90 43.87 -43.02 5.50
C VAL G 90 45.12 -43.41 4.74
N ALA G 91 44.97 -43.66 3.46
CA ALA G 91 46.10 -44.05 2.63
C ALA G 91 47.02 -42.88 2.36
N GLY G 92 48.31 -43.16 2.42
CA GLY G 92 49.31 -42.14 2.13
C GLY G 92 49.44 -41.10 3.21
N GLU G 93 49.14 -41.50 4.44
CA GLU G 93 49.23 -40.59 5.57
C GLU G 93 49.58 -41.47 6.72
N GLU G 94 50.59 -41.12 7.50
CA GLU G 94 50.85 -41.97 8.64
C GLU G 94 50.04 -41.42 9.78
N ASN G 95 49.65 -42.30 10.68
CA ASN G 95 48.85 -41.95 11.83
C ASN G 95 47.66 -41.01 11.55
N GLN G 96 46.87 -41.32 10.52
CA GLN G 96 45.68 -40.56 10.19
C GLN G 96 44.57 -41.53 9.84
N TYR G 97 43.41 -41.38 10.47
CA TYR G 97 42.28 -42.30 10.25
C TYR G 97 40.94 -41.60 10.02
N ILE G 98 39.99 -42.30 9.39
CA ILE G 98 38.64 -41.78 9.26
C ILE G 98 37.86 -42.56 10.33
N CYS G 99 37.30 -41.83 11.31
CA CYS G 99 36.49 -42.42 12.39
C CYS G 99 35.01 -42.02 12.14
N TYR G 100 34.11 -42.99 12.17
CA TYR G 100 32.70 -42.74 11.94
C TYR G 100 32.02 -42.67 13.27
N VAL G 101 31.21 -41.64 13.50
CA VAL G 101 30.53 -41.47 14.77
C VAL G 101 29.01 -41.30 14.55
N ALA G 102 28.22 -41.97 15.38
CA ALA G 102 26.77 -41.91 15.29
C ALA G 102 26.23 -41.13 16.49
N TYR G 103 25.32 -40.19 16.21
CA TYR G 103 24.68 -39.35 17.23
C TYR G 103 23.16 -39.60 17.14
N PRO G 104 22.53 -39.87 18.27
CA PRO G 104 21.09 -40.13 18.33
C PRO G 104 20.26 -38.88 17.95
N LEU G 105 19.15 -39.10 17.26
CA LEU G 105 18.28 -38.01 16.83
C LEU G 105 17.93 -37.05 17.94
N ASP G 106 17.74 -37.58 19.15
CA ASP G 106 17.33 -36.79 20.33
C ASP G 106 18.28 -35.72 20.86
N LEU G 107 19.53 -35.72 20.40
CA LEU G 107 20.50 -34.71 20.86
C LEU G 107 20.29 -33.34 20.21
N PHE G 108 19.51 -33.30 19.13
CA PHE G 108 19.39 -32.07 18.35
C PHE G 108 18.10 -31.29 18.39
N GLU G 109 18.22 -29.97 18.33
CA GLU G 109 17.02 -29.13 18.28
C GLU G 109 16.53 -29.14 16.83
N GLU G 110 15.23 -29.33 16.68
CA GLU G 110 14.60 -29.39 15.37
C GLU G 110 14.77 -28.08 14.64
N GLY G 111 15.14 -28.14 13.36
CA GLY G 111 15.26 -26.93 12.57
C GLY G 111 16.41 -26.01 12.90
N SER G 112 17.30 -26.43 13.77
CA SER G 112 18.42 -25.59 14.16
C SER G 112 19.80 -26.08 13.71
N VAL G 113 20.32 -25.53 12.62
CA VAL G 113 21.66 -25.84 12.13
C VAL G 113 22.62 -25.34 13.21
N THR G 114 22.26 -24.24 13.88
CA THR G 114 23.09 -23.71 14.95
C THR G 114 23.31 -24.79 16.01
N ASN G 115 22.26 -25.49 16.41
CA ASN G 115 22.42 -26.54 17.41
C ASN G 115 23.11 -27.77 16.87
N MET G 116 22.93 -28.07 15.59
CA MET G 116 23.57 -29.24 15.00
C MET G 116 25.11 -29.11 15.03
N PHE G 117 25.60 -27.93 14.63
CA PHE G 117 27.02 -27.64 14.65
C PHE G 117 27.56 -27.53 16.06
N THR G 118 26.84 -26.88 16.97
CA THR G 118 27.30 -26.77 18.33
C THR G 118 27.52 -28.17 18.95
N SER G 119 26.59 -29.09 18.70
CA SER G 119 26.68 -30.44 19.27
C SER G 119 27.81 -31.28 18.70
N ILE G 120 28.00 -31.24 17.39
CA ILE G 120 29.02 -32.10 16.80
C ILE G 120 30.42 -31.54 16.77
N VAL G 121 30.49 -30.26 16.48
CA VAL G 121 31.73 -29.58 16.27
C VAL G 121 32.08 -28.52 17.32
N GLY G 122 31.26 -28.42 18.36
CA GLY G 122 31.50 -27.36 19.32
C GLY G 122 32.62 -27.54 20.29
N ASN G 123 33.03 -28.79 20.52
CA ASN G 123 34.01 -29.08 21.54
C ASN G 123 35.24 -29.93 21.18
N VAL G 124 35.02 -30.97 20.39
CA VAL G 124 36.10 -31.88 20.03
C VAL G 124 37.40 -31.39 19.40
N PHE G 125 37.33 -30.34 18.58
CA PHE G 125 38.52 -29.87 17.89
C PHE G 125 39.68 -29.41 18.78
N GLY G 126 39.41 -29.14 20.04
CA GLY G 126 40.47 -28.72 20.95
C GLY G 126 41.03 -29.81 21.87
N PHE G 127 40.57 -31.06 21.71
CA PHE G 127 41.02 -32.18 22.55
C PHE G 127 42.50 -32.45 22.37
N LYS G 128 43.23 -32.37 23.48
CA LYS G 128 44.68 -32.57 23.48
C LYS G 128 45.24 -33.84 22.91
N ALA G 129 44.49 -34.94 23.00
CA ALA G 129 44.93 -36.25 22.47
C ALA G 129 45.00 -36.26 20.94
N LEU G 130 44.46 -35.20 20.34
CA LEU G 130 44.46 -35.09 18.89
C LEU G 130 45.42 -34.01 18.46
N ARG G 131 46.07 -34.26 17.35
CA ARG G 131 47.00 -33.32 16.79
C ARG G 131 46.14 -32.40 15.92
N ALA G 132 45.22 -32.99 15.16
CA ALA G 132 44.37 -32.23 14.26
C ALA G 132 43.05 -33.00 14.06
N LEU G 133 42.01 -32.32 13.59
CA LEU G 133 40.73 -32.97 13.37
C LEU G 133 39.98 -32.24 12.27
N ARG G 134 39.35 -32.98 11.36
CA ARG G 134 38.60 -32.36 10.29
C ARG G 134 37.29 -33.11 10.11
N LEU G 135 36.16 -32.41 10.05
CA LEU G 135 34.89 -33.07 9.81
C LEU G 135 34.77 -33.13 8.29
N GLU G 136 34.69 -34.33 7.73
CA GLU G 136 34.58 -34.47 6.27
C GLU G 136 33.16 -34.55 5.73
N ASP G 137 32.28 -35.24 6.46
CA ASP G 137 30.89 -35.42 6.00
C ASP G 137 29.93 -35.75 7.14
N LEU G 138 28.65 -35.46 6.91
CA LEU G 138 27.58 -35.74 7.87
C LEU G 138 26.43 -36.42 7.14
N ARG G 139 25.88 -37.49 7.69
CA ARG G 139 24.72 -38.11 7.10
C ARG G 139 23.54 -37.55 7.89
N ILE G 140 22.74 -36.68 7.29
CA ILE G 140 21.58 -36.10 7.97
C ILE G 140 20.40 -37.01 7.67
N PRO G 141 19.85 -37.65 8.71
CA PRO G 141 18.71 -38.55 8.52
C PRO G 141 17.47 -37.79 8.04
N VAL G 142 16.62 -38.44 7.26
CA VAL G 142 15.43 -37.78 6.74
C VAL G 142 14.48 -37.26 7.81
N ALA G 143 14.43 -37.88 8.99
CA ALA G 143 13.53 -37.38 10.04
C ALA G 143 14.00 -36.01 10.56
N TYR G 144 15.30 -35.74 10.48
CA TYR G 144 15.83 -34.45 10.91
C TYR G 144 15.70 -33.47 9.74
N VAL G 145 15.91 -33.96 8.52
CA VAL G 145 15.78 -33.11 7.32
C VAL G 145 14.37 -32.52 7.29
N LYS G 146 13.36 -33.30 7.67
CA LYS G 146 11.98 -32.81 7.66
C LYS G 146 11.68 -31.70 8.65
N THR G 147 12.57 -31.43 9.59
CA THR G 147 12.32 -30.37 10.54
C THR G 147 12.77 -28.99 10.01
N PHE G 148 13.41 -28.95 8.85
CA PHE G 148 13.91 -27.70 8.25
C PHE G 148 13.07 -27.28 7.06
N GLN G 149 13.07 -25.98 6.77
CA GLN G 149 12.33 -25.46 5.62
C GLN G 149 13.11 -25.75 4.33
N GLY G 150 14.43 -25.63 4.41
CA GLY G 150 15.25 -25.83 3.24
C GLY G 150 15.21 -24.55 2.43
N PRO G 151 15.62 -24.60 1.16
CA PRO G 151 15.62 -23.41 0.31
C PRO G 151 14.27 -22.68 0.23
N PRO G 152 14.27 -21.34 0.22
CA PRO G 152 12.98 -20.65 0.15
C PRO G 152 12.23 -21.06 -1.11
N HIS G 153 12.97 -21.28 -2.21
CA HIS G 153 12.37 -21.66 -3.51
C HIS G 153 13.02 -22.88 -4.16
N GLY G 154 14.33 -22.83 -4.39
CA GLY G 154 14.99 -23.96 -5.02
C GLY G 154 14.98 -23.90 -6.53
N ILE G 155 15.82 -24.75 -7.12
CA ILE G 155 16.02 -24.79 -8.56
C ILE G 155 14.81 -24.74 -9.46
N GLN G 156 13.91 -25.70 -9.33
CA GLN G 156 12.72 -25.75 -10.16
C GLN G 156 11.86 -24.47 -10.09
N VAL G 157 11.55 -24.01 -8.87
CA VAL G 157 10.71 -22.84 -8.73
C VAL G 157 11.41 -21.59 -9.24
N GLU G 158 12.71 -21.47 -8.99
CA GLU G 158 13.44 -20.29 -9.45
C GLU G 158 13.34 -20.15 -10.97
N ARG G 159 13.61 -21.23 -11.71
CA ARG G 159 13.52 -21.17 -13.17
C ARG G 159 12.12 -20.80 -13.64
N ASP G 160 11.11 -21.28 -12.92
CA ASP G 160 9.71 -20.98 -13.27
C ASP G 160 9.37 -19.54 -13.00
N LYS G 161 9.87 -18.98 -11.90
CA LYS G 161 9.60 -17.58 -11.60
C LYS G 161 10.29 -16.68 -12.64
N LEU G 162 11.51 -17.04 -13.00
CA LEU G 162 12.29 -16.23 -13.90
C LEU G 162 12.01 -16.52 -15.35
N ASN G 163 11.39 -17.68 -15.64
CA ASN G 163 11.07 -18.10 -17.01
C ASN G 163 12.36 -18.30 -17.81
N LYS G 164 13.37 -18.90 -17.20
CA LYS G 164 14.66 -19.15 -17.85
C LYS G 164 14.89 -20.64 -17.89
N TYR G 165 15.05 -21.19 -19.10
CA TYR G 165 15.24 -22.63 -19.25
C TYR G 165 16.32 -23.02 -20.21
N GLY G 166 16.88 -24.20 -19.94
CA GLY G 166 17.89 -24.80 -20.81
C GLY G 166 19.28 -24.24 -20.95
N ARG G 167 19.79 -23.58 -19.92
CA ARG G 167 21.13 -23.02 -19.98
C ARG G 167 21.49 -22.49 -18.63
N PRO G 168 22.79 -22.39 -18.34
CA PRO G 168 23.21 -21.84 -17.06
C PRO G 168 22.78 -20.35 -17.01
N LEU G 169 22.54 -19.85 -15.80
CA LEU G 169 22.18 -18.44 -15.63
C LEU G 169 23.52 -17.68 -15.58
N LEU G 170 23.49 -16.38 -15.83
CA LEU G 170 24.73 -15.60 -15.88
C LEU G 170 24.65 -14.37 -15.01
N GLY G 171 25.73 -14.13 -14.27
CA GLY G 171 25.79 -12.99 -13.39
C GLY G 171 27.11 -12.26 -13.51
N CYS G 172 27.22 -11.14 -12.81
CA CYS G 172 28.42 -10.30 -12.85
C CYS G 172 28.53 -9.50 -11.56
N THR G 173 29.66 -9.59 -10.86
CA THR G 173 29.87 -8.84 -9.63
C THR G 173 30.37 -7.47 -10.02
N ILE G 174 29.72 -6.44 -9.47
CA ILE G 174 30.11 -5.07 -9.75
C ILE G 174 31.42 -4.77 -9.01
N LYS G 175 32.36 -4.19 -9.75
CA LYS G 175 33.68 -3.82 -9.22
C LYS G 175 33.97 -2.39 -9.68
N PRO G 176 34.76 -1.62 -8.92
CA PRO G 176 35.38 -2.04 -7.65
C PRO G 176 34.29 -2.19 -6.58
N LYS G 177 34.49 -3.10 -5.63
CA LYS G 177 33.50 -3.33 -4.59
C LYS G 177 33.22 -2.04 -3.80
N LEU G 178 34.27 -1.36 -3.38
CA LEU G 178 34.10 -0.12 -2.65
C LEU G 178 34.68 1.04 -3.44
N GLY G 179 34.07 2.21 -3.32
CA GLY G 179 34.59 3.37 -4.03
C GLY G 179 33.59 4.06 -4.94
N LEU G 180 32.74 3.28 -5.59
CA LEU G 180 31.75 3.87 -6.46
C LEU G 180 30.60 4.45 -5.63
N SER G 181 29.94 5.46 -6.17
CA SER G 181 28.83 6.06 -5.49
C SER G 181 27.63 5.19 -5.89
N ALA G 182 26.56 5.23 -5.12
CA ALA G 182 25.38 4.43 -5.42
C ALA G 182 24.92 4.61 -6.87
N LYS G 183 24.87 5.86 -7.34
CA LYS G 183 24.44 6.09 -8.73
C LYS G 183 25.38 5.50 -9.80
N ASN G 184 26.70 5.69 -9.65
CA ASN G 184 27.63 5.14 -10.64
C ASN G 184 27.57 3.62 -10.56
N TYR G 185 27.34 3.11 -9.36
CA TYR G 185 27.19 1.68 -9.16
C TYR G 185 25.99 1.18 -9.98
N GLY G 186 24.86 1.90 -9.88
CA GLY G 186 23.68 1.51 -10.63
C GLY G 186 23.88 1.63 -12.13
N ARG G 187 24.67 2.60 -12.57
CA ARG G 187 24.95 2.75 -13.99
C ARG G 187 25.66 1.48 -14.51
N ALA G 188 26.63 1.01 -13.75
CA ALA G 188 27.36 -0.22 -14.11
C ALA G 188 26.38 -1.40 -14.20
N VAL G 189 25.44 -1.47 -13.24
CA VAL G 189 24.43 -2.51 -13.19
C VAL G 189 23.57 -2.51 -14.47
N TYR G 190 23.02 -1.36 -14.83
CA TYR G 190 22.22 -1.27 -16.04
C TYR G 190 22.99 -1.67 -17.31
N GLU G 191 24.24 -1.22 -17.46
CA GLU G 191 25.03 -1.57 -18.65
C GLU G 191 25.30 -3.06 -18.70
N CYS G 192 25.52 -3.69 -17.55
CA CYS G 192 25.74 -5.14 -17.53
C CYS G 192 24.49 -5.94 -17.91
N LEU G 193 23.37 -5.63 -17.26
CA LEU G 193 22.14 -6.36 -17.51
C LEU G 193 21.59 -6.22 -18.93
N ARG G 194 21.67 -5.01 -19.49
CA ARG G 194 21.12 -4.79 -20.82
C ARG G 194 21.85 -5.61 -21.88
N GLY G 195 23.08 -6.03 -21.57
CA GLY G 195 23.84 -6.83 -22.51
C GLY G 195 23.50 -8.31 -22.54
N GLY G 196 22.64 -8.79 -21.65
CA GLY G 196 22.30 -10.21 -21.71
C GLY G 196 22.55 -11.04 -20.47
N LEU G 197 23.16 -10.46 -19.43
CA LEU G 197 23.38 -11.18 -18.19
C LEU G 197 22.03 -11.18 -17.46
N ASP G 198 21.76 -12.20 -16.66
CA ASP G 198 20.51 -12.29 -15.93
C ASP G 198 20.57 -11.55 -14.61
N PHE G 199 21.73 -11.58 -13.97
CA PHE G 199 21.89 -10.94 -12.67
C PHE G 199 23.16 -10.13 -12.55
N THR G 200 23.14 -9.17 -11.64
CA THR G 200 24.34 -8.42 -11.31
C THR G 200 24.42 -8.66 -9.81
N KCX G 201 25.54 -8.32 -9.18
CA KCX G 201 25.68 -8.64 -7.79
CB KCX G 201 26.32 -10.05 -7.77
CG KCX G 201 26.96 -10.45 -6.49
CD KCX G 201 27.51 -11.84 -6.60
CE KCX G 201 28.06 -12.22 -5.25
NZ KCX G 201 29.12 -11.33 -4.82
C KCX G 201 26.50 -7.69 -6.93
O KCX G 201 27.44 -7.06 -7.43
CX KCX G 201 30.41 -11.52 -5.07
OQ1 KCX G 201 30.80 -12.52 -5.73
OQ2 KCX G 201 31.27 -10.72 -4.64
N ASP G 202 26.11 -7.56 -5.67
CA ASP G 202 26.84 -6.77 -4.67
C ASP G 202 28.00 -7.68 -4.21
N ASP G 203 29.17 -7.09 -3.98
CA ASP G 203 30.27 -7.84 -3.48
C ASP G 203 29.89 -8.26 -2.06
N GLU G 204 30.52 -9.30 -1.53
CA GLU G 204 30.21 -9.74 -0.18
C GLU G 204 30.47 -8.65 0.86
N ASN G 205 31.41 -7.76 0.55
CA ASN G 205 31.80 -6.65 1.44
C ASN G 205 30.86 -5.45 1.45
N VAL G 206 30.07 -5.32 0.40
CA VAL G 206 29.14 -4.21 0.23
C VAL G 206 27.87 -4.44 1.06
N ASN G 207 27.80 -3.72 2.18
CA ASN G 207 26.65 -3.81 3.09
C ASN G 207 26.18 -2.35 3.13
N SER G 208 26.65 -1.56 4.11
CA SER G 208 26.34 -0.13 4.18
C SER G 208 27.60 0.55 4.69
N GLN G 209 28.16 1.49 3.91
CA GLN G 209 29.41 2.13 4.26
C GLN G 209 29.37 3.61 3.97
N PRO G 210 30.35 4.36 4.51
CA PRO G 210 30.36 5.81 4.29
C PRO G 210 30.10 6.34 2.86
N PHE G 211 30.75 5.80 1.85
CA PHE G 211 30.50 6.36 0.53
C PHE G 211 29.27 5.81 -0.18
N MET G 212 28.69 4.73 0.34
CA MET G 212 27.52 4.19 -0.31
C MET G 212 26.62 3.53 0.72
N ARG G 213 25.62 4.26 1.19
CA ARG G 213 24.72 3.71 2.16
C ARG G 213 23.80 2.70 1.46
N TRP G 214 23.34 1.68 2.18
CA TRP G 214 22.54 0.62 1.56
C TRP G 214 21.26 1.05 0.84
N ARG G 215 20.46 1.92 1.46
CA ARG G 215 19.19 2.30 0.86
C ARG G 215 19.37 2.99 -0.48
N ASP G 216 20.35 3.87 -0.58
CA ASP G 216 20.66 4.57 -1.83
C ASP G 216 21.07 3.53 -2.90
N ARG G 217 21.88 2.56 -2.51
CA ARG G 217 22.30 1.53 -3.47
C ARG G 217 21.12 0.71 -3.97
N PHE G 218 20.26 0.23 -3.05
CA PHE G 218 19.08 -0.56 -3.38
C PHE G 218 18.20 0.21 -4.38
N LEU G 219 17.96 1.47 -4.08
CA LEU G 219 17.15 2.37 -4.91
C LEU G 219 17.68 2.59 -6.35
N PHE G 220 18.97 2.87 -6.51
CA PHE G 220 19.53 3.07 -7.82
C PHE G 220 19.66 1.75 -8.58
N CYS G 221 19.93 0.68 -7.86
CA CYS G 221 20.02 -0.63 -8.48
C CYS G 221 18.65 -1.03 -9.01
N ALA G 222 17.58 -0.66 -8.31
CA ALA G 222 16.21 -0.94 -8.76
C ALA G 222 15.93 -0.19 -10.05
N GLU G 223 16.28 1.09 -10.10
CA GLU G 223 16.05 1.87 -11.32
C GLU G 223 16.78 1.25 -12.51
N ALA G 224 18.05 0.88 -12.30
CA ALA G 224 18.91 0.26 -13.32
C ALA G 224 18.36 -1.08 -13.84
N LEU G 225 17.98 -1.97 -12.92
CA LEU G 225 17.44 -3.29 -13.30
C LEU G 225 16.11 -3.22 -14.04
N TYR G 226 15.21 -2.31 -13.63
CA TYR G 226 13.93 -2.15 -14.30
C TYR G 226 14.13 -1.59 -15.71
N LYS G 227 15.10 -0.69 -15.86
CA LYS G 227 15.39 -0.11 -17.16
C LYS G 227 15.98 -1.20 -18.09
N ALA G 228 16.87 -2.04 -17.57
CA ALA G 228 17.46 -3.12 -18.38
C ALA G 228 16.40 -4.17 -18.77
N GLN G 229 15.47 -4.46 -17.85
CA GLN G 229 14.39 -5.42 -18.11
C GLN G 229 13.43 -4.90 -19.20
N ALA G 230 13.10 -3.62 -19.11
CA ALA G 230 12.21 -3.02 -20.08
C ALA G 230 12.87 -2.99 -21.45
N GLU G 231 14.17 -2.74 -21.49
CA GLU G 231 14.88 -2.69 -22.76
C GLU G 231 15.01 -4.04 -23.45
N THR G 232 15.40 -5.07 -22.71
CA THR G 232 15.61 -6.41 -23.26
C THR G 232 14.38 -7.33 -23.31
N GLY G 233 13.41 -7.12 -22.43
CA GLY G 233 12.26 -8.00 -22.40
C GLY G 233 12.51 -9.27 -21.57
N GLU G 234 13.73 -9.44 -21.04
CA GLU G 234 14.06 -10.59 -20.21
C GLU G 234 14.10 -10.16 -18.75
N ILE G 235 13.65 -11.06 -17.86
CA ILE G 235 13.62 -10.76 -16.43
C ILE G 235 15.04 -10.65 -15.89
N LYS G 236 15.27 -9.63 -15.06
CA LYS G 236 16.57 -9.34 -14.49
C LYS G 236 16.55 -9.28 -13.00
N GLY G 237 17.71 -9.44 -12.37
CA GLY G 237 17.81 -9.34 -10.94
C GLY G 237 19.17 -8.82 -10.52
N HIS G 238 19.23 -8.27 -9.31
CA HIS G 238 20.48 -7.77 -8.75
C HIS G 238 20.53 -8.30 -7.32
N TYR G 239 21.57 -9.05 -6.96
CA TYR G 239 21.63 -9.58 -5.60
C TYR G 239 21.91 -8.44 -4.64
N LEU G 240 20.86 -7.96 -3.97
CA LEU G 240 20.98 -6.86 -2.99
C LEU G 240 21.45 -7.47 -1.67
N ASN G 241 22.66 -7.11 -1.25
CA ASN G 241 23.24 -7.64 -0.03
C ASN G 241 22.55 -7.13 1.24
N ALA G 242 21.92 -8.04 1.99
CA ALA G 242 21.21 -7.70 3.21
C ALA G 242 22.00 -7.98 4.45
N THR G 243 23.23 -8.46 4.31
CA THR G 243 24.09 -8.80 5.46
C THR G 243 24.27 -7.54 6.29
N ALA G 244 24.10 -7.66 7.61
CA ALA G 244 24.18 -6.51 8.51
C ALA G 244 24.69 -6.90 9.88
N GLY G 245 24.82 -5.90 10.76
CA GLY G 245 25.35 -6.13 12.09
C GLY G 245 24.42 -6.80 13.07
N THR G 246 23.11 -6.60 12.91
CA THR G 246 22.09 -7.15 13.80
C THR G 246 20.97 -7.74 12.97
N CYS G 247 20.13 -8.54 13.60
CA CYS G 247 18.98 -9.14 12.90
C CYS G 247 18.04 -8.04 12.42
N GLU G 248 17.87 -7.02 13.25
CA GLU G 248 16.99 -5.91 12.94
C GLU G 248 17.45 -5.17 11.69
N ASP G 249 18.75 -4.87 11.57
CA ASP G 249 19.22 -4.18 10.35
C ASP G 249 19.06 -5.03 9.10
N MET G 250 19.33 -6.33 9.22
CA MET G 250 19.21 -7.28 8.10
C MET G 250 17.74 -7.29 7.60
N MET G 251 16.80 -7.38 8.54
CA MET G 251 15.38 -7.37 8.20
C MET G 251 14.92 -6.08 7.52
N LYS G 252 15.41 -4.94 7.99
CA LYS G 252 15.10 -3.65 7.39
C LYS G 252 15.48 -3.68 5.93
N ARG G 253 16.63 -4.27 5.63
CA ARG G 253 17.12 -4.33 4.25
C ARG G 253 16.28 -5.25 3.37
N ALA G 254 15.93 -6.41 3.88
CA ALA G 254 15.10 -7.36 3.15
C ALA G 254 13.71 -6.74 2.87
N VAL G 255 13.17 -6.04 3.87
CA VAL G 255 11.87 -5.40 3.74
C VAL G 255 11.81 -4.34 2.63
N PHE G 256 12.86 -3.56 2.48
CA PHE G 256 12.89 -2.55 1.43
C PHE G 256 12.95 -3.23 0.05
N ALA G 257 13.70 -4.33 -0.05
CA ALA G 257 13.80 -5.09 -1.31
C ALA G 257 12.39 -5.56 -1.68
N ARG G 258 11.65 -6.03 -0.68
CA ARG G 258 10.26 -6.47 -0.88
C ARG G 258 9.40 -5.29 -1.42
N GLU G 259 9.53 -4.13 -0.77
CA GLU G 259 8.80 -2.93 -1.17
C GLU G 259 9.11 -2.56 -2.63
N LEU G 260 10.37 -2.70 -3.04
CA LEU G 260 10.74 -2.41 -4.42
C LEU G 260 10.21 -3.43 -5.43
N GLY G 261 9.73 -4.59 -4.97
CA GLY G 261 9.21 -5.60 -5.87
C GLY G 261 10.30 -6.34 -6.62
N VAL G 262 11.55 -6.22 -6.16
CA VAL G 262 12.65 -6.90 -6.83
C VAL G 262 12.65 -8.40 -6.50
N PRO G 263 13.32 -9.21 -7.32
CA PRO G 263 13.34 -10.64 -7.11
C PRO G 263 14.33 -11.37 -6.21
N ILE G 264 15.44 -10.76 -5.86
CA ILE G 264 16.46 -11.49 -5.12
C ILE G 264 17.33 -10.62 -4.19
N VAL G 265 17.62 -11.19 -3.02
CA VAL G 265 18.47 -10.58 -2.01
C VAL G 265 19.67 -11.53 -1.76
N MET G 266 20.63 -11.08 -0.98
CA MET G 266 21.85 -11.85 -0.73
C MET G 266 22.23 -11.79 0.73
N HIS G 267 22.95 -12.80 1.21
CA HIS G 267 23.38 -12.86 2.60
C HIS G 267 24.70 -13.61 2.68
N ASP G 268 25.64 -13.13 3.51
CA ASP G 268 26.92 -13.85 3.71
C ASP G 268 26.61 -14.72 4.93
N TYR G 269 26.22 -15.96 4.69
CA TYR G 269 25.80 -16.85 5.76
C TYR G 269 26.76 -17.20 6.88
N LEU G 270 28.06 -17.22 6.59
CA LEU G 270 29.05 -17.57 7.62
C LEU G 270 29.43 -16.38 8.48
N THR G 271 29.59 -15.21 7.88
CA THR G 271 29.91 -14.03 8.66
C THR G 271 28.65 -13.49 9.34
N GLY G 272 27.50 -13.63 8.68
CA GLY G 272 26.24 -13.21 9.30
C GLY G 272 25.92 -14.24 10.38
N GLY G 273 25.99 -15.53 10.03
CA GLY G 273 25.74 -16.59 11.00
C GLY G 273 24.48 -17.34 10.69
N PHE G 274 24.39 -18.61 11.12
CA PHE G 274 23.24 -19.45 10.86
C PHE G 274 21.92 -19.01 11.49
N THR G 275 21.96 -18.42 12.67
CA THR G 275 20.73 -17.98 13.32
C THR G 275 20.06 -16.87 12.48
N ALA G 276 20.86 -15.92 11.99
CA ALA G 276 20.37 -14.84 11.17
C ALA G 276 20.02 -15.35 9.79
N ASN G 277 20.80 -16.28 9.27
CA ASN G 277 20.50 -16.83 7.96
C ASN G 277 19.16 -17.55 7.89
N THR G 278 18.82 -18.31 8.93
CA THR G 278 17.55 -19.05 8.99
C THR G 278 16.38 -18.05 9.07
N THR G 279 16.55 -16.99 9.84
CA THR G 279 15.54 -15.93 9.90
C THR G 279 15.30 -15.35 8.49
N LEU G 280 16.37 -14.96 7.79
CA LEU G 280 16.24 -14.39 6.45
C LEU G 280 15.62 -15.40 5.46
N SER G 281 16.00 -16.67 5.59
CA SER G 281 15.47 -17.73 4.72
C SER G 281 13.96 -17.87 4.89
N HIS G 282 13.50 -17.80 6.13
CA HIS G 282 12.06 -17.93 6.40
C HIS G 282 11.30 -16.73 5.86
N TYR G 283 11.90 -15.55 6.00
CA TYR G 283 11.31 -14.32 5.49
C TYR G 283 11.21 -14.38 3.95
N CYS G 284 12.27 -14.83 3.29
CA CYS G 284 12.26 -14.93 1.82
C CYS G 284 11.15 -15.86 1.31
N ARG G 285 10.94 -16.98 1.97
CA ARG G 285 9.89 -17.94 1.62
C ARG G 285 8.51 -17.25 1.76
N ASP G 286 8.32 -16.56 2.88
CA ASP G 286 7.05 -15.89 3.13
C ASP G 286 6.77 -14.69 2.25
N ASN G 287 7.80 -14.18 1.61
CA ASN G 287 7.68 -13.00 0.77
C ASN G 287 8.06 -13.16 -0.68
N GLY G 288 8.34 -14.39 -1.10
CA GLY G 288 8.65 -14.66 -2.48
C GLY G 288 9.96 -14.15 -3.00
N LEU G 289 10.93 -13.99 -2.13
CA LEU G 289 12.25 -13.50 -2.53
C LEU G 289 13.23 -14.63 -2.69
N LEU G 290 13.99 -14.58 -3.77
CA LEU G 290 15.03 -15.57 -3.98
C LEU G 290 16.19 -15.13 -3.07
N LEU G 291 17.00 -16.09 -2.62
CA LEU G 291 18.10 -15.78 -1.72
C LEU G 291 19.41 -16.33 -2.23
N HIS G 292 20.33 -15.43 -2.57
CA HIS G 292 21.66 -15.79 -3.03
C HIS G 292 22.60 -15.79 -1.84
N ILE G 293 23.32 -16.88 -1.65
CA ILE G 293 24.20 -17.02 -0.52
C ILE G 293 25.67 -16.94 -0.89
N HIS G 294 26.40 -16.05 -0.23
CA HIS G 294 27.80 -15.91 -0.49
C HIS G 294 28.56 -16.62 0.67
N ARG G 295 29.62 -17.37 0.34
CA ARG G 295 30.36 -18.15 1.34
C ARG G 295 31.61 -17.52 1.94
N ALA G 296 31.63 -16.18 2.00
CA ALA G 296 32.75 -15.44 2.60
C ALA G 296 33.19 -16.09 3.91
N MET G 297 34.51 -16.23 4.08
CA MET G 297 35.16 -16.81 5.25
C MET G 297 35.28 -18.33 5.23
N HIS G 298 34.70 -19.00 4.22
CA HIS G 298 34.77 -20.47 4.17
C HIS G 298 36.19 -21.04 4.22
N ALA G 299 37.12 -20.45 3.49
CA ALA G 299 38.50 -20.95 3.43
C ALA G 299 39.25 -20.87 4.77
N VAL G 300 38.70 -20.15 5.73
CA VAL G 300 39.33 -20.02 7.03
C VAL G 300 39.14 -21.36 7.72
N ILE G 301 38.06 -22.03 7.35
CA ILE G 301 37.64 -23.31 7.94
C ILE G 301 37.88 -24.57 7.08
N ASP G 302 37.57 -24.47 5.80
CA ASP G 302 37.65 -25.61 4.88
C ASP G 302 38.87 -25.83 4.01
N ARG G 303 39.87 -24.97 4.10
CA ARG G 303 41.02 -25.13 3.22
C ARG G 303 42.02 -26.23 3.53
N GLN G 304 42.47 -26.32 4.77
CA GLN G 304 43.46 -27.31 5.14
C GLN G 304 42.85 -28.70 5.28
N LYS G 305 43.53 -29.69 4.70
CA LYS G 305 43.05 -31.07 4.72
C LYS G 305 43.07 -31.76 6.07
N ASN G 306 43.93 -31.33 6.97
CA ASN G 306 44.03 -31.97 8.27
C ASN G 306 43.18 -31.38 9.39
N HIS G 307 42.68 -30.15 9.21
CA HIS G 307 41.91 -29.51 10.29
C HIS G 307 40.84 -28.55 9.79
N GLY G 308 39.66 -28.59 10.40
CA GLY G 308 38.59 -27.68 10.00
C GLY G 308 37.37 -28.50 9.63
N MET G 309 36.61 -28.01 8.65
CA MET G 309 35.43 -28.71 8.19
C MET G 309 35.45 -28.61 6.67
N HIS G 310 35.22 -29.71 5.97
CA HIS G 310 35.21 -29.64 4.51
C HIS G 310 33.98 -28.85 4.06
N PHE G 311 34.11 -28.13 2.95
CA PHE G 311 33.00 -27.36 2.43
C PHE G 311 31.69 -28.15 2.22
N ARG G 312 31.78 -29.44 1.89
CA ARG G 312 30.54 -30.22 1.66
C ARG G 312 29.63 -30.21 2.90
N VAL G 313 30.24 -30.10 4.08
CA VAL G 313 29.47 -30.04 5.30
C VAL G 313 28.79 -28.66 5.42
N LEU G 314 29.51 -27.59 5.07
CA LEU G 314 28.96 -26.24 5.12
C LEU G 314 27.86 -26.08 4.05
N ALA G 315 27.95 -26.84 2.95
CA ALA G 315 26.95 -26.80 1.88
C ALA G 315 25.65 -27.52 2.32
N LYS G 316 25.76 -28.67 2.99
CA LYS G 316 24.58 -29.38 3.48
C LYS G 316 23.84 -28.49 4.48
N ALA G 317 24.58 -27.87 5.39
CA ALA G 317 24.01 -26.99 6.41
C ALA G 317 23.23 -25.84 5.76
N LEU G 318 23.78 -25.27 4.71
CA LEU G 318 23.11 -24.19 4.00
C LEU G 318 21.82 -24.70 3.34
N ARG G 319 21.86 -25.89 2.73
CA ARG G 319 20.65 -26.43 2.10
C ARG G 319 19.55 -26.60 3.16
N LEU G 320 19.92 -26.95 4.38
CA LEU G 320 18.92 -27.11 5.45
C LEU G 320 18.39 -25.74 5.94
N SER G 321 19.30 -24.85 6.33
CA SER G 321 18.97 -23.50 6.80
C SER G 321 18.21 -22.76 5.70
N GLY G 322 18.72 -22.82 4.47
CA GLY G 322 18.04 -22.21 3.36
C GLY G 322 18.80 -21.20 2.54
N GLY G 323 18.78 -21.42 1.22
CA GLY G 323 19.40 -20.54 0.26
C GLY G 323 19.01 -21.09 -1.11
N ASP G 324 18.86 -20.23 -2.11
CA ASP G 324 18.48 -20.64 -3.46
C ASP G 324 19.70 -20.83 -4.38
N HIS G 325 20.77 -20.09 -4.06
CA HIS G 325 22.05 -20.17 -4.77
C HIS G 325 23.14 -20.28 -3.70
N ILE G 326 24.26 -20.89 -4.03
CA ILE G 326 25.41 -20.91 -3.12
C ILE G 326 26.66 -21.05 -3.96
N HIS G 327 27.66 -20.24 -3.64
CA HIS G 327 28.95 -20.25 -4.32
C HIS G 327 29.66 -21.61 -4.09
N SER G 328 30.11 -22.24 -5.16
CA SER G 328 30.77 -23.52 -5.06
C SER G 328 32.18 -23.53 -5.67
N GLY G 329 32.71 -22.36 -6.00
CA GLY G 329 34.02 -22.25 -6.60
C GLY G 329 34.02 -22.66 -8.07
N THR G 330 35.16 -22.52 -8.72
CA THR G 330 35.26 -22.91 -10.12
C THR G 330 36.00 -24.24 -10.13
N VAL G 331 35.76 -25.06 -11.14
CA VAL G 331 36.47 -26.35 -11.18
C VAL G 331 37.74 -26.10 -12.01
N VAL G 332 37.77 -24.94 -12.64
CA VAL G 332 38.88 -24.52 -13.44
C VAL G 332 40.15 -24.36 -12.56
N GLY G 333 41.31 -24.46 -13.20
CA GLY G 333 42.60 -24.32 -12.52
C GLY G 333 42.96 -25.38 -11.49
N LYS G 334 42.31 -26.54 -11.54
CA LYS G 334 42.61 -27.60 -10.57
C LYS G 334 42.59 -28.93 -11.26
N LEU G 335 43.32 -29.89 -10.69
CA LEU G 335 43.41 -31.24 -11.25
C LEU G 335 42.15 -32.07 -10.96
N GLU G 336 42.04 -33.24 -11.61
CA GLU G 336 40.89 -34.11 -11.37
C GLU G 336 40.97 -34.45 -9.87
N GLY G 337 39.96 -35.12 -9.32
CA GLY G 337 40.03 -35.40 -7.89
C GLY G 337 39.44 -34.18 -7.23
N GLU G 338 40.10 -33.01 -7.35
CA GLU G 338 39.54 -31.78 -6.79
C GLU G 338 38.32 -31.45 -7.65
N ARG G 339 38.41 -31.81 -8.93
CA ARG G 339 37.32 -31.64 -9.85
C ARG G 339 36.21 -32.61 -9.40
N ASP G 340 36.62 -33.83 -9.07
CA ASP G 340 35.67 -34.85 -8.64
C ASP G 340 35.00 -34.52 -7.31
N ILE G 341 35.75 -33.91 -6.40
CA ILE G 341 35.24 -33.53 -5.10
C ILE G 341 34.16 -32.44 -5.24
N THR G 342 34.41 -31.48 -6.12
CA THR G 342 33.47 -30.40 -6.38
C THR G 342 32.17 -30.95 -6.99
N LEU G 343 32.29 -31.79 -8.01
CA LEU G 343 31.15 -32.41 -8.64
C LEU G 343 30.35 -33.21 -7.61
N GLY G 344 31.07 -33.75 -6.62
CA GLY G 344 30.44 -34.52 -5.56
C GLY G 344 29.55 -33.68 -4.66
N PHE G 345 30.02 -32.52 -4.21
CA PHE G 345 29.17 -31.70 -3.35
C PHE G 345 28.13 -30.93 -4.16
N VAL G 346 28.36 -30.83 -5.48
CA VAL G 346 27.39 -30.19 -6.36
C VAL G 346 26.15 -31.11 -6.40
N ASP G 347 26.37 -32.43 -6.49
CA ASP G 347 25.26 -33.37 -6.46
C ASP G 347 24.54 -33.30 -5.14
N LEU G 348 25.30 -33.14 -4.07
CA LEU G 348 24.74 -33.04 -2.73
C LEU G 348 23.85 -31.79 -2.54
N LEU G 349 24.11 -30.75 -3.33
CA LEU G 349 23.34 -29.51 -3.28
C LEU G 349 22.10 -29.54 -4.15
N ARG G 350 22.20 -30.19 -5.29
CA ARG G 350 21.11 -30.22 -6.24
C ARG G 350 20.14 -31.39 -6.22
N ASP G 351 20.66 -32.60 -6.00
CA ASP G 351 19.84 -33.81 -6.09
C ASP G 351 19.03 -34.20 -4.87
N ASP G 352 18.12 -35.14 -5.09
CA ASP G 352 17.28 -35.61 -4.00
C ASP G 352 17.90 -36.78 -3.30
N TYR G 353 18.83 -37.46 -3.98
CA TYR G 353 19.45 -38.63 -3.43
C TYR G 353 20.85 -38.78 -4.00
N THR G 354 21.83 -38.98 -3.14
CA THR G 354 23.20 -39.17 -3.59
C THR G 354 23.79 -40.36 -2.84
N GLU G 355 24.18 -41.36 -3.60
CA GLU G 355 24.77 -42.56 -3.09
C GLU G 355 26.22 -42.34 -2.64
N LYS G 356 26.64 -43.05 -1.61
CA LYS G 356 28.00 -42.99 -1.09
C LYS G 356 28.99 -43.19 -2.25
N ASP G 357 30.06 -42.39 -2.30
CA ASP G 357 31.05 -42.47 -3.36
C ASP G 357 32.36 -41.83 -2.89
N ARG G 358 33.23 -42.64 -2.29
CA ARG G 358 34.51 -42.14 -1.79
C ARG G 358 35.41 -41.52 -2.85
N SER G 359 35.22 -41.87 -4.12
CA SER G 359 36.06 -41.28 -5.17
C SER G 359 35.72 -39.79 -5.33
N ARG G 360 34.54 -39.39 -4.84
CA ARG G 360 34.12 -37.99 -4.93
C ARG G 360 33.99 -37.34 -3.56
N GLY G 361 34.51 -37.98 -2.53
CA GLY G 361 34.45 -37.44 -1.18
C GLY G 361 33.10 -37.55 -0.48
N ILE G 362 32.22 -38.40 -1.00
CA ILE G 362 30.90 -38.62 -0.41
C ILE G 362 30.98 -39.85 0.51
N TYR G 363 31.08 -39.61 1.80
CA TYR G 363 31.18 -40.65 2.79
C TYR G 363 29.88 -41.34 3.17
N PHE G 364 28.74 -40.69 2.93
CA PHE G 364 27.47 -41.28 3.30
C PHE G 364 26.48 -41.11 2.21
N THR G 365 25.54 -42.04 2.10
CA THR G 365 24.45 -41.90 1.13
C THR G 365 23.55 -40.85 1.79
N GLN G 366 23.07 -39.90 1.00
CA GLN G 366 22.25 -38.83 1.55
C GLN G 366 20.94 -38.69 0.79
N SER G 367 19.83 -38.68 1.52
CA SER G 367 18.50 -38.49 0.92
C SER G 367 17.97 -37.16 1.41
N TRP G 368 17.17 -36.49 0.60
CA TRP G 368 16.66 -35.22 1.00
C TRP G 368 15.14 -35.15 1.11
N VAL G 369 14.46 -36.27 0.88
CA VAL G 369 12.99 -36.33 0.94
C VAL G 369 12.29 -35.07 0.40
N SER G 370 12.61 -34.76 -0.84
CA SER G 370 12.06 -33.64 -1.60
C SER G 370 12.38 -32.22 -1.17
N THR G 371 13.40 -32.04 -0.33
CA THR G 371 13.85 -30.70 0.04
C THR G 371 14.43 -30.20 -1.27
N PRO G 372 14.05 -28.99 -1.70
CA PRO G 372 14.52 -28.39 -2.95
C PRO G 372 16.03 -28.33 -3.07
N GLY G 373 16.52 -28.39 -4.30
CA GLY G 373 17.95 -28.32 -4.54
C GLY G 373 18.35 -26.86 -4.60
N VAL G 374 19.66 -26.63 -4.44
CA VAL G 374 20.30 -25.31 -4.45
C VAL G 374 21.13 -25.19 -5.74
N LEU G 375 21.04 -24.05 -6.39
CA LEU G 375 21.80 -23.74 -7.60
C LEU G 375 23.27 -23.40 -7.24
N PRO G 376 24.26 -24.15 -7.77
CA PRO G 376 25.65 -23.82 -7.45
C PRO G 376 26.10 -22.63 -8.32
N VAL G 377 26.93 -21.76 -7.76
CA VAL G 377 27.40 -20.56 -8.46
C VAL G 377 28.91 -20.69 -8.69
N ALA G 378 29.34 -20.72 -9.95
CA ALA G 378 30.77 -20.82 -10.31
C ALA G 378 31.27 -19.39 -10.44
N SER G 379 32.32 -19.03 -9.71
CA SER G 379 32.83 -17.66 -9.75
C SER G 379 34.33 -17.63 -9.44
N GLY G 380 35.07 -16.69 -10.01
CA GLY G 380 36.48 -16.60 -9.70
C GLY G 380 37.45 -16.72 -10.85
N GLY G 381 37.83 -15.58 -11.41
CA GLY G 381 38.78 -15.52 -12.50
C GLY G 381 38.39 -16.16 -13.82
N ILE G 382 37.10 -16.34 -14.05
CA ILE G 382 36.65 -16.95 -15.29
C ILE G 382 36.31 -15.92 -16.38
N HIS G 383 36.47 -16.33 -17.64
CA HIS G 383 36.16 -15.48 -18.79
C HIS G 383 35.65 -16.37 -19.92
N VAL G 384 35.31 -15.77 -21.05
CA VAL G 384 34.76 -16.48 -22.19
C VAL G 384 35.35 -17.82 -22.58
N TRP G 385 36.66 -17.99 -22.41
CA TRP G 385 37.29 -19.25 -22.81
C TRP G 385 37.00 -20.42 -21.92
N HIS G 386 36.52 -20.18 -20.70
CA HIS G 386 36.20 -21.28 -19.82
C HIS G 386 34.79 -21.74 -20.05
N MET G 387 34.05 -21.04 -20.90
CA MET G 387 32.64 -21.37 -21.10
C MET G 387 32.32 -22.81 -21.45
N PRO G 388 33.02 -23.41 -22.44
CA PRO G 388 32.70 -24.82 -22.78
C PRO G 388 32.92 -25.74 -21.58
N ALA G 389 34.00 -25.51 -20.86
CA ALA G 389 34.37 -26.29 -19.69
C ALA G 389 33.32 -26.19 -18.59
N LEU G 390 32.92 -24.97 -18.25
CA LEU G 390 31.93 -24.72 -17.20
C LEU G 390 30.58 -25.36 -17.53
N THR G 391 30.16 -25.23 -18.78
CA THR G 391 28.90 -25.80 -19.25
C THR G 391 28.96 -27.33 -19.14
N GLU G 392 30.10 -27.89 -19.51
CA GLU G 392 30.31 -29.32 -19.45
C GLU G 392 30.31 -29.82 -18.01
N ILE G 393 31.10 -29.17 -17.16
CA ILE G 393 31.20 -29.57 -15.76
C ILE G 393 29.92 -29.37 -14.94
N PHE G 394 29.32 -28.18 -15.00
CA PHE G 394 28.13 -27.90 -14.19
C PHE G 394 26.78 -28.23 -14.82
N GLY G 395 26.70 -28.24 -16.13
CA GLY G 395 25.43 -28.51 -16.75
C GLY G 395 24.60 -27.25 -16.69
N ASP G 396 23.32 -27.39 -17.02
CA ASP G 396 22.41 -26.24 -17.03
C ASP G 396 22.10 -25.63 -15.70
N ASP G 397 21.97 -26.44 -14.67
CA ASP G 397 21.61 -25.89 -13.36
C ASP G 397 22.78 -25.34 -12.57
N SER G 398 23.21 -24.15 -12.97
CA SER G 398 24.30 -23.45 -12.32
C SER G 398 24.21 -21.96 -12.68
N VAL G 399 24.91 -21.13 -11.94
CA VAL G 399 24.97 -19.70 -12.24
C VAL G 399 26.45 -19.42 -12.49
N LEU G 400 26.77 -18.88 -13.65
CA LEU G 400 28.18 -18.58 -13.94
C LEU G 400 28.33 -17.07 -13.76
N GLN G 401 29.26 -16.66 -12.89
CA GLN G 401 29.49 -15.26 -12.58
C GLN G 401 30.79 -14.72 -13.07
N PHE G 402 30.72 -13.59 -13.78
CA PHE G 402 31.88 -12.96 -14.37
C PHE G 402 32.04 -11.52 -13.93
N GLY G 403 32.93 -11.26 -12.98
CA GLY G 403 33.15 -9.88 -12.52
C GLY G 403 34.12 -9.22 -13.47
N GLY G 404 35.40 -9.53 -13.32
CA GLY G 404 36.43 -8.97 -14.21
C GLY G 404 36.17 -9.46 -15.64
N GLY G 405 35.62 -10.66 -15.76
CA GLY G 405 35.32 -11.19 -17.07
C GLY G 405 34.27 -10.38 -17.81
N THR G 406 33.59 -9.46 -17.14
CA THR G 406 32.58 -8.64 -17.83
C THR G 406 33.00 -7.16 -17.87
N LEU G 407 33.34 -6.61 -16.70
CA LEU G 407 33.74 -5.20 -16.57
C LEU G 407 35.15 -4.95 -17.15
N GLY G 408 35.81 -6.04 -17.55
CA GLY G 408 37.14 -5.93 -18.10
C GLY G 408 37.12 -5.96 -19.62
N HIS G 409 35.95 -6.09 -20.23
CA HIS G 409 35.86 -6.11 -21.68
C HIS G 409 36.26 -4.72 -22.21
N PRO G 410 37.04 -4.68 -23.31
CA PRO G 410 37.50 -3.42 -23.92
C PRO G 410 36.42 -2.42 -24.36
N TRP G 411 35.24 -2.90 -24.74
CA TRP G 411 34.20 -1.97 -25.18
C TRP G 411 33.21 -1.57 -24.08
N GLY G 412 33.36 -2.13 -22.88
CA GLY G 412 32.48 -1.82 -21.77
C GLY G 412 31.64 -2.99 -21.29
N ASN G 413 30.76 -2.69 -20.32
CA ASN G 413 29.87 -3.67 -19.68
C ASN G 413 28.87 -4.36 -20.61
N ALA G 414 28.12 -3.58 -21.38
CA ALA G 414 27.13 -4.16 -22.28
C ALA G 414 27.76 -5.16 -23.27
N PRO G 415 28.83 -4.74 -24.00
CA PRO G 415 29.45 -5.68 -24.94
C PRO G 415 30.09 -6.82 -24.17
N GLY G 416 30.57 -6.53 -22.96
CA GLY G 416 31.16 -7.56 -22.12
C GLY G 416 30.10 -8.62 -21.81
N ALA G 417 28.87 -8.17 -21.57
CA ALA G 417 27.76 -9.05 -21.26
C ALA G 417 27.37 -9.86 -22.48
N VAL G 418 27.29 -9.20 -23.64
CA VAL G 418 26.92 -9.84 -24.90
C VAL G 418 27.91 -10.96 -25.23
N ALA G 419 29.19 -10.67 -25.04
CA ALA G 419 30.22 -11.65 -25.30
C ALA G 419 29.97 -12.90 -24.46
N ASN G 420 29.70 -12.73 -23.17
CA ASN G 420 29.44 -13.88 -22.30
C ASN G 420 28.15 -14.63 -22.65
N ARG G 421 27.09 -13.90 -22.97
CA ARG G 421 25.80 -14.51 -23.32
C ARG G 421 25.88 -15.28 -24.66
N VAL G 422 26.57 -14.71 -25.64
CA VAL G 422 26.75 -15.36 -26.93
C VAL G 422 27.63 -16.62 -26.75
N ALA G 423 28.77 -16.48 -26.05
CA ALA G 423 29.66 -17.60 -25.79
C ALA G 423 28.88 -18.74 -25.13
N LEU G 424 28.09 -18.44 -24.09
CA LEU G 424 27.29 -19.47 -23.43
C LEU G 424 26.26 -20.14 -24.36
N GLU G 425 25.52 -19.34 -25.12
CA GLU G 425 24.50 -19.86 -26.03
C GLU G 425 25.10 -20.67 -27.16
N ALA G 426 26.31 -20.31 -27.59
CA ALA G 426 26.99 -21.06 -28.65
C ALA G 426 27.30 -22.47 -28.11
N CYS G 427 27.77 -22.53 -26.87
CA CYS G 427 28.09 -23.80 -26.24
C CYS G 427 26.87 -24.66 -26.01
N VAL G 428 25.80 -24.04 -25.56
CA VAL G 428 24.58 -24.77 -25.31
C VAL G 428 24.03 -25.36 -26.63
N GLN G 429 23.99 -24.54 -27.68
CA GLN G 429 23.52 -25.01 -28.97
C GLN G 429 24.35 -26.19 -29.48
N ALA G 430 25.67 -26.07 -29.35
CA ALA G 430 26.62 -27.10 -29.80
C ALA G 430 26.46 -28.41 -29.06
N ARG G 431 26.33 -28.32 -27.74
CA ARG G 431 26.12 -29.48 -26.89
C ARG G 431 24.81 -30.14 -27.29
N ASN G 432 23.79 -29.34 -27.50
CA ASN G 432 22.47 -29.86 -27.87
C ASN G 432 22.53 -30.54 -29.23
N GLU G 433 23.40 -30.08 -30.10
CA GLU G 433 23.54 -30.68 -31.43
C GLU G 433 24.39 -31.93 -31.34
N GLY G 434 24.91 -32.24 -30.16
CA GLY G 434 25.72 -33.43 -30.02
C GLY G 434 27.21 -33.21 -30.10
N ARG G 435 27.65 -31.96 -30.16
CA ARG G 435 29.07 -31.68 -30.20
C ARG G 435 29.72 -31.92 -28.84
N ASP G 436 30.98 -32.31 -28.84
CA ASP G 436 31.71 -32.59 -27.62
C ASP G 436 32.36 -31.33 -27.11
N LEU G 437 31.81 -30.75 -26.04
CA LEU G 437 32.35 -29.52 -25.45
C LEU G 437 33.78 -29.70 -24.95
N ALA G 438 34.06 -30.88 -24.43
CA ALA G 438 35.39 -31.17 -23.91
C ALA G 438 36.46 -31.17 -25.01
N ARG G 439 36.11 -31.67 -26.18
CA ARG G 439 37.06 -31.74 -27.27
C ARG G 439 36.98 -30.55 -28.23
N GLU G 440 35.77 -30.08 -28.50
CA GLU G 440 35.56 -29.00 -29.44
C GLU G 440 35.28 -27.59 -28.90
N GLY G 441 35.46 -27.40 -27.59
CA GLY G 441 35.21 -26.10 -26.98
C GLY G 441 35.78 -24.88 -27.67
N ASN G 442 37.10 -24.89 -27.87
CA ASN G 442 37.77 -23.76 -28.52
C ASN G 442 37.30 -23.50 -29.93
N THR G 443 36.92 -24.56 -30.63
CA THR G 443 36.43 -24.43 -32.00
C THR G 443 35.02 -23.83 -32.01
N ILE G 444 34.22 -24.23 -31.02
CA ILE G 444 32.86 -23.70 -30.88
C ILE G 444 32.94 -22.18 -30.60
N ILE G 445 33.84 -21.77 -29.69
CA ILE G 445 34.02 -20.36 -29.39
C ILE G 445 34.50 -19.59 -30.64
N ARG G 446 35.56 -20.08 -31.29
CA ARG G 446 36.09 -19.40 -32.48
C ARG G 446 35.07 -19.22 -33.59
N GLU G 447 34.23 -20.22 -33.83
CA GLU G 447 33.21 -20.08 -34.87
C GLU G 447 32.26 -18.93 -34.54
N ALA G 448 31.94 -18.76 -33.26
CA ALA G 448 31.02 -17.69 -32.84
C ALA G 448 31.64 -16.30 -33.02
N THR G 449 32.96 -16.20 -32.91
CA THR G 449 33.61 -14.91 -33.07
C THR G 449 33.42 -14.42 -34.51
N LYS G 450 33.26 -15.34 -35.45
CA LYS G 450 33.04 -14.97 -36.84
C LYS G 450 31.83 -14.10 -37.02
N TRP G 451 30.82 -14.26 -36.18
CA TRP G 451 29.64 -13.44 -36.36
C TRP G 451 29.35 -12.53 -35.17
N SER G 452 30.20 -12.59 -34.14
CA SER G 452 30.02 -11.75 -32.97
C SER G 452 31.25 -10.93 -32.69
N PRO G 453 31.24 -9.64 -33.08
CA PRO G 453 32.36 -8.71 -32.87
C PRO G 453 32.66 -8.56 -31.39
N GLU G 454 31.59 -8.59 -30.58
CA GLU G 454 31.72 -8.46 -29.13
C GLU G 454 32.50 -9.63 -28.57
N LEU G 455 32.15 -10.84 -29.02
CA LEU G 455 32.84 -12.04 -28.56
C LEU G 455 34.28 -12.06 -29.09
N ALA G 456 34.46 -11.69 -30.35
CA ALA G 456 35.78 -11.64 -30.98
C ALA G 456 36.70 -10.69 -30.20
N ALA G 457 36.15 -9.54 -29.79
CA ALA G 457 36.91 -8.55 -29.01
C ALA G 457 37.38 -9.14 -27.68
N ALA G 458 36.48 -9.87 -27.01
CA ALA G 458 36.80 -10.49 -25.73
C ALA G 458 37.87 -11.58 -25.88
N CYS G 459 37.70 -12.42 -26.89
CA CYS G 459 38.63 -13.52 -27.16
C CYS G 459 40.05 -13.00 -27.38
N GLU G 460 40.17 -11.80 -27.95
CA GLU G 460 41.47 -11.19 -28.18
C GLU G 460 42.17 -10.80 -26.88
N VAL G 461 41.39 -10.31 -25.91
CA VAL G 461 41.94 -9.87 -24.64
C VAL G 461 42.41 -11.00 -23.73
N TRP G 462 41.60 -12.06 -23.62
CA TRP G 462 41.92 -13.17 -22.74
C TRP G 462 42.42 -14.42 -23.39
N LYS G 463 43.34 -15.06 -22.67
CA LYS G 463 43.95 -16.36 -23.00
C LYS G 463 44.02 -16.67 -24.48
N MET H 1 35.32 -0.15 -31.59
CA MET H 1 34.40 -0.16 -30.41
C MET H 1 32.98 0.07 -30.89
N GLN H 2 32.15 -0.96 -30.73
CA GLN H 2 30.76 -0.87 -31.13
C GLN H 2 29.88 -0.67 -29.90
N VAL H 3 28.78 0.07 -30.06
CA VAL H 3 27.83 0.34 -28.98
C VAL H 3 26.63 -0.56 -29.16
N TRP H 4 26.34 -1.39 -28.15
CA TRP H 4 25.22 -2.33 -28.23
C TRP H 4 23.92 -1.56 -28.48
N PRO H 5 23.18 -1.91 -29.52
CA PRO H 5 21.93 -1.20 -29.82
C PRO H 5 20.89 -1.17 -28.68
N ILE H 6 20.05 -0.14 -28.77
CA ILE H 6 19.02 0.15 -27.79
C ILE H 6 17.58 -0.09 -28.31
N LEU H 7 17.34 0.20 -29.58
CA LEU H 7 16.01 0.06 -30.14
C LEU H 7 15.76 -1.27 -30.81
N ASN H 8 14.55 -1.80 -30.61
CA ASN H 8 14.12 -3.07 -31.18
C ASN H 8 15.13 -4.19 -30.96
N LEU H 9 15.63 -4.30 -29.72
CA LEU H 9 16.61 -5.33 -29.39
C LEU H 9 16.08 -6.24 -28.26
N LYS H 10 14.77 -6.48 -28.29
CA LYS H 10 14.12 -7.35 -27.32
C LYS H 10 14.57 -8.78 -27.59
N LYS H 11 14.77 -9.55 -26.53
CA LYS H 11 15.23 -10.91 -26.64
C LYS H 11 14.22 -11.90 -26.10
N TYR H 12 14.43 -13.20 -26.37
CA TYR H 12 13.47 -14.21 -25.96
C TYR H 12 14.11 -15.39 -25.25
N GLU H 13 14.99 -15.08 -24.31
CA GLU H 13 15.70 -16.09 -23.55
C GLU H 13 16.57 -17.04 -24.37
N THR H 14 16.73 -18.27 -23.89
CA THR H 14 17.62 -19.23 -24.51
C THR H 14 17.64 -19.33 -26.02
N LEU H 15 18.86 -19.16 -26.54
CA LEU H 15 19.19 -19.19 -27.97
C LEU H 15 18.83 -17.93 -28.73
N SER H 16 18.23 -16.96 -28.06
CA SER H 16 17.84 -15.73 -28.77
C SER H 16 18.99 -14.78 -29.10
N TYR H 17 20.20 -15.03 -28.58
CA TYR H 17 21.37 -14.18 -28.90
C TYR H 17 22.19 -14.73 -30.08
N LEU H 18 21.74 -15.85 -30.61
CA LEU H 18 22.39 -16.50 -31.74
C LEU H 18 21.65 -16.09 -33.02
N PRO H 19 22.28 -16.30 -34.19
CA PRO H 19 21.54 -15.94 -35.40
C PRO H 19 20.35 -16.89 -35.46
N PRO H 20 19.23 -16.46 -36.02
CA PRO H 20 18.05 -17.34 -36.09
C PRO H 20 18.37 -18.75 -36.63
N LEU H 21 17.75 -19.74 -36.00
CA LEU H 21 17.96 -21.13 -36.36
C LEU H 21 17.42 -21.49 -37.73
N THR H 22 18.19 -22.29 -38.46
CA THR H 22 17.77 -22.74 -39.76
C THR H 22 16.89 -23.95 -39.45
N THR H 23 16.16 -24.44 -40.45
CA THR H 23 15.29 -25.59 -40.27
C THR H 23 16.09 -26.79 -39.75
N ASP H 24 17.33 -26.92 -40.22
CA ASP H 24 18.19 -28.03 -39.81
C ASP H 24 18.59 -27.88 -38.34
N GLN H 25 18.97 -26.66 -37.96
CA GLN H 25 19.36 -26.35 -36.58
C GLN H 25 18.16 -26.56 -35.64
N LEU H 26 17.02 -26.09 -36.11
CA LEU H 26 15.75 -26.19 -35.42
C LEU H 26 15.43 -27.67 -35.18
N ALA H 27 15.59 -28.47 -36.23
CA ALA H 27 15.35 -29.91 -36.13
C ALA H 27 16.33 -30.58 -35.16
N ARG H 28 17.57 -30.08 -35.14
CA ARG H 28 18.58 -30.63 -34.23
C ARG H 28 18.26 -30.33 -32.76
N GLN H 29 17.68 -29.17 -32.49
CA GLN H 29 17.29 -28.81 -31.13
C GLN H 29 16.11 -29.70 -30.72
N VAL H 30 15.21 -29.97 -31.66
CA VAL H 30 14.08 -30.83 -31.36
C VAL H 30 14.56 -32.26 -31.09
N ASP H 31 15.57 -32.71 -31.83
CA ASP H 31 16.06 -34.05 -31.58
C ASP H 31 16.69 -34.18 -30.19
N TYR H 32 17.27 -33.08 -29.71
CA TYR H 32 17.87 -33.05 -28.36
C TYR H 32 16.78 -33.39 -27.35
N LEU H 33 15.61 -32.77 -27.50
CA LEU H 33 14.47 -33.03 -26.61
C LEU H 33 14.07 -34.50 -26.65
N LEU H 34 13.82 -35.00 -27.85
CA LEU H 34 13.39 -36.38 -28.05
C LEU H 34 14.39 -37.38 -27.50
N ASN H 35 15.67 -37.15 -27.79
CA ASN H 35 16.69 -38.05 -27.30
C ASN H 35 16.76 -38.08 -25.78
N ASN H 36 16.29 -37.02 -25.14
CA ASN H 36 16.30 -36.95 -23.66
C ASN H 36 14.95 -37.38 -23.07
N LYS H 37 14.03 -37.79 -23.94
CA LYS H 37 12.71 -38.22 -23.49
C LYS H 37 11.87 -37.08 -22.94
N TRP H 38 12.09 -35.87 -23.47
CA TRP H 38 11.32 -34.71 -23.04
C TRP H 38 10.20 -34.52 -24.02
N VAL H 39 9.05 -34.07 -23.53
CA VAL H 39 7.88 -33.86 -24.37
C VAL H 39 7.82 -32.48 -24.99
N PRO H 40 7.85 -32.41 -26.33
CA PRO H 40 7.79 -31.10 -26.99
C PRO H 40 6.39 -30.51 -27.01
N CYS H 41 6.31 -29.19 -27.02
CA CYS H 41 5.02 -28.50 -27.10
C CYS H 41 5.27 -27.11 -27.66
N LEU H 42 4.28 -26.56 -28.35
CA LEU H 42 4.42 -25.21 -28.90
C LEU H 42 3.53 -24.23 -28.16
N GLU H 43 3.97 -22.99 -28.09
CA GLU H 43 3.24 -21.89 -27.45
C GLU H 43 3.34 -20.69 -28.37
N PHE H 44 2.29 -19.88 -28.38
CA PHE H 44 2.31 -18.68 -29.22
C PHE H 44 1.74 -17.51 -28.45
N GLU H 45 2.13 -16.32 -28.88
CA GLU H 45 1.66 -15.08 -28.26
C GLU H 45 1.55 -14.05 -29.36
N THR H 46 0.42 -13.38 -29.43
CA THR H 46 0.19 -12.36 -30.45
C THR H 46 0.32 -10.96 -29.87
N ASP H 47 0.00 -10.79 -28.59
CA ASP H 47 0.08 -9.48 -27.96
C ASP H 47 1.45 -9.01 -27.49
N HIS H 48 1.84 -9.35 -26.27
CA HIS H 48 3.17 -8.91 -25.80
C HIS H 48 4.06 -10.12 -25.69
N GLY H 49 5.08 -10.17 -26.55
CA GLY H 49 6.00 -11.29 -26.49
C GLY H 49 7.05 -11.15 -25.42
N PHE H 50 6.94 -10.13 -24.58
CA PHE H 50 7.92 -9.90 -23.51
C PHE H 50 7.25 -9.66 -22.14
N VAL H 51 8.05 -9.84 -21.09
CA VAL H 51 7.58 -9.68 -19.73
C VAL H 51 7.21 -8.24 -19.37
N TYR H 52 6.13 -8.11 -18.59
CA TYR H 52 5.66 -6.82 -18.13
C TYR H 52 4.96 -7.01 -16.79
N ARG H 53 4.50 -5.92 -16.20
CA ARG H 53 3.84 -5.96 -14.90
C ARG H 53 2.60 -5.10 -14.86
N GLU H 54 1.45 -5.72 -15.06
CA GLU H 54 0.21 -5.00 -15.04
C GLU H 54 -0.67 -5.28 -13.85
N HIS H 55 -0.82 -6.56 -13.54
CA HIS H 55 -1.73 -6.95 -12.48
C HIS H 55 -1.23 -6.99 -11.05
N HIS H 56 0.08 -6.96 -10.84
CA HIS H 56 0.64 -6.99 -9.48
C HIS H 56 2.12 -6.67 -9.59
N ASN H 57 2.73 -6.29 -8.46
CA ASN H 57 4.14 -5.89 -8.41
C ASN H 57 5.00 -6.55 -7.33
N SER H 58 4.47 -7.54 -6.61
CA SER H 58 5.25 -8.14 -5.54
C SER H 58 6.40 -9.01 -6.09
N PRO H 59 7.42 -9.31 -5.26
CA PRO H 59 8.54 -10.13 -5.76
C PRO H 59 8.13 -11.43 -6.45
N GLY H 60 8.75 -11.69 -7.60
CA GLY H 60 8.46 -12.91 -8.32
C GLY H 60 7.20 -12.91 -9.17
N TYR H 61 6.45 -11.81 -9.13
CA TYR H 61 5.24 -11.73 -9.92
C TYR H 61 5.52 -10.91 -11.17
N TYR H 62 5.21 -11.46 -12.35
CA TYR H 62 5.37 -10.76 -13.62
C TYR H 62 4.25 -11.27 -14.50
N ASP H 63 3.78 -10.42 -15.41
CA ASP H 63 2.77 -10.82 -16.38
C ASP H 63 3.57 -11.07 -17.66
N GLY H 64 2.95 -11.77 -18.59
CA GLY H 64 3.57 -12.08 -19.87
C GLY H 64 4.47 -13.31 -19.91
N ARG H 65 4.54 -14.06 -18.81
CA ARG H 65 5.37 -15.26 -18.77
C ARG H 65 4.65 -16.42 -19.44
N TYR H 66 3.35 -16.52 -19.20
CA TYR H 66 2.52 -17.56 -19.83
C TYR H 66 2.11 -17.10 -21.23
N TRP H 67 2.24 -17.99 -22.19
CA TRP H 67 1.78 -17.74 -23.55
C TRP H 67 0.66 -18.78 -23.69
N THR H 68 0.08 -18.92 -24.87
CA THR H 68 -0.97 -19.89 -25.04
C THR H 68 -0.51 -21.13 -25.81
N MET H 69 -0.91 -22.27 -25.28
CA MET H 69 -0.53 -23.57 -25.81
C MET H 69 -1.14 -23.82 -27.21
N TRP H 70 -0.31 -24.30 -28.12
CA TRP H 70 -0.78 -24.65 -29.47
C TRP H 70 -1.11 -26.15 -29.33
N LYS H 71 -2.39 -26.49 -29.36
CA LYS H 71 -2.77 -27.87 -29.19
C LYS H 71 -2.35 -28.46 -27.83
N LEU H 72 -1.70 -29.61 -27.80
CA LEU H 72 -1.28 -30.25 -26.55
C LEU H 72 0.19 -30.68 -26.63
N PRO H 73 0.83 -30.99 -25.48
CA PRO H 73 2.24 -31.43 -25.56
C PRO H 73 2.21 -32.64 -26.49
N MET H 74 3.31 -32.91 -27.19
CA MET H 74 3.33 -34.03 -28.13
C MET H 74 3.84 -35.33 -27.55
N PHE H 75 3.04 -35.91 -26.68
CA PHE H 75 3.38 -37.18 -26.05
C PHE H 75 3.64 -38.23 -27.11
N GLY H 76 4.61 -39.11 -26.85
CA GLY H 76 4.94 -40.15 -27.80
C GLY H 76 5.57 -39.74 -29.12
N CYS H 77 5.69 -38.45 -29.37
CA CYS H 77 6.29 -37.94 -30.60
C CYS H 77 7.67 -38.54 -30.73
N THR H 78 8.01 -39.07 -31.90
CA THR H 78 9.33 -39.66 -32.08
C THR H 78 10.03 -39.08 -33.28
N ASP H 79 9.39 -38.15 -33.95
CA ASP H 79 9.99 -37.60 -35.13
C ASP H 79 9.95 -36.10 -35.15
N PRO H 80 11.13 -35.45 -35.23
CA PRO H 80 11.29 -34.00 -35.26
C PRO H 80 10.44 -33.40 -36.35
N ALA H 81 10.15 -34.19 -37.38
CA ALA H 81 9.33 -33.69 -38.49
C ALA H 81 7.91 -33.38 -38.00
N GLN H 82 7.37 -34.20 -37.10
CA GLN H 82 6.02 -33.97 -36.56
C GLN H 82 5.98 -32.57 -35.94
N VAL H 83 6.93 -32.30 -35.06
CA VAL H 83 7.02 -31.02 -34.37
C VAL H 83 7.09 -29.86 -35.36
N LEU H 84 8.01 -29.95 -36.32
CA LEU H 84 8.18 -28.90 -37.32
C LEU H 84 6.97 -28.69 -38.22
N ASN H 85 6.18 -29.73 -38.42
CA ASN H 85 4.96 -29.63 -39.23
C ASN H 85 4.00 -28.75 -38.46
N GLU H 86 3.91 -28.99 -37.15
CA GLU H 86 3.05 -28.20 -36.28
C GLU H 86 3.47 -26.73 -36.27
N LEU H 87 4.78 -26.49 -36.26
CA LEU H 87 5.28 -25.13 -36.27
C LEU H 87 4.75 -24.46 -37.53
N GLU H 88 4.65 -25.23 -38.62
CA GLU H 88 4.13 -24.71 -39.88
C GLU H 88 2.63 -24.41 -39.80
N GLU H 89 1.86 -25.32 -39.22
CA GLU H 89 0.41 -25.09 -39.04
C GLU H 89 0.23 -23.83 -38.20
N CYS H 90 0.97 -23.73 -37.10
CA CYS H 90 0.86 -22.58 -36.21
C CYS H 90 1.17 -21.27 -36.91
N LYS H 91 2.27 -21.26 -37.67
CA LYS H 91 2.66 -20.06 -38.42
C LYS H 91 1.59 -19.69 -39.44
N LYS H 92 1.01 -20.72 -40.06
CA LYS H 92 -0.04 -20.55 -41.05
C LYS H 92 -1.20 -19.81 -40.40
N GLU H 93 -1.58 -20.26 -39.20
CA GLU H 93 -2.67 -19.65 -38.48
C GLU H 93 -2.35 -18.35 -37.75
N TYR H 94 -1.14 -18.25 -37.21
CA TYR H 94 -0.77 -17.03 -36.49
C TYR H 94 0.53 -16.44 -36.99
N PRO H 95 0.54 -15.94 -38.24
CA PRO H 95 1.74 -15.34 -38.85
C PRO H 95 2.19 -14.08 -38.12
N ASN H 96 1.33 -13.59 -37.26
CA ASN H 96 1.57 -12.38 -36.51
C ASN H 96 2.00 -12.68 -35.08
N ALA H 97 2.13 -13.97 -34.73
CA ALA H 97 2.47 -14.33 -33.38
C ALA H 97 3.90 -14.80 -33.21
N PHE H 98 4.41 -14.70 -31.99
CA PHE H 98 5.74 -15.21 -31.67
C PHE H 98 5.44 -16.65 -31.32
N ILE H 99 6.28 -17.58 -31.76
CA ILE H 99 6.05 -18.99 -31.46
C ILE H 99 7.32 -19.51 -30.85
N ARG H 100 7.20 -20.32 -29.80
CA ARG H 100 8.37 -20.90 -29.20
C ARG H 100 8.14 -22.37 -28.92
N ILE H 101 9.22 -23.13 -28.90
CA ILE H 101 9.10 -24.55 -28.62
C ILE H 101 9.56 -24.72 -27.18
N ILE H 102 8.79 -25.48 -26.42
CA ILE H 102 9.12 -25.75 -25.04
C ILE H 102 9.10 -27.26 -24.88
N GLY H 103 9.70 -27.74 -23.81
CA GLY H 103 9.72 -29.16 -23.57
C GLY H 103 9.45 -29.42 -22.10
N PHE H 104 8.86 -30.56 -21.80
CA PHE H 104 8.55 -30.95 -20.42
C PHE H 104 9.28 -32.23 -20.11
N ASP H 105 9.83 -32.26 -18.92
CA ASP H 105 10.52 -33.42 -18.43
C ASP H 105 9.57 -33.96 -17.35
N SER H 106 8.87 -35.04 -17.68
CA SER H 106 7.91 -35.65 -16.76
C SER H 106 8.58 -36.31 -15.55
N ASN H 107 9.87 -36.58 -15.63
CA ASN H 107 10.55 -37.20 -14.50
C ASN H 107 10.93 -36.14 -13.46
N ARG H 108 11.45 -35.00 -13.93
CA ARG H 108 11.77 -33.88 -13.04
C ARG H 108 10.46 -33.14 -12.79
N GLU H 109 9.43 -33.57 -13.52
CA GLU H 109 8.08 -33.01 -13.42
C GLU H 109 8.03 -31.51 -13.60
N VAL H 110 8.81 -31.02 -14.57
CA VAL H 110 8.84 -29.58 -14.82
C VAL H 110 9.07 -29.21 -16.26
N GLN H 111 8.64 -28.00 -16.64
CA GLN H 111 8.95 -27.51 -17.97
C GLN H 111 10.48 -27.38 -17.92
N CYS H 112 11.18 -27.78 -18.97
CA CYS H 112 12.63 -27.72 -18.89
C CYS H 112 13.32 -27.00 -20.03
N ILE H 113 12.60 -26.69 -21.09
CA ILE H 113 13.24 -25.96 -22.17
C ILE H 113 12.27 -24.94 -22.75
N SER H 114 12.83 -23.98 -23.46
CA SER H 114 12.06 -22.92 -24.06
C SER H 114 12.96 -22.11 -25.01
N PHE H 115 12.67 -22.15 -26.31
CA PHE H 115 13.44 -21.38 -27.28
C PHE H 115 12.55 -20.85 -28.40
N ILE H 116 12.77 -19.59 -28.78
CA ILE H 116 11.97 -18.94 -29.82
C ILE H 116 12.18 -19.65 -31.17
N ALA H 117 11.09 -20.08 -31.80
CA ALA H 117 11.18 -20.76 -33.08
C ALA H 117 10.69 -19.86 -34.21
N TYR H 118 9.92 -18.82 -33.90
CA TYR H 118 9.41 -17.96 -34.93
C TYR H 118 9.07 -16.59 -34.38
N LYS H 119 9.52 -15.55 -35.06
CA LYS H 119 9.25 -14.17 -34.68
C LYS H 119 8.56 -13.51 -35.87
N PRO H 120 7.50 -12.77 -35.61
CA PRO H 120 6.83 -12.12 -36.72
C PRO H 120 7.75 -11.07 -37.33
N ALA H 121 7.43 -10.67 -38.56
CA ALA H 121 8.20 -9.68 -39.33
C ALA H 121 8.54 -8.43 -38.54
N GLY H 122 9.82 -8.07 -38.62
CA GLY H 122 10.29 -6.90 -37.92
C GLY H 122 10.53 -7.11 -36.44
N TYR H 123 11.13 -8.25 -36.11
CA TYR H 123 11.45 -8.60 -34.74
C TYR H 123 12.67 -9.52 -34.75
C1 RUB I . -14.31 -34.11 -8.76
C2 RUB I . -13.62 -33.71 -7.46
C3 RUB I . -14.58 -33.25 -6.29
C4 RUB I . -15.45 -34.36 -5.70
C5 RUB I . -16.31 -33.89 -4.51
O1 RUB I . -13.52 -34.32 -9.96
O2 RUB I . -12.38 -33.71 -7.34
O3 RUB I . -13.83 -32.73 -5.25
O4 RUB I . -16.31 -34.86 -6.68
O5 RUB I . -16.86 -34.87 -3.62
P1 RUB I . -14.21 -34.79 -11.33
P2 RUB I . -18.29 -34.64 -2.83
O1P RUB I . -13.16 -35.09 -12.30
O2P RUB I . -14.95 -33.46 -11.80
O3P RUB I . -15.22 -35.80 -11.02
O4P RUB I . -18.73 -35.98 -2.29
O5P RUB I . -19.27 -34.19 -4.00
O6P RUB I . -18.14 -33.47 -1.92
CA CA J . -11.31 -33.18 -5.34
C1 RUB K . -35.30 13.97 2.07
C2 RUB K . -34.57 13.15 3.15
C3 RUB K . -33.82 14.00 4.26
C4 RUB K . -34.75 14.74 5.21
C5 RUB K . -33.98 15.47 6.34
O1 RUB K . -35.81 13.31 0.88
O2 RUB K . -34.53 11.91 3.09
O3 RUB K . -33.04 13.14 5.02
O4 RUB K . -35.49 15.68 4.51
O5 RUB K . -34.71 15.89 7.51
P1 RUB K . -36.62 14.15 -0.23
P2 RUB K . -34.29 17.22 8.38
O1P RUB K . -37.16 13.22 -1.22
O2P RUB K . -35.45 14.99 -0.93
O3P RUB K . -37.52 15.09 0.45
O4P RUB K . -35.44 17.55 9.29
O5P RUB K . -34.17 18.34 7.26
O6P RUB K . -32.92 17.00 8.94
CA CA L . -33.49 10.65 4.75
C1 RUB M . 13.87 35.31 2.50
C2 RUB M . 13.36 34.44 3.65
C3 RUB M . 14.46 33.61 4.43
C4 RUB M . 15.44 34.45 5.26
C5 RUB M . 16.43 33.59 6.06
O1 RUB M . 12.92 35.93 1.58
O2 RUB M . 12.15 34.37 3.93
O3 RUB M . 13.84 32.73 5.29
O4 RUB M . 16.16 35.30 4.42
O5 RUB M . 17.13 34.20 7.16
P1 RUB M . 13.43 36.88 0.41
P2 RUB M . 18.64 33.73 7.61
O1P RUB M . 12.27 37.49 -0.24
O2P RUB M . 14.08 35.82 -0.62
O3P RUB M . 14.51 37.73 0.92
O4P RUB M . 19.19 34.79 8.53
O5P RUB M . 19.44 33.77 6.24
O6P RUB M . 18.59 32.31 8.04
CA CA N . 11.36 33.12 5.72
C1 RUB O . 34.84 -12.81 -8.13
C2 RUB O . 34.29 -12.46 -6.75
C3 RUB O . 33.69 -13.67 -5.92
C4 RUB O . 34.72 -14.69 -5.45
C5 RUB O . 34.10 -15.80 -4.58
O1 RUB O . 35.20 -11.75 -9.05
O2 RUB O . 34.28 -11.29 -6.33
O3 RUB O . 33.04 -13.18 -4.80
O4 RUB O . 35.32 -15.29 -6.55
O5 RUB O . 34.97 -16.61 -3.76
P1 RUB O . 35.83 -12.08 -10.49
P2 RUB O . 34.63 -18.16 -3.39
O1P RUB O . 36.25 -10.83 -11.12
O2P RUB O . 34.55 -12.64 -11.29
O3P RUB O . 36.78 -13.17 -10.34
O4P RUB O . 35.90 -18.78 -2.83
O5P RUB O . 34.34 -18.81 -4.82
O6P RUB O . 33.37 -18.21 -2.60
CA CA P . 33.52 -10.74 -4.20
#